data_9IF0
# 
_entry.id   9IF0 
# 
_audit_conform.dict_name       mmcif_pdbx.dic 
_audit_conform.dict_version    5.406 
_audit_conform.dict_location   http://mmcif.pdb.org/dictionaries/ascii/mmcif_pdbx.dic 
# 
loop_
_database_2.database_id 
_database_2.database_code 
_database_2.pdbx_database_accession 
_database_2.pdbx_DOI 
PDB   9IF0         pdb_00009if0 10.2210/pdb9if0/pdb 
WWPDB D_1292145223 ?            ?                   
# 
loop_
_pdbx_audit_revision_history.ordinal 
_pdbx_audit_revision_history.data_content_type 
_pdbx_audit_revision_history.major_revision 
_pdbx_audit_revision_history.minor_revision 
_pdbx_audit_revision_history.revision_date 
_pdbx_audit_revision_history.part_number 
1 'Structure model' 1 0 2025-09-24 ? 
2 'Structure model' 1 1 2025-10-01 ? 
# 
_pdbx_audit_revision_details.ordinal             1 
_pdbx_audit_revision_details.revision_ordinal    1 
_pdbx_audit_revision_details.data_content_type   'Structure model' 
_pdbx_audit_revision_details.provider            repository 
_pdbx_audit_revision_details.type                'Initial release' 
_pdbx_audit_revision_details.description         ? 
_pdbx_audit_revision_details.details             ? 
# 
_pdbx_audit_revision_group.ordinal             1 
_pdbx_audit_revision_group.revision_ordinal    2 
_pdbx_audit_revision_group.data_content_type   'Structure model' 
_pdbx_audit_revision_group.group               'Database references' 
# 
loop_
_pdbx_audit_revision_category.ordinal 
_pdbx_audit_revision_category.revision_ordinal 
_pdbx_audit_revision_category.data_content_type 
_pdbx_audit_revision_category.category 
1 2 'Structure model' citation        
2 2 'Structure model' citation_author 
# 
loop_
_pdbx_audit_revision_item.ordinal 
_pdbx_audit_revision_item.revision_ordinal 
_pdbx_audit_revision_item.data_content_type 
_pdbx_audit_revision_item.item 
1  2 'Structure model' '_citation.country'                 
2  2 'Structure model' '_citation.journal_abbrev'          
3  2 'Structure model' '_citation.journal_id_ASTM'         
4  2 'Structure model' '_citation.journal_id_CSD'          
5  2 'Structure model' '_citation.journal_id_ISSN'         
6  2 'Structure model' '_citation.journal_volume'          
7  2 'Structure model' '_citation.pdbx_database_id_DOI'    
8  2 'Structure model' '_citation.pdbx_database_id_PubMed' 
9  2 'Structure model' '_citation.title'                   
10 2 'Structure model' '_citation.year'                    
# 
_pdbx_database_status.status_code                     REL 
_pdbx_database_status.status_code_sf                  REL 
_pdbx_database_status.status_code_mr                  ? 
_pdbx_database_status.entry_id                        9IF0 
_pdbx_database_status.recvd_initial_deposition_date   2025-02-15 
_pdbx_database_status.SG_entry                        N 
_pdbx_database_status.deposit_site                    PDBE 
_pdbx_database_status.process_site                    PDBE 
_pdbx_database_status.status_code_cs                  ? 
_pdbx_database_status.status_code_nmr_data            ? 
_pdbx_database_status.methods_development_category    ? 
_pdbx_database_status.pdb_format_compatible           N 
# 
_pdbx_database_related.db_name        PDB 
_pdbx_database_related.details        '9I9W contains the same UGGAA motif interacting with NCD molecule' 
_pdbx_database_related.db_id          9I9W 
_pdbx_database_related.content_type   unspecified 
# 
_pdbx_contact_author.id                 2 
_pdbx_contact_author.email              mpluta@ibch.poznan.pl 
_pdbx_contact_author.name_first         Martyna 
_pdbx_contact_author.name_last          Mateja-Pluta 
_pdbx_contact_author.name_mi            ? 
_pdbx_contact_author.role               'principal investigator/group leader' 
_pdbx_contact_author.identifier_ORCID   0000-0002-6570-6229 
# 
loop_
_audit_author.name 
_audit_author.pdbx_ordinal 
_audit_author.identifier_ORCID 
'Mateja-Pluta, M.' 1 0000-0002-6570-6229 
'Kiliszek, A.'     2 0000-0002-2871-7535 
# 
_citation.abstract                  ? 
_citation.abstract_id_CAS           ? 
_citation.book_id_ISBN              ? 
_citation.book_publisher            ? 
_citation.book_publisher_city       ? 
_citation.book_title                ? 
_citation.coordinate_linkage        ? 
_citation.country                   UK 
_citation.database_id_Medline       ? 
_citation.details                   ? 
_citation.id                        primary 
_citation.journal_abbrev            'Nucleic Acids Res.' 
_citation.journal_id_ASTM           NARHAD 
_citation.journal_id_CSD            0389 
_citation.journal_id_ISSN           1362-4962 
_citation.journal_full              ? 
_citation.journal_issue             ? 
_citation.journal_volume            53 
_citation.language                  ? 
_citation.page_first                ? 
_citation.page_last                 ? 
_citation.title                     
;Naphthyridine carbamate dimer ligand induces formation of Z-RNA-like fold of disease-related RNA and exhibits a molecular glue characteristics in crystal lattice formation.
;
_citation.year                      2025 
_citation.database_id_CSD           ? 
_citation.pdbx_database_id_DOI      10.1093/nar/gkaf924 
_citation.pdbx_database_id_PubMed   40966516 
_citation.pdbx_database_id_patent   ? 
_citation.unpublished_flag          ? 
# 
loop_
_citation_author.citation_id 
_citation_author.name 
_citation_author.ordinal 
_citation_author.identifier_ORCID 
primary 'Mateja-Pluta, M.' 1 ?                   
primary 'Blaszczyk, L.'    2 ?                   
primary 'Bejger, M.'       3 ?                   
primary 'Nakatani, K.'     4 0000-0002-1705-5265 
primary 'Kiliszek, A.'     5 0000-0002-2871-7535 
# 
loop_
_entity.id 
_entity.type 
_entity.src_method 
_entity.pdbx_description 
_entity.formula_weight 
_entity.pdbx_number_of_molecules 
_entity.pdbx_ec 
_entity.pdbx_mutation 
_entity.pdbx_fragment 
_entity.details 
1 polymer     syn 
;RNA (5'-R(*GP*GP*CP*AP*CP*UP*GP*GP*AP*AP*GP*UP*GP*CP*C)-3')
;
4846.953 2 ? ? ? ? 
2 non-polymer syn 
'3-[3-[(7-methyl-1,8-naphthyridin-2-yl)carbamoyloxy]propylamino]propyl ~{N}-(7-methyl-1,8-naphthyridin-2-yl)carbamate' 503.553  2 
? ? ? ? 
3 water       nat water 18.015   6 ? ? ? ? 
# 
_entity_poly.entity_id                      1 
_entity_poly.type                           polyribonucleotide 
_entity_poly.nstd_linkage                   no 
_entity_poly.nstd_monomer                   no 
_entity_poly.pdbx_seq_one_letter_code       GGCACUGGAAGUGCC 
_entity_poly.pdbx_seq_one_letter_code_can   GGCACUGGAAGUGCC 
_entity_poly.pdbx_strand_id                 AAA,BBB 
_entity_poly.pdbx_target_identifier         ? 
# 
loop_
_pdbx_entity_nonpoly.entity_id 
_pdbx_entity_nonpoly.name 
_pdbx_entity_nonpoly.comp_id 
2 '3-[3-[(7-methyl-1,8-naphthyridin-2-yl)carbamoyloxy]propylamino]propyl ~{N}-(7-methyl-1,8-naphthyridin-2-yl)carbamate' B2R 
3 water                                                                                                                  HOH 
# 
loop_
_entity_poly_seq.entity_id 
_entity_poly_seq.num 
_entity_poly_seq.mon_id 
_entity_poly_seq.hetero 
1 1  G n 
1 2  G n 
1 3  C n 
1 4  A n 
1 5  C n 
1 6  U n 
1 7  G n 
1 8  G n 
1 9  A n 
1 10 A n 
1 11 G n 
1 12 U n 
1 13 G n 
1 14 C n 
1 15 C n 
# 
_pdbx_entity_src_syn.entity_id              1 
_pdbx_entity_src_syn.pdbx_src_id            1 
_pdbx_entity_src_syn.pdbx_alt_source_flag   sample 
_pdbx_entity_src_syn.pdbx_beg_seq_num       1 
_pdbx_entity_src_syn.pdbx_end_seq_num       15 
_pdbx_entity_src_syn.organism_scientific    'Homo sapiens' 
_pdbx_entity_src_syn.organism_common_name   ? 
_pdbx_entity_src_syn.ncbi_taxonomy_id       9606 
_pdbx_entity_src_syn.details                ? 
# 
loop_
_chem_comp.id 
_chem_comp.type 
_chem_comp.mon_nstd_flag 
_chem_comp.name 
_chem_comp.pdbx_synonyms 
_chem_comp.formula 
_chem_comp.formula_weight 
A   'RNA linking' y "ADENOSINE-5'-MONOPHOSPHATE" ?                               'C10 H14 N5 O7 P' 347.221 
B2R non-polymer   . 
'3-[3-[(7-methyl-1,8-naphthyridin-2-yl)carbamoyloxy]propylamino]propyl ~{N}-(7-methyl-1,8-naphthyridin-2-yl)carbamate' 
'Naphthyridine Carbamate Dimer' 'C26 H29 N7 O4'   503.553 
C   'RNA linking' y "CYTIDINE-5'-MONOPHOSPHATE" ?                               'C9 H14 N3 O8 P'  323.197 
G   'RNA linking' y "GUANOSINE-5'-MONOPHOSPHATE" ?                               'C10 H14 N5 O8 P' 363.221 
HOH non-polymer   . WATER ?                               'H2 O'            18.015  
U   'RNA linking' y "URIDINE-5'-MONOPHOSPHATE" ?                               'C9 H13 N2 O9 P'  324.181 
# 
loop_
_pdbx_poly_seq_scheme.asym_id 
_pdbx_poly_seq_scheme.entity_id 
_pdbx_poly_seq_scheme.seq_id 
_pdbx_poly_seq_scheme.mon_id 
_pdbx_poly_seq_scheme.ndb_seq_num 
_pdbx_poly_seq_scheme.pdb_seq_num 
_pdbx_poly_seq_scheme.auth_seq_num 
_pdbx_poly_seq_scheme.pdb_mon_id 
_pdbx_poly_seq_scheme.auth_mon_id 
_pdbx_poly_seq_scheme.pdb_strand_id 
_pdbx_poly_seq_scheme.pdb_ins_code 
_pdbx_poly_seq_scheme.hetero 
A 1 1  G 1  1  1  G G AAA . n 
A 1 2  G 2  2  2  G G AAA . n 
A 1 3  C 3  3  3  C C AAA . n 
A 1 4  A 4  4  4  A A AAA . n 
A 1 5  C 5  5  5  C C AAA . n 
A 1 6  U 6  6  6  U U AAA . n 
A 1 7  G 7  7  7  G G AAA . n 
A 1 8  G 8  8  8  G G AAA . n 
A 1 9  A 9  9  9  A A AAA . n 
A 1 10 A 10 10 10 A A AAA . n 
A 1 11 G 11 11 11 G G AAA . n 
A 1 12 U 12 12 12 U U AAA . n 
A 1 13 G 13 13 13 G G AAA . n 
A 1 14 C 14 14 14 C C AAA . n 
A 1 15 C 15 15 15 C C AAA . n 
B 1 1  G 1  1  1  G G BBB . n 
B 1 2  G 2  2  2  G G BBB . n 
B 1 3  C 3  3  3  C C BBB . n 
B 1 4  A 4  4  4  A A BBB . n 
B 1 5  C 5  5  5  C C BBB . n 
B 1 6  U 6  6  6  U U BBB . n 
B 1 7  G 7  7  7  G G BBB . n 
B 1 8  G 8  8  8  G G BBB . n 
B 1 9  A 9  9  9  A A BBB . n 
B 1 10 A 10 10 10 A A BBB . n 
B 1 11 G 11 11 11 G G BBB . n 
B 1 12 U 12 12 12 U U BBB . n 
B 1 13 G 13 13 13 G G BBB . n 
B 1 14 C 14 14 14 C C BBB . n 
B 1 15 C 15 15 15 C C BBB . n 
# 
_pdbx_entity_instance_feature.ordinal        1 
_pdbx_entity_instance_feature.comp_id        B2R 
_pdbx_entity_instance_feature.asym_id        ? 
_pdbx_entity_instance_feature.seq_num        ? 
_pdbx_entity_instance_feature.auth_comp_id   B2R 
_pdbx_entity_instance_feature.auth_asym_id   ? 
_pdbx_entity_instance_feature.auth_seq_num   ? 
_pdbx_entity_instance_feature.feature_type   'SUBJECT OF INVESTIGATION' 
_pdbx_entity_instance_feature.details        ? 
# 
loop_
_pdbx_nonpoly_scheme.asym_id 
_pdbx_nonpoly_scheme.entity_id 
_pdbx_nonpoly_scheme.mon_id 
_pdbx_nonpoly_scheme.ndb_seq_num 
_pdbx_nonpoly_scheme.pdb_seq_num 
_pdbx_nonpoly_scheme.auth_seq_num 
_pdbx_nonpoly_scheme.pdb_mon_id 
_pdbx_nonpoly_scheme.auth_mon_id 
_pdbx_nonpoly_scheme.pdb_strand_id 
_pdbx_nonpoly_scheme.pdb_ins_code 
C 2 B2R 1 101 1 B2R NCD AAA . 
D 2 B2R 1 101 2 B2R NCD BBB . 
E 3 HOH 1 201 2 HOH HOH AAA . 
E 3 HOH 2 202 3 HOH HOH AAA . 
F 3 HOH 1 201 5 HOH HOH BBB . 
F 3 HOH 2 202 6 HOH HOH BBB . 
F 3 HOH 3 203 1 HOH HOH BBB . 
F 3 HOH 4 204 4 HOH HOH BBB . 
# 
loop_
_software.citation_id 
_software.classification 
_software.compiler_name 
_software.compiler_version 
_software.contact_author 
_software.contact_author_email 
_software.date 
_software.description 
_software.dependencies 
_software.hardware 
_software.language 
_software.location 
_software.mods 
_software.name 
_software.os 
_software.os_version 
_software.type 
_software.version 
_software.pdbx_ordinal 
? refinement       ? ? ? ? ? ? ? ? ? ? ? REFMAC  ? ? ? 5.8.0258 1 
? 'data reduction' ? ? ? ? ? ? ? ? ? ? ? XDS     ? ? ? .        2 
? 'data scaling'   ? ? ? ? ? ? ? ? ? ? ? Aimless ? ? ? .        3 
? phasing          ? ? ? ? ? ? ? ? ? ? ? PHASER  ? ? ? .        4 
# 
_cell.angle_alpha                  90.000 
_cell.angle_alpha_esd              ? 
_cell.angle_beta                   102.485 
_cell.angle_beta_esd               ? 
_cell.angle_gamma                  90.000 
_cell.angle_gamma_esd              ? 
_cell.entry_id                     9IF0 
_cell.details                      ? 
_cell.formula_units_Z              ? 
_cell.length_a                     94.457 
_cell.length_a_esd                 ? 
_cell.length_b                     25.310 
_cell.length_b_esd                 ? 
_cell.length_c                     45.409 
_cell.length_c_esd                 ? 
_cell.volume                       ? 
_cell.volume_esd                   ? 
_cell.Z_PDB                        8 
_cell.reciprocal_angle_alpha       ? 
_cell.reciprocal_angle_beta        ? 
_cell.reciprocal_angle_gamma       ? 
_cell.reciprocal_angle_alpha_esd   ? 
_cell.reciprocal_angle_beta_esd    ? 
_cell.reciprocal_angle_gamma_esd   ? 
_cell.reciprocal_length_a          ? 
_cell.reciprocal_length_b          ? 
_cell.reciprocal_length_c          ? 
_cell.reciprocal_length_a_esd      ? 
_cell.reciprocal_length_b_esd      ? 
_cell.reciprocal_length_c_esd      ? 
_cell.pdbx_unique_axis             ? 
_cell.pdbx_esd_method              ? 
# 
_symmetry.entry_id                         9IF0 
_symmetry.cell_setting                     ? 
_symmetry.Int_Tables_number                5 
_symmetry.space_group_name_Hall            ? 
_symmetry.space_group_name_H-M             'C 1 2 1' 
_symmetry.pdbx_full_space_group_name_H-M   ? 
# 
_exptl.absorpt_coefficient_mu     ? 
_exptl.absorpt_correction_T_max   ? 
_exptl.absorpt_correction_T_min   ? 
_exptl.absorpt_correction_type    ? 
_exptl.absorpt_process_details    ? 
_exptl.entry_id                   9IF0 
_exptl.crystals_number            1 
_exptl.details                    ? 
_exptl.method                     'X-RAY DIFFRACTION' 
_exptl.method_details             ? 
# 
_exptl_crystal.colour                       ? 
_exptl_crystal.density_diffrn               ? 
_exptl_crystal.density_Matthews             2.73 
_exptl_crystal.density_method               ? 
_exptl_crystal.density_percent_sol          55.00 
_exptl_crystal.description                  ? 
_exptl_crystal.F_000                        ? 
_exptl_crystal.id                           1 
_exptl_crystal.preparation                  ? 
_exptl_crystal.size_max                     ? 
_exptl_crystal.size_mid                     ? 
_exptl_crystal.size_min                     ? 
_exptl_crystal.size_rad                     ? 
_exptl_crystal.colour_lustre                ? 
_exptl_crystal.colour_modifier              ? 
_exptl_crystal.colour_primary               ? 
_exptl_crystal.density_meas                 ? 
_exptl_crystal.density_meas_esd             ? 
_exptl_crystal.density_meas_gt              ? 
_exptl_crystal.density_meas_lt              ? 
_exptl_crystal.density_meas_temp            ? 
_exptl_crystal.density_meas_temp_esd        ? 
_exptl_crystal.density_meas_temp_gt         ? 
_exptl_crystal.density_meas_temp_lt         ? 
_exptl_crystal.pdbx_crystal_image_url       ? 
_exptl_crystal.pdbx_crystal_image_format    ? 
_exptl_crystal.pdbx_mosaicity               ? 
_exptl_crystal.pdbx_mosaicity_esd           ? 
_exptl_crystal.pdbx_mosaic_method           ? 
_exptl_crystal.pdbx_mosaic_block_size       ? 
_exptl_crystal.pdbx_mosaic_block_size_esd   ? 
# 
_exptl_crystal_grow.apparatus       ? 
_exptl_crystal_grow.atmosphere      ? 
_exptl_crystal_grow.crystal_id      1 
_exptl_crystal_grow.details         ? 
_exptl_crystal_grow.method          'VAPOR DIFFUSION, SITTING DROP' 
_exptl_crystal_grow.method_ref      ? 
_exptl_crystal_grow.pH              ? 
_exptl_crystal_grow.pressure        ? 
_exptl_crystal_grow.pressure_esd    ? 
_exptl_crystal_grow.seeding         ? 
_exptl_crystal_grow.seeding_ref     ? 
_exptl_crystal_grow.temp_details    ? 
_exptl_crystal_grow.temp_esd        ? 
_exptl_crystal_grow.time            ? 
_exptl_crystal_grow.pdbx_details    
;0.08 M Potassium chloride, 0.02 M Magnesium chloride hexahydrate, 0.04 M Sodium cacodylate trihydrate pH 6.0, 45% v/v (+/-)-2-Methyl-2,4-pentanediol, 0.012 M Spermine tetrahydrochloride
;
_exptl_crystal_grow.pdbx_pH_range   ? 
_exptl_crystal_grow.temp            292 
# 
_diffrn.ambient_environment              ? 
_diffrn.ambient_temp                     100 
_diffrn.ambient_temp_details             ? 
_diffrn.ambient_temp_esd                 ? 
_diffrn.crystal_id                       1 
_diffrn.crystal_support                  ? 
_diffrn.crystal_treatment                ? 
_diffrn.details                          ? 
_diffrn.id                               1 
_diffrn.ambient_pressure                 ? 
_diffrn.ambient_pressure_esd             ? 
_diffrn.ambient_pressure_gt              ? 
_diffrn.ambient_pressure_lt              ? 
_diffrn.ambient_temp_gt                  ? 
_diffrn.ambient_temp_lt                  ? 
_diffrn.pdbx_serial_crystal_experiment   N 
# 
_diffrn_detector.details                      ? 
_diffrn_detector.detector                     PIXEL 
_diffrn_detector.diffrn_id                    1 
_diffrn_detector.type                         'DECTRIS PILATUS 6M' 
_diffrn_detector.area_resol_mean              ? 
_diffrn_detector.dtime                        ? 
_diffrn_detector.pdbx_frames_total            ? 
_diffrn_detector.pdbx_collection_time_total   ? 
_diffrn_detector.pdbx_collection_date         2018-06-17 
_diffrn_detector.pdbx_frequency               ? 
_diffrn_detector.id                           ? 
_diffrn_detector.number_of_axes               ? 
# 
_diffrn_radiation.collimation                      ? 
_diffrn_radiation.diffrn_id                        1 
_diffrn_radiation.filter_edge                      ? 
_diffrn_radiation.inhomogeneity                    ? 
_diffrn_radiation.monochromator                    ? 
_diffrn_radiation.polarisn_norm                    ? 
_diffrn_radiation.polarisn_ratio                   ? 
_diffrn_radiation.probe                            ? 
_diffrn_radiation.type                             ? 
_diffrn_radiation.xray_symbol                      ? 
_diffrn_radiation.wavelength_id                    1 
_diffrn_radiation.pdbx_monochromatic_or_laue_m_l   M 
_diffrn_radiation.pdbx_wavelength_list             ? 
_diffrn_radiation.pdbx_wavelength                  ? 
_diffrn_radiation.pdbx_diffrn_protocol             'SINGLE WAVELENGTH' 
_diffrn_radiation.pdbx_analyzer                    ? 
_diffrn_radiation.pdbx_scattering_type             x-ray 
# 
_diffrn_radiation_wavelength.id           1 
_diffrn_radiation_wavelength.wavelength   0.9184 
_diffrn_radiation_wavelength.wt           1.0 
# 
_diffrn_source.current                     ? 
_diffrn_source.details                     ? 
_diffrn_source.diffrn_id                   1 
_diffrn_source.power                       ? 
_diffrn_source.size                        ? 
_diffrn_source.source                      SYNCHROTRON 
_diffrn_source.target                      ? 
_diffrn_source.type                        'BESSY BEAMLINE 14.1' 
_diffrn_source.voltage                     ? 
_diffrn_source.take-off_angle              ? 
_diffrn_source.pdbx_wavelength_list        0.9184 
_diffrn_source.pdbx_wavelength             ? 
_diffrn_source.pdbx_synchrotron_beamline   14.1 
_diffrn_source.pdbx_synchrotron_site       BESSY 
# 
_reflns.B_iso_Wilson_estimate                          ? 
_reflns.entry_id                                       9IF0 
_reflns.data_reduction_details                         ? 
_reflns.data_reduction_method                          ? 
_reflns.d_resolution_high                              2.55 
_reflns.d_resolution_low                               46.113 
_reflns.details                                        ? 
_reflns.limit_h_max                                    ? 
_reflns.limit_h_min                                    ? 
_reflns.limit_k_max                                    ? 
_reflns.limit_k_min                                    ? 
_reflns.limit_l_max                                    ? 
_reflns.limit_l_min                                    ? 
_reflns.number_all                                     ? 
_reflns.number_obs                                     3544 
_reflns.observed_criterion                             ? 
_reflns.observed_criterion_F_max                       ? 
_reflns.observed_criterion_F_min                       ? 
_reflns.observed_criterion_I_max                       ? 
_reflns.observed_criterion_I_min                       ? 
_reflns.observed_criterion_sigma_F                     ? 
_reflns.observed_criterion_sigma_I                     ? 
_reflns.percent_possible_obs                           98.4 
_reflns.R_free_details                                 ? 
_reflns.Rmerge_F_all                                   ? 
_reflns.Rmerge_F_obs                                   ? 
_reflns.Friedel_coverage                               ? 
_reflns.number_gt                                      ? 
_reflns.threshold_expression                           ? 
_reflns.pdbx_redundancy                                6.03 
_reflns.pdbx_netI_over_av_sigmaI                       ? 
_reflns.pdbx_netI_over_sigmaI                          16.17 
_reflns.pdbx_res_netI_over_av_sigmaI_2                 ? 
_reflns.pdbx_res_netI_over_sigmaI_2                    ? 
_reflns.pdbx_chi_squared                               ? 
_reflns.pdbx_scaling_rejects                           ? 
_reflns.pdbx_d_res_high_opt                            ? 
_reflns.pdbx_d_res_low_opt                             ? 
_reflns.pdbx_d_res_opt_method                          ? 
_reflns.phase_calculation_details                      ? 
_reflns.pdbx_Rrim_I_all                                ? 
_reflns.pdbx_Rpim_I_all                                ? 
_reflns.pdbx_d_opt                                     ? 
_reflns.pdbx_number_measured_all                       ? 
_reflns.pdbx_diffrn_id                                 1 
_reflns.pdbx_ordinal                                   1 
_reflns.pdbx_CC_half                                   0.999 
_reflns.pdbx_CC_star                                   ? 
_reflns.pdbx_R_split                                   ? 
_reflns.pdbx_Rmerge_I_obs                              ? 
_reflns.pdbx_Rmerge_I_all                              ? 
_reflns.pdbx_Rsym_value                                ? 
_reflns.pdbx_CC_split_method                           ? 
_reflns.pdbx_aniso_diffraction_limit_axis_1_ortho[1]   ? 
_reflns.pdbx_aniso_diffraction_limit_axis_1_ortho[2]   ? 
_reflns.pdbx_aniso_diffraction_limit_axis_1_ortho[3]   ? 
_reflns.pdbx_aniso_diffraction_limit_axis_2_ortho[1]   ? 
_reflns.pdbx_aniso_diffraction_limit_axis_2_ortho[2]   ? 
_reflns.pdbx_aniso_diffraction_limit_axis_2_ortho[3]   ? 
_reflns.pdbx_aniso_diffraction_limit_axis_3_ortho[1]   ? 
_reflns.pdbx_aniso_diffraction_limit_axis_3_ortho[2]   ? 
_reflns.pdbx_aniso_diffraction_limit_axis_3_ortho[3]   ? 
_reflns.pdbx_aniso_diffraction_limit_1                 ? 
_reflns.pdbx_aniso_diffraction_limit_2                 ? 
_reflns.pdbx_aniso_diffraction_limit_3                 ? 
_reflns.pdbx_aniso_B_tensor_eigenvector_1_ortho[1]     ? 
_reflns.pdbx_aniso_B_tensor_eigenvector_1_ortho[2]     ? 
_reflns.pdbx_aniso_B_tensor_eigenvector_1_ortho[3]     ? 
_reflns.pdbx_aniso_B_tensor_eigenvector_2_ortho[1]     ? 
_reflns.pdbx_aniso_B_tensor_eigenvector_2_ortho[2]     ? 
_reflns.pdbx_aniso_B_tensor_eigenvector_2_ortho[3]     ? 
_reflns.pdbx_aniso_B_tensor_eigenvector_3_ortho[1]     ? 
_reflns.pdbx_aniso_B_tensor_eigenvector_3_ortho[2]     ? 
_reflns.pdbx_aniso_B_tensor_eigenvector_3_ortho[3]     ? 
_reflns.pdbx_aniso_B_tensor_eigenvalue_1               ? 
_reflns.pdbx_aniso_B_tensor_eigenvalue_2               ? 
_reflns.pdbx_aniso_B_tensor_eigenvalue_3               ? 
_reflns.pdbx_orthogonalization_convention              ? 
_reflns.pdbx_percent_possible_ellipsoidal              ? 
_reflns.pdbx_percent_possible_spherical                ? 
_reflns.pdbx_percent_possible_ellipsoidal_anomalous    ? 
_reflns.pdbx_percent_possible_spherical_anomalous      ? 
_reflns.pdbx_redundancy_anomalous                      ? 
_reflns.pdbx_CC_half_anomalous                         ? 
_reflns.pdbx_absDiff_over_sigma_anomalous              ? 
_reflns.pdbx_percent_possible_anomalous                ? 
_reflns.pdbx_observed_signal_threshold                 ? 
_reflns.pdbx_signal_type                               ? 
_reflns.pdbx_signal_details                            ? 
_reflns.pdbx_signal_software_id                        ? 
# 
_reflns_shell.d_res_high                                    2.55 
_reflns_shell.d_res_low                                     2.7 
_reflns_shell.meanI_over_sigI_all                           ? 
_reflns_shell.meanI_over_sigI_obs                           ? 
_reflns_shell.number_measured_all                           ? 
_reflns_shell.number_measured_obs                           ? 
_reflns_shell.number_possible                               ? 
_reflns_shell.number_unique_all                             ? 
_reflns_shell.number_unique_obs                             554 
_reflns_shell.percent_possible_obs                          ? 
_reflns_shell.Rmerge_F_all                                  ? 
_reflns_shell.Rmerge_F_obs                                  ? 
_reflns_shell.meanI_over_sigI_gt                            ? 
_reflns_shell.meanI_over_uI_all                             ? 
_reflns_shell.meanI_over_uI_gt                              ? 
_reflns_shell.number_measured_gt                            ? 
_reflns_shell.number_unique_gt                              ? 
_reflns_shell.percent_possible_gt                           ? 
_reflns_shell.Rmerge_F_gt                                   ? 
_reflns_shell.Rmerge_I_gt                                   ? 
_reflns_shell.pdbx_redundancy                               ? 
_reflns_shell.pdbx_chi_squared                              ? 
_reflns_shell.pdbx_netI_over_sigmaI_all                     ? 
_reflns_shell.pdbx_netI_over_sigmaI_obs                     ? 
_reflns_shell.pdbx_Rrim_I_all                               ? 
_reflns_shell.pdbx_Rpim_I_all                               ? 
_reflns_shell.pdbx_rejects                                  ? 
_reflns_shell.pdbx_ordinal                                  1 
_reflns_shell.pdbx_diffrn_id                                1 
_reflns_shell.pdbx_CC_half                                  0.844 
_reflns_shell.pdbx_CC_star                                  ? 
_reflns_shell.pdbx_R_split                                  ? 
_reflns_shell.percent_possible_all                          ? 
_reflns_shell.Rmerge_I_all                                  ? 
_reflns_shell.Rmerge_I_obs                                  ? 
_reflns_shell.pdbx_Rsym_value                               ? 
_reflns_shell.pdbx_percent_possible_ellipsoidal             ? 
_reflns_shell.pdbx_percent_possible_spherical               ? 
_reflns_shell.pdbx_percent_possible_ellipsoidal_anomalous   ? 
_reflns_shell.pdbx_percent_possible_spherical_anomalous     ? 
_reflns_shell.pdbx_redundancy_anomalous                     ? 
_reflns_shell.pdbx_CC_half_anomalous                        ? 
_reflns_shell.pdbx_absDiff_over_sigma_anomalous             ? 
_reflns_shell.pdbx_percent_possible_anomalous               ? 
# 
_refine.aniso_B[1][1]                            -5.812 
_refine.aniso_B[1][2]                            -0.000 
_refine.aniso_B[1][3]                            0.588 
_refine.aniso_B[2][2]                            2.458 
_refine.aniso_B[2][3]                            -0.000 
_refine.aniso_B[3][3]                            2.818 
_refine.B_iso_max                                ? 
_refine.B_iso_mean                               65.778 
_refine.B_iso_min                                ? 
_refine.correlation_coeff_Fo_to_Fc               0.972 
_refine.correlation_coeff_Fo_to_Fc_free          0.967 
_refine.details                                  'Hydrogens have been added in their riding positions' 
_refine.diff_density_max                         ? 
_refine.diff_density_max_esd                     ? 
_refine.diff_density_min                         ? 
_refine.diff_density_min_esd                     ? 
_refine.diff_density_rms                         ? 
_refine.diff_density_rms_esd                     ? 
_refine.entry_id                                 9IF0 
_refine.pdbx_refine_id                           'X-RAY DIFFRACTION' 
_refine.ls_abs_structure_details                 ? 
_refine.ls_abs_structure_Flack                   ? 
_refine.ls_abs_structure_Flack_esd               ? 
_refine.ls_abs_structure_Rogers                  ? 
_refine.ls_abs_structure_Rogers_esd              ? 
_refine.ls_d_res_high                            2.55 
_refine.ls_d_res_low                             46.112 
_refine.ls_extinction_coef                       ? 
_refine.ls_extinction_coef_esd                   ? 
_refine.ls_extinction_expression                 ? 
_refine.ls_extinction_method                     ? 
_refine.ls_goodness_of_fit_all                   ? 
_refine.ls_goodness_of_fit_all_esd               ? 
_refine.ls_goodness_of_fit_obs                   ? 
_refine.ls_goodness_of_fit_obs_esd               ? 
_refine.ls_hydrogen_treatment                    ? 
_refine.ls_matrix_type                           ? 
_refine.ls_number_constraints                    ? 
_refine.ls_number_parameters                     ? 
_refine.ls_number_reflns_all                     ? 
_refine.ls_number_reflns_obs                     3543 
_refine.ls_number_reflns_R_free                  185 
_refine.ls_number_reflns_R_work                  3358 
_refine.ls_number_restraints                     ? 
_refine.ls_percent_reflns_obs                    98.471 
_refine.ls_percent_reflns_R_free                 5.222 
_refine.ls_R_factor_all                          0.200 
_refine.ls_R_factor_obs                          ? 
_refine.ls_R_factor_R_free                       0.2406 
_refine.ls_R_factor_R_free_error                 ? 
_refine.ls_R_factor_R_free_error_details         ? 
_refine.ls_R_factor_R_work                       0.1974 
_refine.ls_R_Fsqd_factor_obs                     ? 
_refine.ls_R_I_factor_obs                        ? 
_refine.ls_redundancy_reflns_all                 ? 
_refine.ls_redundancy_reflns_obs                 ? 
_refine.ls_restrained_S_all                      ? 
_refine.ls_restrained_S_obs                      ? 
_refine.ls_shift_over_esd_max                    ? 
_refine.ls_shift_over_esd_mean                   ? 
_refine.ls_structure_factor_coef                 ? 
_refine.ls_weighting_details                     ? 
_refine.ls_weighting_scheme                      ? 
_refine.ls_wR_factor_all                         ? 
_refine.ls_wR_factor_obs                         ? 
_refine.ls_wR_factor_R_free                      ? 
_refine.ls_wR_factor_R_work                      ? 
_refine.occupancy_max                            ? 
_refine.occupancy_min                            ? 
_refine.solvent_model_details                    'BABINET MODEL PLUS MASK' 
_refine.solvent_model_param_bsol                 ? 
_refine.solvent_model_param_ksol                 ? 
_refine.pdbx_R_complete                          ? 
_refine.ls_R_factor_gt                           ? 
_refine.ls_goodness_of_fit_gt                    ? 
_refine.ls_goodness_of_fit_ref                   ? 
_refine.ls_shift_over_su_max                     ? 
_refine.ls_shift_over_su_max_lt                  ? 
_refine.ls_shift_over_su_mean                    ? 
_refine.ls_shift_over_su_mean_lt                 ? 
_refine.pdbx_ls_sigma_I                          ? 
_refine.pdbx_ls_sigma_F                          ? 
_refine.pdbx_ls_sigma_Fsqd                       ? 
_refine.pdbx_data_cutoff_high_absF               ? 
_refine.pdbx_data_cutoff_high_rms_absF           ? 
_refine.pdbx_data_cutoff_low_absF                ? 
_refine.pdbx_isotropic_thermal_model             ? 
_refine.pdbx_ls_cross_valid_method               'FREE R-VALUE' 
_refine.pdbx_method_to_determine_struct          'MOLECULAR REPLACEMENT' 
_refine.pdbx_starting_model                      ? 
_refine.pdbx_stereochemistry_target_values       ? 
_refine.pdbx_R_Free_selection_details            ? 
_refine.pdbx_stereochem_target_val_spec_case     ? 
_refine.pdbx_overall_ESU_R                       0.648 
_refine.pdbx_overall_ESU_R_Free                  0.292 
_refine.pdbx_solvent_vdw_probe_radii             1.200 
_refine.pdbx_solvent_ion_probe_radii             0.800 
_refine.pdbx_solvent_shrinkage_radii             0.800 
_refine.pdbx_real_space_R                        ? 
_refine.pdbx_density_correlation                 ? 
_refine.pdbx_pd_number_of_powder_patterns        ? 
_refine.pdbx_pd_number_of_points                 ? 
_refine.pdbx_pd_meas_number_of_points            ? 
_refine.pdbx_pd_proc_ls_prof_R_factor            ? 
_refine.pdbx_pd_proc_ls_prof_wR_factor           ? 
_refine.pdbx_pd_Marquardt_correlation_coeff      ? 
_refine.pdbx_pd_Fsqrd_R_factor                   ? 
_refine.pdbx_pd_ls_matrix_band_width             ? 
_refine.pdbx_overall_phase_error                 ? 
_refine.pdbx_overall_SU_R_free_Cruickshank_DPI   ? 
_refine.pdbx_overall_SU_R_free_Blow_DPI          ? 
_refine.pdbx_overall_SU_R_Blow_DPI               ? 
_refine.pdbx_TLS_residual_ADP_flag               ? 
_refine.pdbx_diffrn_id                           1 
_refine.overall_SU_B                             ? 
_refine.overall_SU_ML                            ? 
_refine.overall_SU_R_Cruickshank_DPI             ? 
_refine.overall_SU_R_free                        ? 
_refine.overall_FOM_free_R_set                   ? 
_refine.overall_FOM_work_R_set                   ? 
_refine.pdbx_average_fsc_overall                 ? 
_refine.pdbx_average_fsc_work                    ? 
_refine.pdbx_average_fsc_free                    ? 
# 
_refine_hist.pdbx_refine_id                   'X-RAY DIFFRACTION' 
_refine_hist.cycle_id                         LAST 
_refine_hist.pdbx_number_atoms_protein        0 
_refine_hist.pdbx_number_atoms_nucleic_acid   642 
_refine_hist.pdbx_number_atoms_ligand         74 
_refine_hist.number_atoms_solvent             6 
_refine_hist.number_atoms_total               722 
_refine_hist.d_res_high                       2.55 
_refine_hist.d_res_low                        46.112 
# 
loop_
_refine_ls_restr.pdbx_refine_id 
_refine_ls_restr.criterion 
_refine_ls_restr.dev_ideal 
_refine_ls_restr.dev_ideal_target 
_refine_ls_restr.number 
_refine_ls_restr.rejects 
_refine_ls_restr.type 
_refine_ls_restr.weight 
_refine_ls_restr.pdbx_restraint_function 
'X-RAY DIFFRACTION' ? 0.008  0.011  803  ? r_bond_refined_d             ? ? 
'X-RAY DIFFRACTION' ? 0.001  0.020  356  ? r_bond_other_d               ? ? 
'X-RAY DIFFRACTION' ? 1.938  1.250  1238 ? r_angle_refined_deg          ? ? 
'X-RAY DIFFRACTION' ? 2.913  3.000  849  ? r_angle_other_deg            ? ? 
'X-RAY DIFFRACTION' ? 0.094  0.200  123  ? r_chiral_restr               ? ? 
'X-RAY DIFFRACTION' ? 0.012  0.020  704  ? r_gen_planes_refined         ? ? 
'X-RAY DIFFRACTION' ? 0.012  0.020  186  ? r_gen_planes_other           ? ? 
'X-RAY DIFFRACTION' ? 0.220  0.200  148  ? r_nbd_refined                ? ? 
'X-RAY DIFFRACTION' ? 0.299  0.200  448  ? r_symmetry_nbd_other         ? ? 
'X-RAY DIFFRACTION' ? 0.266  0.200  300  ? r_nbtor_refined              ? ? 
'X-RAY DIFFRACTION' ? 0.081  0.200  166  ? r_symmetry_nbtor_other       ? ? 
'X-RAY DIFFRACTION' ? 0.142  0.200  12   ? r_xyhbond_nbd_refined        ? ? 
'X-RAY DIFFRACTION' ? 0.103  0.200  2    ? r_symmetry_xyhbond_nbd_other ? ? 
'X-RAY DIFFRACTION' ? 0.190  0.200  12   ? r_symmetry_nbd_refined       ? ? 
'X-RAY DIFFRACTION' ? 0.247  0.200  22   ? r_nbd_other                  ? ? 
'X-RAY DIFFRACTION' ? 0.000  6.265  1    ? r_mcbond_other               ? ? 
'X-RAY DIFFRACTION' ? 10.459 9.813  2    ? r_mcangle_it                 ? ? 
'X-RAY DIFFRACTION' ? 6.733  6.994  803  ? r_scbond_it                  ? ? 
'X-RAY DIFFRACTION' ? 6.729  6.993  804  ? r_scbond_other               ? ? 
'X-RAY DIFFRACTION' ? 8.724  10.479 1233 ? r_scangle_it                 ? ? 
'X-RAY DIFFRACTION' ? 8.720  10.478 1234 ? r_scangle_other              ? ? 
'X-RAY DIFFRACTION' ? 10.459 68.973 1089 ? r_lrange_it                  ? ? 
'X-RAY DIFFRACTION' ? 10.458 69.001 1090 ? r_lrange_other               ? ? 
# 
loop_
_refine_ls_shell.pdbx_refine_id 
_refine_ls_shell.d_res_high 
_refine_ls_shell.d_res_low 
_refine_ls_shell.number_reflns_all 
_refine_ls_shell.number_reflns_obs 
_refine_ls_shell.number_reflns_R_free 
_refine_ls_shell.number_reflns_R_work 
_refine_ls_shell.percent_reflns_obs 
_refine_ls_shell.percent_reflns_R_free 
_refine_ls_shell.R_factor_all 
_refine_ls_shell.R_factor_obs 
_refine_ls_shell.R_factor_R_free_error 
_refine_ls_shell.R_factor_R_work 
_refine_ls_shell.redundancy_reflns_all 
_refine_ls_shell.redundancy_reflns_obs 
_refine_ls_shell.wR_factor_all 
_refine_ls_shell.wR_factor_obs 
_refine_ls_shell.wR_factor_R_free 
_refine_ls_shell.wR_factor_R_work 
_refine_ls_shell.pdbx_R_complete 
_refine_ls_shell.pdbx_total_number_of_bins_used 
_refine_ls_shell.pdbx_phase_error 
_refine_ls_shell.pdbx_fsc_work 
_refine_ls_shell.pdbx_fsc_free 
_refine_ls_shell.R_factor_R_free 
'X-RAY DIFFRACTION' 2.55   2.615  . . 16 232 98.8048  . . . . 0.589 . . . . . . . . . . . 0.687 
'X-RAY DIFFRACTION' 2.615  2.687  . . 11 243 98.0695  . . . . 0.413 . . . . . . . . . . . 0.386 
'X-RAY DIFFRACTION' 2.687  2.764  . . 11 218 96.2185  . . . . 0.366 . . . . . . . . . . . 0.594 
'X-RAY DIFFRACTION' 2.764  2.849  . . 10 240 98.4252  . . . . 0.360 . . . . . . . . . . . 0.596 
'X-RAY DIFFRACTION' 2.849  2.942  . . 8  215 100.0000 . . . . 0.360 . . . . . . . . . . . 0.376 
'X-RAY DIFFRACTION' 2.942  3.045  . . 13 216 98.7069  . . . . 0.268 . . . . . . . . . . . 0.232 
'X-RAY DIFFRACTION' 3.045  3.159  . . 12 202 97.7169  . . . . 0.259 . . . . . . . . . . . 0.457 
'X-RAY DIFFRACTION' 3.159  3.288  . . 8  198 98.0952  . . . . 0.201 . . . . . . . . . . . 0.500 
'X-RAY DIFFRACTION' 3.288  3.433  . . 15 178 98.4694  . . . . 0.206 . . . . . . . . . . . 0.339 
'X-RAY DIFFRACTION' 3.433  3.600  . . 8  185 98.4694  . . . . 0.214 . . . . . . . . . . . 0.298 
'X-RAY DIFFRACTION' 3.600  3.793  . . 12 174 97.8947  . . . . 0.219 . . . . . . . . . . . 0.183 
'X-RAY DIFFRACTION' 3.793  4.021  . . 9  162 98.8439  . . . . 0.218 . . . . . . . . . . . 0.358 
'X-RAY DIFFRACTION' 4.021  4.297  . . 10 163 98.8571  . . . . 0.178 . . . . . . . . . . . 0.328 
'X-RAY DIFFRACTION' 4.297  4.638  . . 9  139 99.3289  . . . . 0.141 . . . . . . . . . . . 0.110 
'X-RAY DIFFRACTION' 4.638  5.075  . . 6  135 97.2414  . . . . 0.150 . . . . . . . . . . . 0.147 
'X-RAY DIFFRACTION' 5.075  5.666  . . 7  123 100.0000 . . . . 0.147 . . . . . . . . . . . 0.181 
'X-RAY DIFFRACTION' 5.666  6.526  . . 5  116 100.0000 . . . . 0.170 . . . . . . . . . . . 0.136 
'X-RAY DIFFRACTION' 6.526  7.953  . . 4  96  100.0000 . . . . 0.121 . . . . . . . . . . . 0.089 
'X-RAY DIFFRACTION' 7.953  11.083 . . 5  73  96.2963  . . . . 0.147 . . . . . . . . . . . 0.455 
'X-RAY DIFFRACTION' 11.083 46.112 . . 6  50  100.0000 . . . . 0.118 . . . . . . . . . . . 0.099 
# 
_struct.entry_id                     9IF0 
_struct.title                        'RNA duplex containing UGGAA/UGGAA motif interacting with NCD molecule' 
_struct.pdbx_model_details           ? 
_struct.pdbx_formula_weight          ? 
_struct.pdbx_formula_weight_method   ? 
_struct.pdbx_model_type_details      ? 
_struct.pdbx_CASP_flag               N 
# 
_struct_keywords.entry_id        9IF0 
_struct_keywords.text            'RNA, UGGAA motif, SCA31, NCD molecule, small molecule interaction' 
_struct_keywords.pdbx_keywords   RNA 
# 
loop_
_struct_asym.id 
_struct_asym.pdbx_blank_PDB_chainid_flag 
_struct_asym.pdbx_modified 
_struct_asym.entity_id 
_struct_asym.details 
A N N 1 ? 
B N N 1 ? 
C N N 2 ? 
D N N 2 ? 
E N N 3 ? 
F N N 3 ? 
# 
_struct_ref.id                         1 
_struct_ref.db_name                    PDB 
_struct_ref.db_code                    9IF0 
_struct_ref.pdbx_db_accession          9IF0 
_struct_ref.pdbx_db_isoform            ? 
_struct_ref.entity_id                  1 
_struct_ref.pdbx_seq_one_letter_code   ? 
_struct_ref.pdbx_align_begin           1 
# 
loop_
_struct_ref_seq.align_id 
_struct_ref_seq.ref_id 
_struct_ref_seq.pdbx_PDB_id_code 
_struct_ref_seq.pdbx_strand_id 
_struct_ref_seq.seq_align_beg 
_struct_ref_seq.pdbx_seq_align_beg_ins_code 
_struct_ref_seq.seq_align_end 
_struct_ref_seq.pdbx_seq_align_end_ins_code 
_struct_ref_seq.pdbx_db_accession 
_struct_ref_seq.db_align_beg 
_struct_ref_seq.pdbx_db_align_beg_ins_code 
_struct_ref_seq.db_align_end 
_struct_ref_seq.pdbx_db_align_end_ins_code 
_struct_ref_seq.pdbx_auth_seq_align_beg 
_struct_ref_seq.pdbx_auth_seq_align_end 
1 1 9IF0 AAA 1 ? 15 ? 9IF0 1 ? 15 ? 1 15 
2 1 9IF0 BBB 1 ? 15 ? 9IF0 1 ? 15 ? 1 15 
# 
_pdbx_struct_assembly.id                   1 
_pdbx_struct_assembly.details              author_defined_assembly 
_pdbx_struct_assembly.method_details       ? 
_pdbx_struct_assembly.oligomeric_details   dimeric 
_pdbx_struct_assembly.oligomeric_count     2 
# 
loop_
_pdbx_struct_assembly_prop.biol_id 
_pdbx_struct_assembly_prop.type 
_pdbx_struct_assembly_prop.value 
_pdbx_struct_assembly_prop.details 
1 'ABSA (A^2)' 1680 ? 
1 MORE         -8   ? 
1 'SSA (A^2)'  6040 ? 
# 
_pdbx_struct_assembly_gen.assembly_id       1 
_pdbx_struct_assembly_gen.oper_expression   1 
_pdbx_struct_assembly_gen.asym_id_list      A,B,C,D,E,F 
# 
_pdbx_struct_assembly_auth_evidence.id                     1 
_pdbx_struct_assembly_auth_evidence.assembly_id            1 
_pdbx_struct_assembly_auth_evidence.experimental_support   none 
_pdbx_struct_assembly_auth_evidence.details                ? 
# 
_pdbx_struct_oper_list.id                   1 
_pdbx_struct_oper_list.type                 'identity operation' 
_pdbx_struct_oper_list.name                 1_555 
_pdbx_struct_oper_list.symmetry_operation   x,y,z 
_pdbx_struct_oper_list.matrix[1][1]         1.0000000000 
_pdbx_struct_oper_list.matrix[1][2]         0.0000000000 
_pdbx_struct_oper_list.matrix[1][3]         0.0000000000 
_pdbx_struct_oper_list.vector[1]            0.0000000000 
_pdbx_struct_oper_list.matrix[2][1]         0.0000000000 
_pdbx_struct_oper_list.matrix[2][2]         1.0000000000 
_pdbx_struct_oper_list.matrix[2][3]         0.0000000000 
_pdbx_struct_oper_list.vector[2]            0.0000000000 
_pdbx_struct_oper_list.matrix[3][1]         0.0000000000 
_pdbx_struct_oper_list.matrix[3][2]         0.0000000000 
_pdbx_struct_oper_list.matrix[3][3]         1.0000000000 
_pdbx_struct_oper_list.vector[3]            0.0000000000 
# 
loop_
_struct_conn.id 
_struct_conn.conn_type_id 
_struct_conn.pdbx_leaving_atom_flag 
_struct_conn.pdbx_PDB_id 
_struct_conn.ptnr1_label_asym_id 
_struct_conn.ptnr1_label_comp_id 
_struct_conn.ptnr1_label_seq_id 
_struct_conn.ptnr1_label_atom_id 
_struct_conn.pdbx_ptnr1_label_alt_id 
_struct_conn.pdbx_ptnr1_PDB_ins_code 
_struct_conn.pdbx_ptnr1_standard_comp_id 
_struct_conn.ptnr1_symmetry 
_struct_conn.ptnr2_label_asym_id 
_struct_conn.ptnr2_label_comp_id 
_struct_conn.ptnr2_label_seq_id 
_struct_conn.ptnr2_label_atom_id 
_struct_conn.pdbx_ptnr2_label_alt_id 
_struct_conn.pdbx_ptnr2_PDB_ins_code 
_struct_conn.ptnr1_auth_asym_id 
_struct_conn.ptnr1_auth_comp_id 
_struct_conn.ptnr1_auth_seq_id 
_struct_conn.ptnr2_auth_asym_id 
_struct_conn.ptnr2_auth_comp_id 
_struct_conn.ptnr2_auth_seq_id 
_struct_conn.ptnr2_symmetry 
_struct_conn.pdbx_ptnr3_label_atom_id 
_struct_conn.pdbx_ptnr3_label_seq_id 
_struct_conn.pdbx_ptnr3_label_comp_id 
_struct_conn.pdbx_ptnr3_label_asym_id 
_struct_conn.pdbx_ptnr3_label_alt_id 
_struct_conn.pdbx_ptnr3_PDB_ins_code 
_struct_conn.details 
_struct_conn.pdbx_dist_value 
_struct_conn.pdbx_value_order 
_struct_conn.pdbx_role 
hydrog1  hydrog ? ? A G 1  N1 ? ? ? 1_555 B C 15 N3 ? ? AAA G 1  BBB C 15 1_555 ? ? ? ? ? ? WATSON-CRICK ? ? ? 
hydrog2  hydrog ? ? A G 1  N2 ? ? ? 1_555 B C 15 O2 ? ? AAA G 1  BBB C 15 1_555 ? ? ? ? ? ? WATSON-CRICK ? ? ? 
hydrog3  hydrog ? ? A G 1  O6 ? ? ? 1_555 B C 15 N4 ? ? AAA G 1  BBB C 15 1_555 ? ? ? ? ? ? WATSON-CRICK ? ? ? 
hydrog4  hydrog ? ? A G 2  N1 ? ? ? 1_555 B C 14 N3 ? ? AAA G 2  BBB C 14 1_555 ? ? ? ? ? ? WATSON-CRICK ? ? ? 
hydrog5  hydrog ? ? A G 2  N2 ? ? ? 1_555 B C 14 O2 ? ? AAA G 2  BBB C 14 1_555 ? ? ? ? ? ? WATSON-CRICK ? ? ? 
hydrog6  hydrog ? ? A G 2  O6 ? ? ? 1_555 B C 14 N4 ? ? AAA G 2  BBB C 14 1_555 ? ? ? ? ? ? WATSON-CRICK ? ? ? 
hydrog7  hydrog ? ? A C 3  N3 ? ? ? 1_555 B G 13 N1 ? ? AAA C 3  BBB G 13 1_555 ? ? ? ? ? ? WATSON-CRICK ? ? ? 
hydrog8  hydrog ? ? A C 3  N4 ? ? ? 1_555 B G 13 O6 ? ? AAA C 3  BBB G 13 1_555 ? ? ? ? ? ? WATSON-CRICK ? ? ? 
hydrog9  hydrog ? ? A C 3  O2 ? ? ? 1_555 B G 13 N2 ? ? AAA C 3  BBB G 13 1_555 ? ? ? ? ? ? WATSON-CRICK ? ? ? 
hydrog10 hydrog ? ? A A 4  N1 ? ? ? 1_555 B U 12 N3 ? ? AAA A 4  BBB U 12 1_555 ? ? ? ? ? ? WATSON-CRICK ? ? ? 
hydrog11 hydrog ? ? A A 4  N6 ? ? ? 1_555 B U 12 O4 ? ? AAA A 4  BBB U 12 1_555 ? ? ? ? ? ? WATSON-CRICK ? ? ? 
hydrog12 hydrog ? ? A C 5  N3 ? ? ? 1_555 B G 11 N1 ? ? AAA C 5  BBB G 11 1_555 ? ? ? ? ? ? WATSON-CRICK ? ? ? 
hydrog13 hydrog ? ? A C 5  N4 ? ? ? 1_555 B G 11 O6 ? ? AAA C 5  BBB G 11 1_555 ? ? ? ? ? ? WATSON-CRICK ? ? ? 
hydrog14 hydrog ? ? A C 5  O2 ? ? ? 1_555 B G 11 N2 ? ? AAA C 5  BBB G 11 1_555 ? ? ? ? ? ? WATSON-CRICK ? ? ? 
hydrog15 hydrog ? ? A U 6  N3 ? ? ? 1_555 B A 10 N1 ? ? AAA U 6  BBB A 10 1_555 ? ? ? ? ? ? WATSON-CRICK ? ? ? 
hydrog16 hydrog ? ? A U 6  O4 ? ? ? 1_555 B A 10 N6 ? ? AAA U 6  BBB A 10 1_555 ? ? ? ? ? ? WATSON-CRICK ? ? ? 
hydrog17 hydrog ? ? A A 10 N1 ? ? ? 1_555 B U 6  N3 ? ? AAA A 10 BBB U 6  1_555 ? ? ? ? ? ? WATSON-CRICK ? ? ? 
hydrog18 hydrog ? ? A A 10 N6 ? ? ? 1_555 B U 6  O4 ? ? AAA A 10 BBB U 6  1_555 ? ? ? ? ? ? WATSON-CRICK ? ? ? 
hydrog19 hydrog ? ? A G 11 N1 ? ? ? 1_555 B C 5  N3 ? ? AAA G 11 BBB C 5  1_555 ? ? ? ? ? ? WATSON-CRICK ? ? ? 
hydrog20 hydrog ? ? A G 11 N2 ? ? ? 1_555 B C 5  O2 ? ? AAA G 11 BBB C 5  1_555 ? ? ? ? ? ? WATSON-CRICK ? ? ? 
hydrog21 hydrog ? ? A G 11 O6 ? ? ? 1_555 B C 5  N4 ? ? AAA G 11 BBB C 5  1_555 ? ? ? ? ? ? WATSON-CRICK ? ? ? 
hydrog22 hydrog ? ? A U 12 N3 ? ? ? 1_555 B A 4  N1 ? ? AAA U 12 BBB A 4  1_555 ? ? ? ? ? ? WATSON-CRICK ? ? ? 
hydrog23 hydrog ? ? A U 12 O4 ? ? ? 1_555 B A 4  N6 ? ? AAA U 12 BBB A 4  1_555 ? ? ? ? ? ? WATSON-CRICK ? ? ? 
hydrog24 hydrog ? ? A G 13 N1 ? ? ? 1_555 B C 3  N3 ? ? AAA G 13 BBB C 3  1_555 ? ? ? ? ? ? WATSON-CRICK ? ? ? 
hydrog25 hydrog ? ? A G 13 N2 ? ? ? 1_555 B C 3  O2 ? ? AAA G 13 BBB C 3  1_555 ? ? ? ? ? ? WATSON-CRICK ? ? ? 
hydrog26 hydrog ? ? A G 13 O6 ? ? ? 1_555 B C 3  N4 ? ? AAA G 13 BBB C 3  1_555 ? ? ? ? ? ? WATSON-CRICK ? ? ? 
hydrog27 hydrog ? ? A C 14 N3 ? ? ? 1_555 B G 2  N1 ? ? AAA C 14 BBB G 2  1_555 ? ? ? ? ? ? WATSON-CRICK ? ? ? 
hydrog28 hydrog ? ? A C 14 N4 ? ? ? 1_555 B G 2  O6 ? ? AAA C 14 BBB G 2  1_555 ? ? ? ? ? ? WATSON-CRICK ? ? ? 
hydrog29 hydrog ? ? A C 14 O2 ? ? ? 1_555 B G 2  N2 ? ? AAA C 14 BBB G 2  1_555 ? ? ? ? ? ? WATSON-CRICK ? ? ? 
hydrog30 hydrog ? ? A C 15 N3 ? ? ? 1_555 B G 1  N1 ? ? AAA C 15 BBB G 1  1_555 ? ? ? ? ? ? WATSON-CRICK ? ? ? 
hydrog31 hydrog ? ? A C 15 N4 ? ? ? 1_555 B G 1  O6 ? ? AAA C 15 BBB G 1  1_555 ? ? ? ? ? ? WATSON-CRICK ? ? ? 
hydrog32 hydrog ? ? A C 15 O2 ? ? ? 1_555 B G 1  N2 ? ? AAA C 15 BBB G 1  1_555 ? ? ? ? ? ? WATSON-CRICK ? ? ? 
# 
_struct_conn_type.id          hydrog 
_struct_conn_type.criteria    ? 
_struct_conn_type.reference   ? 
# 
_pdbx_entry_details.entry_id                   9IF0 
_pdbx_entry_details.nonpolymer_details         ? 
_pdbx_entry_details.sequence_details           ? 
_pdbx_entry_details.compound_details           ? 
_pdbx_entry_details.source_details             ? 
_pdbx_entry_details.has_ligand_of_interest     Y 
_pdbx_entry_details.has_protein_modification   N 
# 
loop_
_pdbx_validate_rmsd_angle.id 
_pdbx_validate_rmsd_angle.PDB_model_num 
_pdbx_validate_rmsd_angle.auth_atom_id_1 
_pdbx_validate_rmsd_angle.auth_asym_id_1 
_pdbx_validate_rmsd_angle.auth_comp_id_1 
_pdbx_validate_rmsd_angle.auth_seq_id_1 
_pdbx_validate_rmsd_angle.PDB_ins_code_1 
_pdbx_validate_rmsd_angle.label_alt_id_1 
_pdbx_validate_rmsd_angle.auth_atom_id_2 
_pdbx_validate_rmsd_angle.auth_asym_id_2 
_pdbx_validate_rmsd_angle.auth_comp_id_2 
_pdbx_validate_rmsd_angle.auth_seq_id_2 
_pdbx_validate_rmsd_angle.PDB_ins_code_2 
_pdbx_validate_rmsd_angle.label_alt_id_2 
_pdbx_validate_rmsd_angle.auth_atom_id_3 
_pdbx_validate_rmsd_angle.auth_asym_id_3 
_pdbx_validate_rmsd_angle.auth_comp_id_3 
_pdbx_validate_rmsd_angle.auth_seq_id_3 
_pdbx_validate_rmsd_angle.PDB_ins_code_3 
_pdbx_validate_rmsd_angle.label_alt_id_3 
_pdbx_validate_rmsd_angle.angle_value 
_pdbx_validate_rmsd_angle.angle_target_value 
_pdbx_validate_rmsd_angle.angle_deviation 
_pdbx_validate_rmsd_angle.angle_standard_deviation 
_pdbx_validate_rmsd_angle.linker_flag 
1 1 "O5'" AAA C 5 ? ? P AAA C 5 ? ? OP1 AAA C 5 ? ? 100.22 105.70 -5.48 0.90 N 
2 1 "O5'" AAA C 5 ? ? P AAA C 5 ? ? OP2 AAA C 5 ? ? 119.25 110.70 8.55  1.20 N 
3 1 "O5'" AAA G 8 ? ? P AAA G 8 ? ? OP2 AAA G 8 ? ? 97.98  105.70 -7.72 0.90 N 
4 1 "O5'" BBB C 5 ? ? P BBB C 5 ? ? OP1 BBB C 5 ? ? 100.08 105.70 -5.62 0.90 N 
# 
_pdbx_validate_polymer_linkage.id               1 
_pdbx_validate_polymer_linkage.PDB_model_num    1 
_pdbx_validate_polymer_linkage.auth_atom_id_1   "O3'" 
_pdbx_validate_polymer_linkage.auth_asym_id_1   AAA 
_pdbx_validate_polymer_linkage.auth_comp_id_1   C 
_pdbx_validate_polymer_linkage.auth_seq_id_1    14 
_pdbx_validate_polymer_linkage.PDB_ins_code_1   ? 
_pdbx_validate_polymer_linkage.label_alt_id_1   ? 
_pdbx_validate_polymer_linkage.auth_atom_id_2   P 
_pdbx_validate_polymer_linkage.auth_asym_id_2   AAA 
_pdbx_validate_polymer_linkage.auth_comp_id_2   C 
_pdbx_validate_polymer_linkage.auth_seq_id_2    15 
_pdbx_validate_polymer_linkage.PDB_ins_code_2   ? 
_pdbx_validate_polymer_linkage.label_alt_id_2   ? 
_pdbx_validate_polymer_linkage.dist             2.19 
# 
loop_
_chem_comp_atom.comp_id 
_chem_comp_atom.atom_id 
_chem_comp_atom.type_symbol 
_chem_comp_atom.pdbx_aromatic_flag 
_chem_comp_atom.pdbx_stereo_config 
_chem_comp_atom.pdbx_ordinal 
A   OP3    O N N 1   
A   P      P N N 2   
A   OP1    O N N 3   
A   OP2    O N N 4   
A   "O5'"  O N N 5   
A   "C5'"  C N N 6   
A   "C4'"  C N R 7   
A   "O4'"  O N N 8   
A   "C3'"  C N S 9   
A   "O3'"  O N N 10  
A   "C2'"  C N R 11  
A   "O2'"  O N N 12  
A   "C1'"  C N R 13  
A   N9     N Y N 14  
A   C8     C Y N 15  
A   N7     N Y N 16  
A   C5     C Y N 17  
A   C6     C Y N 18  
A   N6     N N N 19  
A   N1     N Y N 20  
A   C2     C Y N 21  
A   N3     N Y N 22  
A   C4     C Y N 23  
A   HOP3   H N N 24  
A   HOP2   H N N 25  
A   "H5'"  H N N 26  
A   "H5''" H N N 27  
A   "H4'"  H N N 28  
A   "H3'"  H N N 29  
A   "HO3'" H N N 30  
A   "H2'"  H N N 31  
A   "HO2'" H N N 32  
A   "H1'"  H N N 33  
A   H8     H N N 34  
A   H61    H N N 35  
A   H62    H N N 36  
A   H2     H N N 37  
B2R C6     C Y N 38  
B2R N1     N Y N 39  
B2R C2     C Y N 40  
B2R C5     C Y N 41  
B2R C4     C Y N 42  
B2R C3     C Y N 43  
B2R C9     C Y N 44  
B2R C7     C Y N 45  
B2R C11    C N N 46  
B2R N8     N Y N 47  
B2R C10    C Y N 48  
B2R N23    N N N 49  
B2R C24    C N N 50  
B2R O36    O N N 51  
B2R O25    O N N 52  
B2R C26    C N N 53  
B2R C27    C N N 54  
B2R C28    C N N 55  
B2R N35    N N N 56  
B2R C34    C N N 57  
B2R C33    C N N 58  
B2R C32    C N N 59  
B2R O31    O N N 60  
B2R C30    C N N 61  
B2R O37    O N N 62  
B2R N29    N N N 63  
B2R C13    C Y N 64  
B2R C14    C Y N 65  
B2R C15    C Y N 66  
B2R C20    C Y N 67  
B2R C16    C Y N 68  
B2R C17    C Y N 69  
B2R C18    C Y N 70  
B2R C22    C N N 71  
B2R N19    N Y N 72  
B2R C21    C Y N 73  
B2R N12    N Y N 74  
B2R H1     H N N 75  
B2R H2     H N N 76  
B2R H3     H N N 77  
B2R H4     H N N 78  
B2R H5     H N N 79  
B2R H6     H N N 80  
B2R H7     H N N 81  
B2R H8     H N N 82  
B2R H9     H N N 83  
B2R H10    H N N 84  
B2R H11    H N N 85  
B2R H12    H N N 86  
B2R H13    H N N 87  
B2R H14    H N N 88  
B2R H30    H N N 89  
B2R H16    H N N 90  
B2R H17    H N N 91  
B2R H18    H N N 92  
B2R H19    H N N 93  
B2R H20    H N N 94  
B2R H21    H N N 95  
B2R H22    H N N 96  
B2R H23    H N N 97  
B2R H24    H N N 98  
B2R H25    H N N 99  
B2R H26    H N N 100 
B2R H27    H N N 101 
B2R H28    H N N 102 
B2R H29    H N N 103 
C   OP3    O N N 104 
C   P      P N N 105 
C   OP1    O N N 106 
C   OP2    O N N 107 
C   "O5'"  O N N 108 
C   "C5'"  C N N 109 
C   "C4'"  C N R 110 
C   "O4'"  O N N 111 
C   "C3'"  C N S 112 
C   "O3'"  O N N 113 
C   "C2'"  C N R 114 
C   "O2'"  O N N 115 
C   "C1'"  C N R 116 
C   N1     N N N 117 
C   C2     C N N 118 
C   O2     O N N 119 
C   N3     N N N 120 
C   C4     C N N 121 
C   N4     N N N 122 
C   C5     C N N 123 
C   C6     C N N 124 
C   HOP3   H N N 125 
C   HOP2   H N N 126 
C   "H5'"  H N N 127 
C   "H5''" H N N 128 
C   "H4'"  H N N 129 
C   "H3'"  H N N 130 
C   "HO3'" H N N 131 
C   "H2'"  H N N 132 
C   "HO2'" H N N 133 
C   "H1'"  H N N 134 
C   H41    H N N 135 
C   H42    H N N 136 
C   H5     H N N 137 
C   H6     H N N 138 
G   OP3    O N N 139 
G   P      P N N 140 
G   OP1    O N N 141 
G   OP2    O N N 142 
G   "O5'"  O N N 143 
G   "C5'"  C N N 144 
G   "C4'"  C N R 145 
G   "O4'"  O N N 146 
G   "C3'"  C N S 147 
G   "O3'"  O N N 148 
G   "C2'"  C N R 149 
G   "O2'"  O N N 150 
G   "C1'"  C N R 151 
G   N9     N Y N 152 
G   C8     C Y N 153 
G   N7     N Y N 154 
G   C5     C Y N 155 
G   C6     C N N 156 
G   O6     O N N 157 
G   N1     N N N 158 
G   C2     C N N 159 
G   N2     N N N 160 
G   N3     N N N 161 
G   C4     C Y N 162 
G   HOP3   H N N 163 
G   HOP2   H N N 164 
G   "H5'"  H N N 165 
G   "H5''" H N N 166 
G   "H4'"  H N N 167 
G   "H3'"  H N N 168 
G   "HO3'" H N N 169 
G   "H2'"  H N N 170 
G   "HO2'" H N N 171 
G   "H1'"  H N N 172 
G   H8     H N N 173 
G   H1     H N N 174 
G   H21    H N N 175 
G   H22    H N N 176 
HOH O      O N N 177 
HOH H1     H N N 178 
HOH H2     H N N 179 
U   OP3    O N N 180 
U   P      P N N 181 
U   OP1    O N N 182 
U   OP2    O N N 183 
U   "O5'"  O N N 184 
U   "C5'"  C N N 185 
U   "C4'"  C N R 186 
U   "O4'"  O N N 187 
U   "C3'"  C N S 188 
U   "O3'"  O N N 189 
U   "C2'"  C N R 190 
U   "O2'"  O N N 191 
U   "C1'"  C N R 192 
U   N1     N N N 193 
U   C2     C N N 194 
U   O2     O N N 195 
U   N3     N N N 196 
U   C4     C N N 197 
U   O4     O N N 198 
U   C5     C N N 199 
U   C6     C N N 200 
U   HOP3   H N N 201 
U   HOP2   H N N 202 
U   "H5'"  H N N 203 
U   "H5''" H N N 204 
U   "H4'"  H N N 205 
U   "H3'"  H N N 206 
U   "HO3'" H N N 207 
U   "H2'"  H N N 208 
U   "HO2'" H N N 209 
U   "H1'"  H N N 210 
U   H3     H N N 211 
U   H5     H N N 212 
U   H6     H N N 213 
# 
loop_
_chem_comp_bond.comp_id 
_chem_comp_bond.atom_id_1 
_chem_comp_bond.atom_id_2 
_chem_comp_bond.value_order 
_chem_comp_bond.pdbx_aromatic_flag 
_chem_comp_bond.pdbx_stereo_config 
_chem_comp_bond.pdbx_ordinal 
A   OP3   P      sing N N 1   
A   OP3   HOP3   sing N N 2   
A   P     OP1    doub N N 3   
A   P     OP2    sing N N 4   
A   P     "O5'"  sing N N 5   
A   OP2   HOP2   sing N N 6   
A   "O5'" "C5'"  sing N N 7   
A   "C5'" "C4'"  sing N N 8   
A   "C5'" "H5'"  sing N N 9   
A   "C5'" "H5''" sing N N 10  
A   "C4'" "O4'"  sing N N 11  
A   "C4'" "C3'"  sing N N 12  
A   "C4'" "H4'"  sing N N 13  
A   "O4'" "C1'"  sing N N 14  
A   "C3'" "O3'"  sing N N 15  
A   "C3'" "C2'"  sing N N 16  
A   "C3'" "H3'"  sing N N 17  
A   "O3'" "HO3'" sing N N 18  
A   "C2'" "O2'"  sing N N 19  
A   "C2'" "C1'"  sing N N 20  
A   "C2'" "H2'"  sing N N 21  
A   "O2'" "HO2'" sing N N 22  
A   "C1'" N9     sing N N 23  
A   "C1'" "H1'"  sing N N 24  
A   N9    C8     sing Y N 25  
A   N9    C4     sing Y N 26  
A   C8    N7     doub Y N 27  
A   C8    H8     sing N N 28  
A   N7    C5     sing Y N 29  
A   C5    C6     sing Y N 30  
A   C5    C4     doub Y N 31  
A   C6    N6     sing N N 32  
A   C6    N1     doub Y N 33  
A   N6    H61    sing N N 34  
A   N6    H62    sing N N 35  
A   N1    C2     sing Y N 36  
A   C2    N3     doub Y N 37  
A   C2    H2     sing N N 38  
A   N3    C4     sing Y N 39  
B2R O37   C30    doub N N 40  
B2R C33   C34    sing N N 41  
B2R C33   C32    sing N N 42  
B2R N35   C34    sing N N 43  
B2R N35   C28    sing N N 44  
B2R C30   O31    sing N N 45  
B2R C30   N29    sing N N 46  
B2R O31   C32    sing N N 47  
B2R C14   C15    doub Y N 48  
B2R C14   C13    sing Y N 49  
B2R C15   C20    sing Y N 50  
B2R C27   C28    sing N N 51  
B2R C27   C26    sing N N 52  
B2R N29   C13    sing N N 53  
B2R C13   N12    doub Y N 54  
B2R C20   C16    doub Y N 55  
B2R C20   C21    sing Y N 56  
B2R N12   C21    sing Y N 57  
B2R C26   O25    sing N N 58  
B2R C16   C17    sing Y N 59  
B2R C21   N19    doub Y N 60  
B2R O25   C24    sing N N 61  
B2R C17   C18    doub Y N 62  
B2R N19   C18    sing Y N 63  
B2R C24   O36    doub N N 64  
B2R C24   N23    sing N N 65  
B2R C18   C22    sing N N 66  
B2R N23   C2     sing N N 67  
B2R C2    C3     doub Y N 68  
B2R C2    N1     sing Y N 69  
B2R C3    C4     sing Y N 70  
B2R N1    C10    doub Y N 71  
B2R C10   N8     sing Y N 72  
B2R C10   C9     sing Y N 73  
B2R C4    C9     doub Y N 74  
B2R N8    C7     doub Y N 75  
B2R C9    C5     sing Y N 76  
B2R C7    C6     sing Y N 77  
B2R C7    C11    sing N N 78  
B2R C5    C6     doub Y N 79  
B2R C6    H1     sing N N 80  
B2R C5    H2     sing N N 81  
B2R C4    H3     sing N N 82  
B2R C3    H4     sing N N 83  
B2R C11   H5     sing N N 84  
B2R C11   H6     sing N N 85  
B2R C11   H7     sing N N 86  
B2R N23   H8     sing N N 87  
B2R C26   H9     sing N N 88  
B2R C26   H10    sing N N 89  
B2R C27   H11    sing N N 90  
B2R C27   H12    sing N N 91  
B2R C28   H13    sing N N 92  
B2R C28   H14    sing N N 93  
B2R N35   H30    sing N N 94  
B2R C34   H16    sing N N 95  
B2R C34   H17    sing N N 96  
B2R C33   H18    sing N N 97  
B2R C33   H19    sing N N 98  
B2R C32   H20    sing N N 99  
B2R C32   H21    sing N N 100 
B2R N29   H22    sing N N 101 
B2R C14   H23    sing N N 102 
B2R C15   H24    sing N N 103 
B2R C16   H25    sing N N 104 
B2R C17   H26    sing N N 105 
B2R C22   H27    sing N N 106 
B2R C22   H28    sing N N 107 
B2R C22   H29    sing N N 108 
C   OP3   P      sing N N 109 
C   OP3   HOP3   sing N N 110 
C   P     OP1    doub N N 111 
C   P     OP2    sing N N 112 
C   P     "O5'"  sing N N 113 
C   OP2   HOP2   sing N N 114 
C   "O5'" "C5'"  sing N N 115 
C   "C5'" "C4'"  sing N N 116 
C   "C5'" "H5'"  sing N N 117 
C   "C5'" "H5''" sing N N 118 
C   "C4'" "O4'"  sing N N 119 
C   "C4'" "C3'"  sing N N 120 
C   "C4'" "H4'"  sing N N 121 
C   "O4'" "C1'"  sing N N 122 
C   "C3'" "O3'"  sing N N 123 
C   "C3'" "C2'"  sing N N 124 
C   "C3'" "H3'"  sing N N 125 
C   "O3'" "HO3'" sing N N 126 
C   "C2'" "O2'"  sing N N 127 
C   "C2'" "C1'"  sing N N 128 
C   "C2'" "H2'"  sing N N 129 
C   "O2'" "HO2'" sing N N 130 
C   "C1'" N1     sing N N 131 
C   "C1'" "H1'"  sing N N 132 
C   N1    C2     sing N N 133 
C   N1    C6     sing N N 134 
C   C2    O2     doub N N 135 
C   C2    N3     sing N N 136 
C   N3    C4     doub N N 137 
C   C4    N4     sing N N 138 
C   C4    C5     sing N N 139 
C   N4    H41    sing N N 140 
C   N4    H42    sing N N 141 
C   C5    C6     doub N N 142 
C   C5    H5     sing N N 143 
C   C6    H6     sing N N 144 
G   OP3   P      sing N N 145 
G   OP3   HOP3   sing N N 146 
G   P     OP1    doub N N 147 
G   P     OP2    sing N N 148 
G   P     "O5'"  sing N N 149 
G   OP2   HOP2   sing N N 150 
G   "O5'" "C5'"  sing N N 151 
G   "C5'" "C4'"  sing N N 152 
G   "C5'" "H5'"  sing N N 153 
G   "C5'" "H5''" sing N N 154 
G   "C4'" "O4'"  sing N N 155 
G   "C4'" "C3'"  sing N N 156 
G   "C4'" "H4'"  sing N N 157 
G   "O4'" "C1'"  sing N N 158 
G   "C3'" "O3'"  sing N N 159 
G   "C3'" "C2'"  sing N N 160 
G   "C3'" "H3'"  sing N N 161 
G   "O3'" "HO3'" sing N N 162 
G   "C2'" "O2'"  sing N N 163 
G   "C2'" "C1'"  sing N N 164 
G   "C2'" "H2'"  sing N N 165 
G   "O2'" "HO2'" sing N N 166 
G   "C1'" N9     sing N N 167 
G   "C1'" "H1'"  sing N N 168 
G   N9    C8     sing Y N 169 
G   N9    C4     sing Y N 170 
G   C8    N7     doub Y N 171 
G   C8    H8     sing N N 172 
G   N7    C5     sing Y N 173 
G   C5    C6     sing N N 174 
G   C5    C4     doub Y N 175 
G   C6    O6     doub N N 176 
G   C6    N1     sing N N 177 
G   N1    C2     sing N N 178 
G   N1    H1     sing N N 179 
G   C2    N2     sing N N 180 
G   C2    N3     doub N N 181 
G   N2    H21    sing N N 182 
G   N2    H22    sing N N 183 
G   N3    C4     sing N N 184 
HOH O     H1     sing N N 185 
HOH O     H2     sing N N 186 
U   OP3   P      sing N N 187 
U   OP3   HOP3   sing N N 188 
U   P     OP1    doub N N 189 
U   P     OP2    sing N N 190 
U   P     "O5'"  sing N N 191 
U   OP2   HOP2   sing N N 192 
U   "O5'" "C5'"  sing N N 193 
U   "C5'" "C4'"  sing N N 194 
U   "C5'" "H5'"  sing N N 195 
U   "C5'" "H5''" sing N N 196 
U   "C4'" "O4'"  sing N N 197 
U   "C4'" "C3'"  sing N N 198 
U   "C4'" "H4'"  sing N N 199 
U   "O4'" "C1'"  sing N N 200 
U   "C3'" "O3'"  sing N N 201 
U   "C3'" "C2'"  sing N N 202 
U   "C3'" "H3'"  sing N N 203 
U   "O3'" "HO3'" sing N N 204 
U   "C2'" "O2'"  sing N N 205 
U   "C2'" "C1'"  sing N N 206 
U   "C2'" "H2'"  sing N N 207 
U   "O2'" "HO2'" sing N N 208 
U   "C1'" N1     sing N N 209 
U   "C1'" "H1'"  sing N N 210 
U   N1    C2     sing N N 211 
U   N1    C6     sing N N 212 
U   C2    O2     doub N N 213 
U   C2    N3     sing N N 214 
U   N3    C4     sing N N 215 
U   N3    H3     sing N N 216 
U   C4    O4     doub N N 217 
U   C4    C5     sing N N 218 
U   C5    C6     doub N N 219 
U   C5    H5     sing N N 220 
U   C6    H6     sing N N 221 
# 
_ndb_struct_conf_na.entry_id   9IF0 
_ndb_struct_conf_na.feature    'a-form double helix' 
# 
loop_
_ndb_struct_na_base_pair.model_number 
_ndb_struct_na_base_pair.i_label_asym_id 
_ndb_struct_na_base_pair.i_label_comp_id 
_ndb_struct_na_base_pair.i_label_seq_id 
_ndb_struct_na_base_pair.i_symmetry 
_ndb_struct_na_base_pair.j_label_asym_id 
_ndb_struct_na_base_pair.j_label_comp_id 
_ndb_struct_na_base_pair.j_label_seq_id 
_ndb_struct_na_base_pair.j_symmetry 
_ndb_struct_na_base_pair.shear 
_ndb_struct_na_base_pair.stretch 
_ndb_struct_na_base_pair.stagger 
_ndb_struct_na_base_pair.buckle 
_ndb_struct_na_base_pair.propeller 
_ndb_struct_na_base_pair.opening 
_ndb_struct_na_base_pair.pair_number 
_ndb_struct_na_base_pair.pair_name 
_ndb_struct_na_base_pair.i_auth_asym_id 
_ndb_struct_na_base_pair.i_auth_seq_id 
_ndb_struct_na_base_pair.i_PDB_ins_code 
_ndb_struct_na_base_pair.j_auth_asym_id 
_ndb_struct_na_base_pair.j_auth_seq_id 
_ndb_struct_na_base_pair.j_PDB_ins_code 
_ndb_struct_na_base_pair.hbond_type_28 
_ndb_struct_na_base_pair.hbond_type_12 
1 A G 1  1_555 B C 15 1_555 0.166  -0.135 0.467  -1.467 1.883   -1.940 1  AAA_G1:C15_BBB AAA 1  ? BBB 15 ? 19 1 
1 A G 2  1_555 B C 14 1_555 -0.191 0.038  -0.007 -1.356 -12.494 4.900  2  AAA_G2:C14_BBB AAA 2  ? BBB 14 ? 19 1 
1 A C 3  1_555 B G 13 1_555 -0.162 -0.225 0.251  4.493  -13.373 -6.276 3  AAA_C3:G13_BBB AAA 3  ? BBB 13 ? 19 1 
1 A A 4  1_555 B U 12 1_555 -0.370 -0.164 -0.584 -3.500 -18.804 -3.213 4  AAA_A4:U12_BBB AAA 4  ? BBB 12 ? 20 1 
1 A C 5  1_555 B G 11 1_555 0.058  -0.042 -0.038 -1.500 -25.445 3.499  5  AAA_C5:G11_BBB AAA 5  ? BBB 11 ? 19 1 
1 A U 6  1_555 B A 10 1_555 0.179  0.265  0.156  -4.142 -16.402 5.947  6  AAA_U6:A10_BBB AAA 6  ? BBB 10 ? 20 1 
1 A A 10 1_555 B U 6  1_555 0.137  -0.035 -0.047 8.682  -12.468 2.236  7  AAA_A10:U6_BBB AAA 10 ? BBB 6  ? 20 1 
1 A G 11 1_555 B C 5  1_555 -0.395 0.015  0.005  -1.930 -16.602 4.261  8  AAA_G11:C5_BBB AAA 11 ? BBB 5  ? 19 1 
1 A U 12 1_555 B A 4  1_555 0.487  -0.250 0.658  -5.195 -17.708 6.150  9  AAA_U12:A4_BBB AAA 12 ? BBB 4  ? 20 1 
1 A G 13 1_555 B C 3  1_555 0.182  -0.007 0.089  -7.769 -12.102 1.748  10 AAA_G13:C3_BBB AAA 13 ? BBB 3  ? 19 1 
1 A C 14 1_555 B G 2  1_555 0.449  -0.397 0.380  -6.248 -13.736 2.507  11 AAA_C14:G2_BBB AAA 14 ? BBB 2  ? 19 1 
1 A C 15 1_555 B G 1  1_555 -0.021 -0.037 0.164  0.186  -7.433  0.829  12 AAA_C15:G1_BBB AAA 15 ? BBB 1  ? 19 1 
# 
loop_
_ndb_struct_na_base_pair_step.model_number 
_ndb_struct_na_base_pair_step.i_label_asym_id_1 
_ndb_struct_na_base_pair_step.i_label_comp_id_1 
_ndb_struct_na_base_pair_step.i_label_seq_id_1 
_ndb_struct_na_base_pair_step.i_symmetry_1 
_ndb_struct_na_base_pair_step.j_label_asym_id_1 
_ndb_struct_na_base_pair_step.j_label_comp_id_1 
_ndb_struct_na_base_pair_step.j_label_seq_id_1 
_ndb_struct_na_base_pair_step.j_symmetry_1 
_ndb_struct_na_base_pair_step.i_label_asym_id_2 
_ndb_struct_na_base_pair_step.i_label_comp_id_2 
_ndb_struct_na_base_pair_step.i_label_seq_id_2 
_ndb_struct_na_base_pair_step.i_symmetry_2 
_ndb_struct_na_base_pair_step.j_label_asym_id_2 
_ndb_struct_na_base_pair_step.j_label_comp_id_2 
_ndb_struct_na_base_pair_step.j_label_seq_id_2 
_ndb_struct_na_base_pair_step.j_symmetry_2 
_ndb_struct_na_base_pair_step.shift 
_ndb_struct_na_base_pair_step.slide 
_ndb_struct_na_base_pair_step.rise 
_ndb_struct_na_base_pair_step.tilt 
_ndb_struct_na_base_pair_step.roll 
_ndb_struct_na_base_pair_step.twist 
_ndb_struct_na_base_pair_step.x_displacement 
_ndb_struct_na_base_pair_step.y_displacement 
_ndb_struct_na_base_pair_step.helical_rise 
_ndb_struct_na_base_pair_step.inclination 
_ndb_struct_na_base_pair_step.tip 
_ndb_struct_na_base_pair_step.helical_twist 
_ndb_struct_na_base_pair_step.step_number 
_ndb_struct_na_base_pair_step.step_name 
_ndb_struct_na_base_pair_step.i_auth_asym_id_1 
_ndb_struct_na_base_pair_step.i_auth_seq_id_1 
_ndb_struct_na_base_pair_step.i_PDB_ins_code_1 
_ndb_struct_na_base_pair_step.j_auth_asym_id_1 
_ndb_struct_na_base_pair_step.j_auth_seq_id_1 
_ndb_struct_na_base_pair_step.j_PDB_ins_code_1 
_ndb_struct_na_base_pair_step.i_auth_asym_id_2 
_ndb_struct_na_base_pair_step.i_auth_seq_id_2 
_ndb_struct_na_base_pair_step.i_PDB_ins_code_2 
_ndb_struct_na_base_pair_step.j_auth_asym_id_2 
_ndb_struct_na_base_pair_step.j_auth_seq_id_2 
_ndb_struct_na_base_pair_step.j_PDB_ins_code_2 
1 A G 1  1_555 B C 15 1_555 A G 2  1_555 B C 14 1_555 -0.293 -1.952 3.346 3.155  4.724  28.188 -4.960 1.276  2.937 9.577  -6.395 
28.744 1  AAAAAA_G1G2:C14C15_BBBBBB AAA 1  ? BBB 15 ? AAA 2  ? BBB 14 ? 
1 A G 2  1_555 B C 14 1_555 A C 3  1_555 B G 13 1_555 -0.273 -1.449 3.188 -4.763 0.986  33.135 -2.674 -0.292 3.152 1.718  8.297  
33.480 2  AAAAAA_G2C3:G13C14_BBBBBB AAA 2  ? BBB 14 ? AAA 3  ? BBB 13 ? 
1 A C 3  1_555 B G 13 1_555 A A 4  1_555 B U 12 1_555 -0.598 -1.468 3.371 3.429  13.175 28.591 -4.962 1.687  2.394 24.968 -6.498 
31.606 3  AAAAAA_C3A4:U12G13_BBBBBB AAA 3  ? BBB 13 ? AAA 4  ? BBB 12 ? 
1 A A 4  1_555 B U 12 1_555 A C 5  1_555 B G 11 1_555 0.104  -1.319 3.226 -3.555 5.814  34.320 -3.031 -0.683 2.945 9.734  5.952  
34.970 4  AAAAAA_A4C5:G11U12_BBBBBB AAA 4  ? BBB 12 ? AAA 5  ? BBB 11 ? 
1 A C 5  1_555 B G 11 1_555 A U 6  1_555 B A 10 1_555 0.568  -1.085 3.315 1.640  7.006  35.691 -2.700 -0.684 3.076 11.290 -2.643 
36.386 5  AAAAAA_C5U6:A10G11_BBBBBB AAA 5  ? BBB 11 ? AAA 6  ? BBB 10 ? 
1 A A 10 1_555 B U 6  1_555 A G 11 1_555 B C 5  1_555 -0.471 -1.341 3.549 -1.994 10.143 33.044 -3.872 0.476  3.040 17.313 3.403  
34.580 6  AAAAAA_A10G11:C5U6_BBBBBB AAA 10 ? BBB 6  ? AAA 11 ? BBB 5  ? 
1 A G 11 1_555 B C 5  1_555 A U 12 1_555 B A 4  1_555 0.237  -1.130 3.339 -4.398 7.399  34.645 -2.899 -1.013 2.991 12.194 7.248  
35.666 7  AAAAAA_G11U12:A4C5_BBBBBB AAA 11 ? BBB 5  ? AAA 12 ? BBB 4  ? 
1 A U 12 1_555 B A 4  1_555 A G 13 1_555 B C 3  1_555 0.126  -1.340 3.098 4.804  7.341  32.942 -3.348 0.480  2.736 12.667 -8.291 
34.059 8  AAAAAA_U12G13:C3A4_BBBBBB AAA 12 ? BBB 4  ? AAA 13 ? BBB 3  ? 
1 A G 13 1_555 B C 3  1_555 A C 14 1_555 B G 2  1_555 0.486  -1.676 3.227 -1.118 1.260  31.437 -3.317 -1.098 3.140 2.324  2.061  
31.481 9  AAAAAA_G13C14:G2C3_BBBBBB AAA 13 ? BBB 3  ? AAA 14 ? BBB 2  ? 
1 A C 14 1_555 B G 2  1_555 A C 15 1_555 B G 1  1_555 -0.105 -2.253 2.981 1.678  2.898  26.942 -5.439 0.593  2.716 6.190  -3.584 
27.146 10 AAAAAA_C14C15:G1G2_BBBBBB AAA 14 ? BBB 2  ? AAA 15 ? BBB 1  ? 
# 
loop_
_pdbx_audit_support.funding_organization 
_pdbx_audit_support.country 
_pdbx_audit_support.grant_number 
_pdbx_audit_support.ordinal 
'Polish National Science Centre' Poland 2022/45/B/NZ7/03543 1 
'Polish National Science Centre' Poland 2017/26/E/NZ1/00950 2 
# 
_pdbx_initial_refinement_model.id               1 
_pdbx_initial_refinement_model.entity_id_list   ? 
_pdbx_initial_refinement_model.type             'experimental model' 
_pdbx_initial_refinement_model.source_name      PDB 
_pdbx_initial_refinement_model.accession_code   9I9W 
_pdbx_initial_refinement_model.details          ? 
# 
_pdbx_related_exp_data_set.ordinal              1 
_pdbx_related_exp_data_set.data_reference       10.60884/NO2MXW 
_pdbx_related_exp_data_set.metadata_reference   ? 
_pdbx_related_exp_data_set.data_set_type        'diffraction image data' 
_pdbx_related_exp_data_set.details              ? 
# 
_atom_sites.entry_id                    9IF0 
_atom_sites.Cartn_transf_matrix[1][1]   ? 
_atom_sites.Cartn_transf_matrix[1][2]   ? 
_atom_sites.Cartn_transf_matrix[1][3]   ? 
_atom_sites.Cartn_transf_matrix[2][1]   ? 
_atom_sites.Cartn_transf_matrix[2][2]   ? 
_atom_sites.Cartn_transf_matrix[2][3]   ? 
_atom_sites.Cartn_transf_matrix[3][1]   ? 
_atom_sites.Cartn_transf_matrix[3][2]   ? 
_atom_sites.Cartn_transf_matrix[3][3]   ? 
_atom_sites.Cartn_transf_vector[1]      ? 
_atom_sites.Cartn_transf_vector[2]      ? 
_atom_sites.Cartn_transf_vector[3]      ? 
_atom_sites.Cartn_transform_axes        ? 
_atom_sites.fract_transf_matrix[1][1]   -0.00810403 
_atom_sites.fract_transf_matrix[1][2]   -0.00712112 
_atom_sites.fract_transf_matrix[1][3]   -0.00109234 
_atom_sites.fract_transf_matrix[2][1]   0.02609331 
_atom_sites.fract_transf_matrix[2][2]   -0.02835717 
_atom_sites.fract_transf_matrix[2][3]   -0.00872067 
_atom_sites.fract_transf_matrix[3][1]   -0.00204405 
_atom_sites.fract_transf_matrix[3][2]   -0.00829979 
_atom_sites.fract_transf_matrix[3][3]   0.02087255 
_atom_sites.fract_transf_vector[1]      -0.000941 
_atom_sites.fract_transf_vector[2]      0.404526 
_atom_sites.fract_transf_vector[3]      0.250570 
_atom_sites.solution_primary            ? 
_atom_sites.solution_secondary          ? 
_atom_sites.solution_hydrogens          ? 
_atom_sites.special_details             ? 
# 
loop_
_atom_type.symbol 
_atom_type.pdbx_scat_Z 
_atom_type.pdbx_N_electrons 
_atom_type.scat_Cromer_Mann_a1 
_atom_type.scat_Cromer_Mann_b1 
_atom_type.scat_Cromer_Mann_a2 
_atom_type.scat_Cromer_Mann_b2 
_atom_type.scat_Cromer_Mann_a3 
_atom_type.scat_Cromer_Mann_b3 
_atom_type.scat_Cromer_Mann_a4 
_atom_type.scat_Cromer_Mann_b4 
_atom_type.scat_Cromer_Mann_c 
C 6  6  2.310  20.844 1.020 10.208 1.589 0.569  0.865 51.651 0.216   
H 1  1  0.493  10.511 0.323 26.126 0.140 3.142  0.041 57.800 0.003   
N 7  7  12.222 0.006  3.135 9.893  2.014 28.997 1.167 0.583  -11.538 
O 8  8  3.049  13.277 2.287 5.701  1.546 0.324  0.867 32.909 0.251   
P 15 15 6.435  1.907  4.179 27.157 1.780 0.526  1.491 68.164 1.115   
# 
loop_
_atom_site.group_PDB 
_atom_site.id 
_atom_site.type_symbol 
_atom_site.label_atom_id 
_atom_site.label_alt_id 
_atom_site.label_comp_id 
_atom_site.label_asym_id 
_atom_site.label_entity_id 
_atom_site.label_seq_id 
_atom_site.pdbx_PDB_ins_code 
_atom_site.Cartn_x 
_atom_site.Cartn_y 
_atom_site.Cartn_z 
_atom_site.occupancy 
_atom_site.B_iso_or_equiv 
_atom_site.pdbx_formal_charge 
_atom_site.auth_seq_id 
_atom_site.auth_comp_id 
_atom_site.auth_asym_id 
_atom_site.auth_atom_id 
_atom_site.pdbx_PDB_model_num 
_atom_site.calc_flag 
ATOM   1   O "O5'" . G   A 1 1  ? -15.877 -12.394 -8.976  1.000 68.760  ? 1   G   AAA "O5'" 1 ? 
ATOM   2   C "C5'" . G   A 1 1  ? -16.926 -11.576 -8.422  1.000 66.480  ? 1   G   AAA "C5'" 1 ? 
ATOM   3   C "C4'" . G   A 1 1  ? -17.435 -12.191 -7.156  1.000 60.900  ? 1   G   AAA "C4'" 1 ? 
ATOM   4   O "O4'" . G   A 1 1  ? -17.672 -13.620 -7.350  1.000 71.850  ? 1   G   AAA "O4'" 1 ? 
ATOM   5   C "C3'" . G   A 1 1  ? -16.481 -12.127 -5.985  1.000 54.810  ? 1   G   AAA "C3'" 1 ? 
ATOM   6   O "O3'" . G   A 1 1  ? -16.602 -10.812 -5.458  1.000 52.320  ? 1   G   AAA "O3'" 1 ? 
ATOM   7   C "C2'" . G   A 1 1  ? -17.029 -13.244 -5.127  1.000 55.890  ? 1   G   AAA "C2'" 1 ? 
ATOM   8   O "O2'" . G   A 1 1  ? -18.282 -12.889 -4.595  1.000 57.800  ? 1   G   AAA "O2'" 1 ? 
ATOM   9   C "C1'" . G   A 1 1  ? -17.297 -14.323 -6.181  1.000 58.300  ? 1   G   AAA "C1'" 1 ? 
ATOM   10  N N9    . G   A 1 1  ? -16.122 -15.139 -6.470  1.000 63.570  ? 1   G   AAA N9    1 ? 
ATOM   11  C C8    . G   A 1 1  ? -15.356 -15.152 -7.615  1.000 64.500  ? 1   G   AAA C8    1 ? 
ATOM   12  N N7    . G   A 1 1  ? -14.331 -15.958 -7.538  1.000 59.760  ? 1   G   AAA N7    1 ? 
ATOM   13  C C5    . G   A 1 1  ? -14.411 -16.493 -6.259  1.000 56.980  ? 1   G   AAA C5    1 ? 
ATOM   14  C C6    . G   A 1 1  ? -13.591 -17.450 -5.614  1.000 58.470  ? 1   G   AAA C6    1 ? 
ATOM   15  O O6    . G   A 1 1  ? -12.575 -18.006 -6.044  1.000 64.180  ? 1   G   AAA O6    1 ? 
ATOM   16  N N1    . G   A 1 1  ? -14.056 -17.747 -4.337  1.000 61.590  ? 1   G   AAA N1    1 ? 
ATOM   17  C C2    . G   A 1 1  ? -15.167 -17.187 -3.752  1.000 64.460  ? 1   G   AAA C2    1 ? 
ATOM   18  N N2    . G   A 1 1  ? -15.433 -17.576 -2.500  1.000 62.880  ? 1   G   AAA N2    1 ? 
ATOM   19  N N3    . G   A 1 1  ? -15.952 -16.303 -4.348  1.000 52.270  ? 1   G   AAA N3    1 ? 
ATOM   20  C C4    . G   A 1 1  ? -15.514 -16.000 -5.589  1.000 59.100  ? 1   G   AAA C4    1 ? 
ATOM   21  P P     . G   A 1 2  ? -15.475 -10.181 -4.518  1.000 59.910  ? 2   G   AAA P     1 ? 
ATOM   22  O OP1   . G   A 1 2  ? -15.927 -8.799  -4.220  1.000 49.320  ? 2   G   AAA OP1   1 ? 
ATOM   23  O OP2   . G   A 1 2  ? -14.123 -10.428 -5.138  1.000 41.870  ? 2   G   AAA OP2   1 ? 
ATOM   24  O "O5'" . G   A 1 2  ? -15.527 -11.069 -3.186  1.000 54.270  ? 2   G   AAA "O5'" 1 ? 
ATOM   25  C "C5'" . G   A 1 2  ? -16.767 -11.269 -2.505  1.000 50.290  ? 2   G   AAA "C5'" 1 ? 
ATOM   26  C "C4'" . G   A 1 2  ? -16.552 -12.080 -1.267  1.000 56.390  ? 2   G   AAA "C4'" 1 ? 
ATOM   27  O "O4'" . G   A 1 2  ? -16.461 -13.484 -1.631  1.000 63.250  ? 2   G   AAA "O4'" 1 ? 
ATOM   28  C "C3'" . G   A 1 2  ? -15.270 -11.796 -0.509  1.000 58.360  ? 2   G   AAA "C3'" 1 ? 
ATOM   29  O "O3'" . G   A 1 2  ? -15.383 -10.681 0.377   1.000 67.010  ? 2   G   AAA "O3'" 1 ? 
ATOM   30  C "C2'" . G   A 1 2  ? -15.064 -13.108 0.222   1.000 62.220  ? 2   G   AAA "C2'" 1 ? 
ATOM   31  O "O2'" . G   A 1 2  ? -15.957 -13.269 1.294   1.000 65.150  ? 2   G   AAA "O2'" 1 ? 
ATOM   32  C "C1'" . G   A 1 2  ? -15.443 -14.101 -0.862  1.000 63.970  ? 2   G   AAA "C1'" 1 ? 
ATOM   33  N N9    . G   A 1 2  ? -14.337 -14.433 -1.744  1.000 62.820  ? 2   G   AAA N9    1 ? 
ATOM   34  C C8    . G   A 1 2  ? -14.071 -13.895 -2.980  1.000 71.470  ? 2   G   AAA C8    1 ? 
ATOM   35  N N7    . G   A 1 2  ? -13.002 -14.395 -3.537  1.000 69.880  ? 2   G   AAA N7    1 ? 
ATOM   36  C C5    . G   A 1 2  ? -12.557 -15.347 -2.630  1.000 75.170  ? 2   G   AAA C5    1 ? 
ATOM   37  C C6    . G   A 1 2  ? -11.458 -16.239 -2.703  1.000 74.390  ? 2   G   AAA C6    1 ? 
ATOM   38  O O6    . G   A 1 2  ? -10.633 -16.365 -3.610  1.000 73.760  ? 2   G   AAA O6    1 ? 
ATOM   39  N N1    . G   A 1 2  ? -11.361 -17.031 -1.561  1.000 72.310  ? 2   G   AAA N1    1 ? 
ATOM   40  C C2    . G   A 1 2  ? -12.232 -16.987 -0.500  1.000 73.360  ? 2   G   AAA C2    1 ? 
ATOM   41  N N2    . G   A 1 2  ? -11.979 -17.835 0.503   1.000 75.340  ? 2   G   AAA N2    1 ? 
ATOM   42  N N3    . G   A 1 2  ? -13.261 -16.157 -0.420  1.000 71.260  ? 2   G   AAA N3    1 ? 
ATOM   43  C C4    . G   A 1 2  ? -13.366 -15.377 -1.515  1.000 72.440  ? 2   G   AAA C4    1 ? 
ATOM   44  P P     . C   A 1 3  ? -14.058 -10.055 1.092   1.000 63.600  ? 3   C   AAA P     1 ? 
ATOM   45  O OP1   . C   A 1 3  ? -14.477 -9.055  2.103   1.000 69.390  ? 3   C   AAA OP1   1 ? 
ATOM   46  O OP2   . C   A 1 3  ? -13.005 -9.790  0.098   1.000 57.410  ? 3   C   AAA OP2   1 ? 
ATOM   47  O "O5'" . C   A 1 3  ? -13.440 -11.264 1.898   1.000 61.600  ? 3   C   AAA "O5'" 1 ? 
ATOM   48  C "C5'" . C   A 1 3  ? -13.933 -11.521 3.190   1.000 60.560  ? 3   C   AAA "C5'" 1 ? 
ATOM   49  C "C4'" . C   A 1 3  ? -13.155 -12.669 3.695   1.000 64.540  ? 3   C   AAA "C4'" 1 ? 
ATOM   50  O "O4'" . C   A 1 3  ? -13.069 -13.661 2.655   1.000 63.550  ? 3   C   AAA "O4'" 1 ? 
ATOM   51  C "C3'" . C   A 1 3  ? -11.705 -12.321 3.942   1.000 67.910  ? 3   C   AAA "C3'" 1 ? 
ATOM   52  O "O3'" . C   A 1 3  ? -11.602 -11.593 5.144   1.000 82.160  ? 3   C   AAA "O3'" 1 ? 
ATOM   53  C "C2'" . C   A 1 3  ? -11.058 -13.690 3.916   1.000 67.680  ? 3   C   AAA "C2'" 1 ? 
ATOM   54  O "O2'" . C   A 1 3  ? -11.185 -14.490 5.066   1.000 71.670  ? 3   C   AAA "O2'" 1 ? 
ATOM   55  C "C1'" . C   A 1 3  ? -11.819 -14.323 2.761   1.000 66.160  ? 3   C   AAA "C1'" 1 ? 
ATOM   56  N N1    . C   A 1 3  ? -11.082 -14.171 1.511   1.000 63.950  ? 3   C   AAA N1    1 ? 
ATOM   57  C C2    . C   A 1 3  ? -9.981  -15.006 1.313   1.000 69.300  ? 3   C   AAA C2    1 ? 
ATOM   58  O O2    . C   A 1 3  ? -9.665  -15.799 2.210   1.000 70.480  ? 3   C   AAA O2    1 ? 
ATOM   59  N N3    . C   A 1 3  ? -9.283  -14.918 0.162   1.000 75.740  ? 3   C   AAA N3    1 ? 
ATOM   60  C C4    . C   A 1 3  ? -9.638  -14.025 -0.765  1.000 69.740  ? 3   C   AAA C4    1 ? 
ATOM   61  N N4    . C   A 1 3  ? -8.907  -13.962 -1.876  1.000 62.670  ? 3   C   AAA N4    1 ? 
ATOM   62  C C5    . C   A 1 3  ? -10.759 -13.161 -0.589  1.000 58.290  ? 3   C   AAA C5    1 ? 
ATOM   63  C C6    . C   A 1 3  ? -11.421 -13.239 0.571   1.000 56.540  ? 3   C   AAA C6    1 ? 
ATOM   64  P P     . A   A 1 4  ? -10.353 -10.659 5.377   1.000 87.950  ? 4   A   AAA P     1 ? 
ATOM   65  O OP1   . A   A 1 4  ? -10.530 -10.043 6.705   1.000 71.690  ? 4   A   AAA OP1   1 ? 
ATOM   66  O OP2   . A   A 1 4  ? -10.203 -9.771  4.186   1.000 88.790  ? 4   A   AAA OP2   1 ? 
ATOM   67  O "O5'" . A   A 1 4  ? -9.162  -11.708 5.471   1.000 63.050  ? 4   A   AAA "O5'" 1 ? 
ATOM   68  C "C5'" . A   A 1 4  ? -9.078  -12.417 6.688   1.000 70.330  ? 4   A   AAA "C5'" 1 ? 
ATOM   69  C "C4'" . A   A 1 4  ? -7.882  -13.290 6.663   1.000 73.170  ? 4   A   AAA "C4'" 1 ? 
ATOM   70  O "O4'" . A   A 1 4  ? -7.999  -14.161 5.529   1.000 78.920  ? 4   A   AAA "O4'" 1 ? 
ATOM   71  C "C3'" . A   A 1 4  ? -6.579  -12.548 6.434   1.000 77.960  ? 4   A   AAA "C3'" 1 ? 
ATOM   72  O "O3'" . A   A 1 4  ? -6.170  -11.994 7.669   1.000 81.590  ? 4   A   AAA "O3'" 1 ? 
ATOM   73  C "C2'" . A   A 1 4  ? -5.697  -13.633 5.826   1.000 75.990  ? 4   A   AAA "C2'" 1 ? 
ATOM   74  O "O2'" . A   A 1 4  ? -4.986  -14.546 6.644   1.000 73.680  ? 4   A   AAA "O2'" 1 ? 
ATOM   75  C "C1'" . A   A 1 4  ? -6.717  -14.380 4.981   1.000 78.410  ? 4   A   AAA "C1'" 1 ? 
ATOM   76  N N9    . A   A 1 4  ? -6.743  -13.896 3.615   1.000 79.260  ? 4   A   AAA N9    1 ? 
ATOM   77  C C8    . A   A 1 4  ? -7.596  -13.010 3.002   1.000 77.660  ? 4   A   AAA C8    1 ? 
ATOM   78  N N7    . A   A 1 4  ? -7.335  -12.824 1.730   1.000 75.160  ? 4   A   AAA N7    1 ? 
ATOM   79  C C5    . A   A 1 4  ? -6.221  -13.621 1.500   1.000 61.500  ? 4   A   AAA C5    1 ? 
ATOM   80  C C6    . A   A 1 4  ? -5.457  -13.863 0.351   1.000 63.660  ? 4   A   AAA C6    1 ? 
ATOM   81  N N6    . A   A 1 4  ? -5.715  -13.311 -0.837  1.000 61.220  ? 4   A   AAA N6    1 ? 
ATOM   82  N N1    . A   A 1 4  ? -4.428  -14.736 0.452   1.000 76.710  ? 4   A   AAA N1    1 ? 
ATOM   83  C C2    . A   A 1 4  ? -4.184  -15.304 1.643   1.000 79.730  ? 4   A   AAA C2    1 ? 
ATOM   84  N N3    . A   A 1 4  ? -4.827  -15.145 2.799   1.000 63.070  ? 4   A   AAA N3    1 ? 
ATOM   85  C C4    . A   A 1 4  ? -5.849  -14.288 2.653   1.000 65.050  ? 4   A   AAA C4    1 ? 
ATOM   86  P P     . C   A 1 5  ? -5.003  -10.926 7.679   1.000 78.750  ? 5   C   AAA P     1 ? 
ATOM   87  O OP1   . C   A 1 5  ? -4.399  -10.887 9.035   1.000 80.070  ? 5   C   AAA OP1   1 ? 
ATOM   88  O OP2   . C   A 1 5  ? -5.579  -9.653  7.101   1.000 68.190  ? 5   C   AAA OP2   1 ? 
ATOM   89  O "O5'" . C   A 1 5  ? -3.856  -11.696 6.879   1.000 59.580  ? 5   C   AAA "O5'" 1 ? 
ATOM   90  C "C5'" . C   A 1 5  ? -2.951  -12.578 7.555   1.000 58.790  ? 5   C   AAA "C5'" 1 ? 
ATOM   91  C "C4'" . C   A 1 5  ? -1.853  -13.029 6.623   1.000 64.700  ? 5   C   AAA "C4'" 1 ? 
ATOM   92  O "O4'" . C   A 1 5  ? -2.402  -13.629 5.417   1.000 70.040  ? 5   C   AAA "O4'" 1 ? 
ATOM   93  C "C3'" . C   A 1 5  ? -0.909  -11.961 6.093   1.000 69.470  ? 5   C   AAA "C3'" 1 ? 
ATOM   94  O "O3'" A C   A 1 5  ? 0.053   -11.630 7.081   0.500 74.490  ? 5   C   AAA "O3'" 1 ? 
ATOM   95  O "O3'" B C   A 1 5  ? 0.053   -11.630 7.081   0.500 74.490  ? 5   C   AAA "O3'" 1 ? 
ATOM   96  C "C2'" . C   A 1 5  ? -0.292  -12.688 4.901   1.000 75.860  ? 5   C   AAA "C2'" 1 ? 
ATOM   97  O "O2'" . C   A 1 5  ? 0.661   -13.706 5.155   1.000 58.650  ? 5   C   AAA "O2'" 1 ? 
ATOM   98  C "C1'" . C   A 1 5  ? -1.523  -13.384 4.323   1.000 74.910  ? 5   C   AAA "C1'" 1 ? 
ATOM   99  N N1    . C   A 1 5  ? -2.235  -12.568 3.318   1.000 78.240  ? 5   C   AAA N1    1 ? 
ATOM   100 C C2    . C   A 1 5  ? -1.804  -12.599 1.982   1.000 82.200  ? 5   C   AAA C2    1 ? 
ATOM   101 O O2    . C   A 1 5  ? -0.821  -13.299 1.680   1.000 70.780  ? 5   C   AAA O2    1 ? 
ATOM   102 N N3    . C   A 1 5  ? -2.474  -11.868 1.058   1.000 79.620  ? 5   C   AAA N3    1 ? 
ATOM   103 C C4    . C   A 1 5  ? -3.524  -11.125 1.427   1.000 80.380  ? 5   C   AAA C4    1 ? 
ATOM   104 N N4    . C   A 1 5  ? -4.153  -10.417 0.487   1.000 73.990  ? 5   C   AAA N4    1 ? 
ATOM   105 C C5    . C   A 1 5  ? -3.963  -11.059 2.780   1.000 71.430  ? 5   C   AAA C5    1 ? 
ATOM   106 C C6    . C   A 1 5  ? -3.290  -11.779 3.685   1.000 69.650  ? 5   C   AAA C6    1 ? 
ATOM   107 P P     . U   A 1 6  ? 0.862   -10.256 7.014   1.000 80.720  ? 6   U   AAA P     1 ? 
ATOM   108 O OP1   . U   A 1 6  ? 1.945   -10.329 8.032   1.000 94.100  ? 6   U   AAA OP1   1 ? 
ATOM   109 O OP2   . U   A 1 6  ? -0.125  -9.127  7.054   1.000 63.810  ? 6   U   AAA OP2   1 ? 
ATOM   110 O "O5'" . U   A 1 6  ? 1.608   -10.335 5.607   1.000 71.490  ? 6   U   AAA "O5'" 1 ? 
ATOM   111 C "C5'" . U   A 1 6  ? 2.758   -11.159 5.354   1.000 65.850  ? 6   U   AAA "C5'" 1 ? 
ATOM   112 C "C4'" . U   A 1 6  ? 3.319   -10.809 3.990   1.000 82.880  ? 6   U   AAA "C4'" 1 ? 
ATOM   113 O "O4'" . U   A 1 6  ? 2.399   -11.254 2.945   1.000 87.460  ? 6   U   AAA "O4'" 1 ? 
ATOM   114 C "C3'" . U   A 1 6  ? 3.549   -9.323  3.677   1.000 84.750  ? 6   U   AAA "C3'" 1 ? 
ATOM   115 O "O3'" . U   A 1 6  ? 4.824   -8.770  4.037   1.000 84.430  ? 6   U   AAA "O3'" 1 ? 
ATOM   116 C "C2'" . U   A 1 6  ? 3.554   -9.325  2.152   1.000 88.000  ? 6   U   AAA "C2'" 1 ? 
ATOM   117 O "O2'" . U   A 1 6  ? 4.845   -9.582  1.625   1.000 82.220  ? 6   U   AAA "O2'" 1 ? 
ATOM   118 C "C1'" . U   A 1 6  ? 2.468   -10.365 1.832   1.000 77.220  ? 6   U   AAA "C1'" 1 ? 
ATOM   119 N N1    . U   A 1 6  ? 1.144   -9.744  1.628   1.000 68.650  ? 6   U   AAA N1    1 ? 
ATOM   120 C C2    . U   A 1 6  ? 0.763   -9.407  0.335   1.000 66.940  ? 6   U   AAA C2    1 ? 
ATOM   121 O O2    . U   A 1 6  ? 1.455   -9.653  -0.648  1.000 65.200  ? 6   U   AAA O2    1 ? 
ATOM   122 N N3    . U   A 1 6  ? -0.460  -8.779  0.239   1.000 58.140  ? 6   U   AAA N3    1 ? 
ATOM   123 C C4    . U   A 1 6  ? -1.318  -8.445  1.280   1.000 67.940  ? 6   U   AAA C4    1 ? 
ATOM   124 O O4    . U   A 1 6  ? -2.409  -7.909  1.033   1.000 54.110  ? 6   U   AAA O4    1 ? 
ATOM   125 C C5    . U   A 1 6  ? -0.830  -8.791  2.582   1.000 68.340  ? 6   U   AAA C5    1 ? 
ATOM   126 C C6    . U   A 1 6  ? 0.355   -9.405  2.709   1.000 71.490  ? 6   U   AAA C6    1 ? 
ATOM   127 P P     . G   A 1 7  ? 4.968   -7.328  4.750   1.000 76.060  ? 7   G   AAA P     1 ? 
ATOM   128 O OP1   . G   A 1 7  ? 6.374   -7.197  5.214   1.000 85.740  ? 7   G   AAA OP1   1 ? 
ATOM   129 O OP2   . G   A 1 7  ? 3.857   -7.138  5.711   1.000 92.350  ? 7   G   AAA OP2   1 ? 
ATOM   130 O "O5'" . G   A 1 7  ? 4.730   -6.282  3.569   1.000 77.470  ? 7   G   AAA "O5'" 1 ? 
ATOM   131 C "C5'" . G   A 1 7  ? 4.812   -4.862  3.828   1.000 70.240  ? 7   G   AAA "C5'" 1 ? 
ATOM   132 C "C4'" . G   A 1 7  ? 6.171   -4.341  3.405   1.000 69.360  ? 7   G   AAA "C4'" 1 ? 
ATOM   133 O "O4'" . G   A 1 7  ? 6.449   -4.920  2.115   1.000 63.590  ? 7   G   AAA "O4'" 1 ? 
ATOM   134 C "C3'" . G   A 1 7  ? 6.298   -2.833  3.203   1.000 70.160  ? 7   G   AAA "C3'" 1 ? 
ATOM   135 O "O3'" . G   A 1 7  ? 6.747   -2.055  4.316   1.000 66.120  ? 7   G   AAA "O3'" 1 ? 
ATOM   136 C "C2'" . G   A 1 7  ? 7.358   -2.707  2.120   1.000 72.770  ? 7   G   AAA "C2'" 1 ? 
ATOM   137 O "O2'" . G   A 1 7  ? 8.586   -2.450  2.755   1.000 70.730  ? 7   G   AAA "O2'" 1 ? 
ATOM   138 C "C1'" . G   A 1 7  ? 7.250   -4.042  1.368   1.000 68.470  ? 7   G   AAA "C1'" 1 ? 
ATOM   139 N N9    . G   A 1 7  ? 6.664   -3.903  0.039   1.000 62.770  ? 7   G   AAA N9    1 ? 
ATOM   140 C C8    . G   A 1 7  ? 7.286   -4.158  -1.157  1.000 61.810  ? 7   G   AAA C8    1 ? 
ATOM   141 N N7    . G   A 1 7  ? 6.519   -3.942  -2.190  1.000 54.810  ? 7   G   AAA N7    1 ? 
ATOM   142 C C5    . G   A 1 7  ? 5.327   -3.486  -1.644  1.000 59.780  ? 7   G   AAA C5    1 ? 
ATOM   143 C C6    . G   A 1 7  ? 4.116   -3.085  -2.275  1.000 57.850  ? 7   G   AAA C6    1 ? 
ATOM   144 O O6    . G   A 1 7  ? 3.846   -3.043  -3.486  1.000 47.440  ? 7   G   AAA O6    1 ? 
ATOM   145 N N1    . G   A 1 7  ? 3.157   -2.708  -1.342  1.000 58.440  ? 7   G   AAA N1    1 ? 
ATOM   146 C C2    . G   A 1 7  ? 3.317   -2.769  0.021   1.000 65.760  ? 7   G   AAA C2    1 ? 
ATOM   147 N N2    . G   A 1 7  ? 2.264   -2.391  0.757   1.000 73.210  ? 7   G   AAA N2    1 ? 
ATOM   148 N N3    . G   A 1 7  ? 4.432   -3.157  0.620   1.000 72.390  ? 7   G   AAA N3    1 ? 
ATOM   149 C C4    . G   A 1 7  ? 5.394   -3.480  -0.267  1.000 64.840  ? 7   G   AAA C4    1 ? 
ATOM   150 P P     . G   A 1 8  ? 5.649   -1.232  5.204   1.000 82.480  ? 8   G   AAA P     1 ? 
ATOM   151 O OP1   . G   A 1 8  ? 6.175   -1.065  6.596   1.000 70.190  ? 8   G   AAA OP1   1 ? 
ATOM   152 O OP2   . G   A 1 8  ? 4.334   -1.866  4.995   1.000 75.690  ? 8   G   AAA OP2   1 ? 
ATOM   153 O "O5'" . G   A 1 8  ? 5.392   0.089   4.365   1.000 67.790  ? 8   G   AAA "O5'" 1 ? 
ATOM   154 C "C5'" . G   A 1 8  ? 6.200   1.256   4.466   1.000 69.210  ? 8   G   AAA "C5'" 1 ? 
ATOM   155 C "C4'" . G   A 1 8  ? 7.645   1.028   4.063   1.000 72.410  ? 8   G   AAA "C4'" 1 ? 
ATOM   156 O "O4'" . G   A 1 8  ? 7.789   0.802   2.628   1.000 70.140  ? 8   G   AAA "O4'" 1 ? 
ATOM   157 C "C3'" . G   A 1 8  ? 8.498   2.255   4.363   1.000 76.250  ? 8   G   AAA "C3'" 1 ? 
ATOM   158 O "O3'" . G   A 1 8  ? 9.828   1.961   4.692   1.000 83.940  ? 8   G   AAA "O3'" 1 ? 
ATOM   159 C "C2'" . G   A 1 8  ? 8.489   3.016   3.060   1.000 79.810  ? 8   G   AAA "C2'" 1 ? 
ATOM   160 O "O2'" . G   A 1 8  ? 9.579   3.918   3.039   1.000 105.480 ? 8   G   AAA "O2'" 1 ? 
ATOM   161 C "C1'" . G   A 1 8  ? 8.531   1.870   2.049   1.000 73.120  ? 8   G   AAA "C1'" 1 ? 
ATOM   162 N N9    . G   A 1 8  ? 7.946   2.240   0.758   1.000 71.810  ? 8   G   AAA N9    1 ? 
ATOM   163 C C8    . G   A 1 8  ? 8.531   2.088   -0.476  1.000 70.910  ? 8   G   AAA C8    1 ? 
ATOM   164 N N7    . G   A 1 8  ? 7.799   2.550   -1.452  1.000 67.310  ? 8   G   AAA N7    1 ? 
ATOM   165 C C5    . G   A 1 8  ? 6.683   3.088   -0.823  1.000 71.750  ? 8   G   AAA C5    1 ? 
ATOM   166 C C6    . G   A 1 8  ? 5.528   3.724   -1.368  1.000 65.970  ? 8   G   AAA C6    1 ? 
ATOM   167 O O6    . G   A 1 8  ? 5.259   3.956   -2.553  1.000 67.350  ? 8   G   AAA O6    1 ? 
ATOM   168 N N1    . G   A 1 8  ? 4.625   4.078   -0.375  1.000 62.700  ? 8   G   AAA N1    1 ? 
ATOM   169 C C2    . G   A 1 8  ? 4.803   3.862   0.968   1.000 61.440  ? 8   G   AAA C2    1 ? 
ATOM   170 N N2    . G   A 1 8  ? 3.824   4.304   1.767   1.000 66.970  ? 8   G   AAA N2    1 ? 
ATOM   171 N N3    . G   A 1 8  ? 5.860   3.262   1.489   1.000 59.780  ? 8   G   AAA N3    1 ? 
ATOM   172 C C4    . G   A 1 8  ? 6.759   2.910   0.542   1.000 72.050  ? 8   G   AAA C4    1 ? 
ATOM   173 P P     . A   A 1 9  ? 10.226  1.913   6.212   1.000 90.970  ? 9   A   AAA P     1 ? 
ATOM   174 O OP1   . A   A 1 9  ? 10.752  0.554   6.471   1.000 73.110  ? 9   A   AAA OP1   1 ? 
ATOM   175 O OP2   . A   A 1 9  ? 9.062   2.441   7.013   1.000 79.970  ? 9   A   AAA OP2   1 ? 
ATOM   176 O "O5'" . A   A 1 9  ? 11.421  2.965   6.285   1.000 79.730  ? 9   A   AAA "O5'" 1 ? 
ATOM   177 C "C5'" . A   A 1 9  ? 11.141  4.383   6.355   1.000 75.080  ? 9   A   AAA "C5'" 1 ? 
ATOM   178 C "C4'" . A   A 1 9  ? 12.256  5.125   5.680   1.000 73.210  ? 9   A   AAA "C4'" 1 ? 
ATOM   179 O "O4'" . A   A 1 9  ? 13.513  4.550   6.147   1.000 68.270  ? 9   A   AAA "O4'" 1 ? 
ATOM   180 C "C3'" . A   A 1 9  ? 12.273  4.960   4.154   1.000 74.260  ? 9   A   AAA "C3'" 1 ? 
ATOM   181 O "O3'" . A   A 1 9  ? 12.742  6.113   3.458   1.000 64.260  ? 9   A   AAA "O3'" 1 ? 
ATOM   182 C "C2'" . A   A 1 9  ? 13.256  3.815   3.976   1.000 69.930  ? 9   A   AAA "C2'" 1 ? 
ATOM   183 O "O2'" . A   A 1 9  ? 13.935  3.787   2.748   1.000 62.780  ? 9   A   AAA "O2'" 1 ? 
ATOM   184 C "C1'" . A   A 1 9  ? 14.281  4.198   5.030   1.000 74.800  ? 9   A   AAA "C1'" 1 ? 
ATOM   185 N N9    . A   A 1 9  ? 15.240  3.158   5.380   1.000 86.530  ? 9   A   AAA N9    1 ? 
ATOM   186 C C8    . A   A 1 9  ? 15.117  2.012   6.127   1.000 78.850  ? 9   A   AAA C8    1 ? 
ATOM   187 N N7    . A   A 1 9  ? 16.225  1.310   6.196   1.000 90.320  ? 9   A   AAA N7    1 ? 
ATOM   188 C C5    . A   A 1 9  ? 17.127  2.030   5.420   1.000 89.490  ? 9   A   AAA C5    1 ? 
ATOM   189 C C6    . A   A 1 9  ? 18.480  1.817   5.087   1.000 95.770  ? 9   A   AAA C6    1 ? 
ATOM   190 N N6    . A   A 1 9  ? 19.194  0.768   5.503   1.000 101.530 ? 9   A   AAA N6    1 ? 
ATOM   191 N N1    . A   A 1 9  ? 19.080  2.730   4.292   1.000 103.160 ? 9   A   AAA N1    1 ? 
ATOM   192 C C2    . A   A 1 9  ? 18.368  3.780   3.867   1.000 104.640 ? 9   A   AAA C2    1 ? 
ATOM   193 N N3    . A   A 1 9  ? 17.099  4.089   4.114   1.000 93.740  ? 9   A   AAA N3    1 ? 
ATOM   194 C C4    . A   A 1 9  ? 16.529  3.163   4.904   1.000 87.720  ? 9   A   AAA C4    1 ? 
ATOM   195 P P     . A   A 1 10 ? 11.739  7.264   3.106   1.000 66.900  ? 10  A   AAA P     1 ? 
ATOM   196 O OP1   . A   A 1 10 ? 12.515  8.497   2.736   1.000 76.110  ? 10  A   AAA OP1   1 ? 
ATOM   197 O OP2   . A   A 1 10 ? 10.705  7.301   4.147   1.000 79.360  ? 10  A   AAA OP2   1 ? 
ATOM   198 O "O5'" . A   A 1 10 ? 10.969  6.728   1.827   1.000 64.360  ? 10  A   AAA "O5'" 1 ? 
ATOM   199 C "C5'" . A   A 1 10 ? 11.597  5.879   0.847   1.000 71.620  ? 10  A   AAA "C5'" 1 ? 
ATOM   200 C "C4'" . A   A 1 10 ? 10.846  5.945   -0.463  1.000 59.850  ? 10  A   AAA "C4'" 1 ? 
ATOM   201 O "O4'" . A   A 1 10 ? 9.566   5.258   -0.340  1.000 59.900  ? 10  A   AAA "O4'" 1 ? 
ATOM   202 C "C3'" . A   A 1 10 ? 10.484  7.361   -0.880  1.000 58.900  ? 10  A   AAA "C3'" 1 ? 
ATOM   203 O "O3'" . A   A 1 10 ? 11.544  8.016   -1.573  1.000 59.680  ? 10  A   AAA "O3'" 1 ? 
ATOM   204 C "C2'" . A   A 1 10 ? 9.263   7.134   -1.748  1.000 60.710  ? 10  A   AAA "C2'" 1 ? 
ATOM   205 O "O2'" . A   A 1 10 ? 9.599   6.719   -3.054  1.000 64.230  ? 10  A   AAA "O2'" 1 ? 
ATOM   206 C "C1'" . A   A 1 10 ? 8.559   6.012   -0.996  1.000 64.290  ? 10  A   AAA "C1'" 1 ? 
ATOM   207 N N9    . A   A 1 10 ? 7.556   6.446   -0.016  1.000 68.170  ? 10  A   AAA N9    1 ? 
ATOM   208 C C8    . A   A 1 10 ? 7.653   6.499   1.354   1.000 59.740  ? 10  A   AAA C8    1 ? 
ATOM   209 N N7    . A   A 1 10 ? 6.549   6.890   1.946   1.000 61.570  ? 10  A   AAA N7    1 ? 
ATOM   210 C C5    . A   A 1 10 ? 5.662   7.093   0.898   1.000 60.790  ? 10  A   AAA C5    1 ? 
ATOM   211 C C6    . A   A 1 10 ? 4.310   7.491   0.862   1.000 59.450  ? 10  A   AAA C6    1 ? 
ATOM   212 N N6    . A   A 1 10 ? 3.600   7.800   1.944   1.000 61.890  ? 10  A   AAA N6    1 ? 
ATOM   213 N N1    . A   A 1 10 ? 3.716   7.594   -0.346  1.000 51.920  ? 10  A   AAA N1    1 ? 
ATOM   214 C C2    . A   A 1 10 ? 4.436   7.304   -1.437  1.000 61.030  ? 10  A   AAA C2    1 ? 
ATOM   215 N N3    . A   A 1 10 ? 5.704   6.896   -1.529  1.000 55.570  ? 10  A   AAA N3    1 ? 
ATOM   216 C C4    . A   A 1 10 ? 6.269   6.820   -0.314  1.000 64.000  ? 10  A   AAA C4    1 ? 
ATOM   217 P P     . G   A 1 11 ? 11.542  9.612   -1.675  1.000 64.570  ? 11  G   AAA P     1 ? 
ATOM   218 O OP1   . G   A 1 11 ? 12.849  10.073  -2.260  1.000 57.370  ? 11  G   AAA OP1   1 ? 
ATOM   219 O OP2   . G   A 1 11 ? 11.102  10.156  -0.347  1.000 60.750  ? 11  G   AAA OP2   1 ? 
ATOM   220 O "O5'" . G   A 1 11 ? 10.352  9.879   -2.698  1.000 61.630  ? 11  G   AAA "O5'" 1 ? 
ATOM   221 C "C5'" . G   A 1 11 ? 10.523  9.812   -4.114  1.000 60.860  ? 11  G   AAA "C5'" 1 ? 
ATOM   222 C "C4'" . G   A 1 11 ? 9.311   10.376  -4.808  1.000 64.330  ? 11  G   AAA "C4'" 1 ? 
ATOM   223 O "O4'" . G   A 1 11 ? 8.129   9.644   -4.361  1.000 60.810  ? 11  G   AAA "O4'" 1 ? 
ATOM   224 C "C3'" . G   A 1 11 ? 8.970   11.845  -4.540  1.000 63.530  ? 11  G   AAA "C3'" 1 ? 
ATOM   225 O "O3'" . G   A 1 11 ? 9.570   12.833  -5.366  1.000 58.370  ? 11  G   AAA "O3'" 1 ? 
ATOM   226 C "C2'" . G   A 1 11 ? 7.483   11.857  -4.839  1.000 62.950  ? 11  G   AAA "C2'" 1 ? 
ATOM   227 O "O2'" . G   A 1 11 ? 7.169   11.690  -6.213  1.000 69.810  ? 11  G   AAA "O2'" 1 ? 
ATOM   228 C "C1'" . G   A 1 11 ? 7.065   10.556  -4.178  1.000 59.740  ? 11  G   AAA "C1'" 1 ? 
ATOM   229 N N9    . G   A 1 11 ? 6.759   10.648  -2.759  1.000 55.030  ? 11  G   AAA N9    1 ? 
ATOM   230 C C8    . G   A 1 11 ? 7.522   10.268  -1.682  1.000 48.720  ? 11  G   AAA C8    1 ? 
ATOM   231 N N7    . G   A 1 11 ? 6.892   10.384  -0.543  1.000 54.600  ? 11  G   AAA N7    1 ? 
ATOM   232 C C5    . G   A 1 11 ? 5.635   10.863  -0.894  1.000 65.400  ? 11  G   AAA C5    1 ? 
ATOM   233 C C6    . G   A 1 11 ? 4.508   11.200  -0.085  1.000 65.340  ? 11  G   AAA C6    1 ? 
ATOM   234 O O6    . G   A 1 11 ? 4.378   11.104  1.139   1.000 65.820  ? 11  G   AAA O6    1 ? 
ATOM   235 N N1    . G   A 1 11 ? 3.460   11.690  -0.851  1.000 61.810  ? 11  G   AAA N1    1 ? 
ATOM   236 C C2    . G   A 1 11 ? 3.473   11.817  -2.217  1.000 63.610  ? 11  G   AAA C2    1 ? 
ATOM   237 N N2    . G   A 1 11 ? 2.352   12.284  -2.776  1.000 62.420  ? 11  G   AAA N2    1 ? 
ATOM   238 N N3    . G   A 1 11 ? 4.498   11.485  -2.982  1.000 67.510  ? 11  G   AAA N3    1 ? 
ATOM   239 C C4    . G   A 1 11 ? 5.543   11.036  -2.257  1.000 66.050  ? 11  G   AAA C4    1 ? 
ATOM   240 P P     . U   A 1 12 ? 10.202  14.136  -4.720  1.000 75.480  ? 12  U   AAA P     1 ? 
ATOM   241 O OP1   . U   A 1 12 ? 11.334  14.519  -5.570  1.000 62.800  ? 12  U   AAA OP1   1 ? 
ATOM   242 O OP2   . U   A 1 12 ? 10.423  13.933  -3.253  1.000 78.650  ? 12  U   AAA OP2   1 ? 
ATOM   243 O "O5'" . U   A 1 12 ? 8.983   15.153  -4.732  1.000 73.710  ? 12  U   AAA "O5'" 1 ? 
ATOM   244 C "C5'" . U   A 1 12 ? 7.960   15.002  -5.716  1.000 72.480  ? 12  U   AAA "C5'" 1 ? 
ATOM   245 C "C4'" . U   A 1 12 ? 6.687   15.645  -5.244  1.000 71.820  ? 12  U   AAA "C4'" 1 ? 
ATOM   246 O "O4'" . U   A 1 12 ? 5.862   14.694  -4.504  1.000 70.630  ? 12  U   AAA "O4'" 1 ? 
ATOM   247 C "C3'" . U   A 1 12 ? 6.854   16.806  -4.278  1.000 75.680  ? 12  U   AAA "C3'" 1 ? 
ATOM   248 O "O3'" . U   A 1 12 ? 7.293   18.012  -4.904  1.000 83.050  ? 12  U   AAA "O3'" 1 ? 
ATOM   249 C "C2'" . U   A 1 12 ? 5.454   16.885  -3.692  1.000 71.580  ? 12  U   AAA "C2'" 1 ? 
ATOM   250 O "O2'" . U   A 1 12 ? 4.561   17.503  -4.573  1.000 61.260  ? 12  U   AAA "O2'" 1 ? 
ATOM   251 C "C1'" . U   A 1 12 ? 5.127   15.398  -3.508  1.000 73.500  ? 12  U   AAA "C1'" 1 ? 
ATOM   252 N N1    . U   A 1 12 ? 5.535   14.925  -2.175  1.000 63.490  ? 12  U   AAA N1    1 ? 
ATOM   253 C C2    . U   A 1 12 ? 4.667   15.168  -1.134  1.000 64.740  ? 12  U   AAA C2    1 ? 
ATOM   254 O O2    . U   A 1 12 ? 3.579   15.700  -1.294  1.000 70.820  ? 12  U   AAA O2    1 ? 
ATOM   255 N N3    . U   A 1 12 ? 5.100   14.723  0.092   1.000 66.540  ? 12  U   AAA N3    1 ? 
ATOM   256 C C4    . U   A 1 12 ? 6.306   14.120  0.382   1.000 64.570  ? 12  U   AAA C4    1 ? 
ATOM   257 O O4    . U   A 1 12 ? 6.569   13.808  1.549   1.000 67.670  ? 12  U   AAA O4    1 ? 
ATOM   258 C C5    . U   A 1 12 ? 7.170   13.955  -0.746  1.000 52.090  ? 12  U   AAA C5    1 ? 
ATOM   259 C C6    . U   A 1 12 ? 6.767   14.352  -1.954  1.000 56.070  ? 12  U   AAA C6    1 ? 
ATOM   260 P P     . G   A 1 13 ? 7.972   19.176  -4.042  1.000 79.550  ? 13  G   AAA P     1 ? 
ATOM   261 O OP1   . G   A 1 13 ? 8.346   20.272  -4.949  1.000 108.050 ? 13  G   AAA OP1   1 ? 
ATOM   262 O OP2   . G   A 1 13 ? 9.008   18.562  -3.179  1.000 96.440  ? 13  G   AAA OP2   1 ? 
ATOM   263 O "O5'" . G   A 1 13 ? 6.755   19.765  -3.206  1.000 81.910  ? 13  G   AAA "O5'" 1 ? 
ATOM   264 C "C5'" . G   A 1 13 ? 5.618   20.364  -3.851  1.000 78.180  ? 13  G   AAA "C5'" 1 ? 
ATOM   265 C "C4'" . G   A 1 13 ? 4.591   20.708  -2.805  1.000 81.440  ? 13  G   AAA "C4'" 1 ? 
ATOM   266 O "O4'" . G   A 1 13 ? 4.085   19.473  -2.227  1.000 78.720  ? 13  G   AAA "O4'" 1 ? 
ATOM   267 C "C3'" . G   A 1 13 ? 5.135   21.482  -1.610  1.000 82.570  ? 13  G   AAA "C3'" 1 ? 
ATOM   268 O "O3'" . G   A 1 13 ? 5.282   22.886  -1.824  1.000 96.930  ? 13  G   AAA "O3'" 1 ? 
ATOM   269 C "C2'" . G   A 1 13 ? 4.134   21.134  -0.519  1.000 80.010  ? 13  G   AAA "C2'" 1 ? 
ATOM   270 O "O2'" . G   A 1 13 ? 3.035   22.014  -0.452  1.000 73.890  ? 13  G   AAA "O2'" 1 ? 
ATOM   271 C "C1'" . G   A 1 13 ? 3.817   19.670  -0.849  1.000 73.330  ? 13  G   AAA "C1'" 1 ? 
ATOM   272 N N9    . G   A 1 13 ? 4.676   18.781  -0.075  1.000 75.200  ? 13  G   AAA N9    1 ? 
ATOM   273 C C8    . G   A 1 13 ? 5.897   18.257  -0.433  1.000 74.950  ? 13  G   AAA C8    1 ? 
ATOM   274 N N7    . G   A 1 13 ? 6.446   17.544  0.514   1.000 63.880  ? 13  G   AAA N7    1 ? 
ATOM   275 C C5    . G   A 1 13 ? 5.554   17.639  1.572   1.000 63.750  ? 13  G   AAA C5    1 ? 
ATOM   276 C C6    . G   A 1 13 ? 5.602   17.062  2.860   1.000 70.590  ? 13  G   AAA C6    1 ? 
ATOM   277 O O6    . G   A 1 13 ? 6.482   16.341  3.349   1.000 88.900  ? 13  G   AAA O6    1 ? 
ATOM   278 N N1    . G   A 1 13 ? 4.484   17.406  3.617   1.000 72.240  ? 13  G   AAA N1    1 ? 
ATOM   279 C C2    . G   A 1 13 ? 3.442   18.186  3.175   1.000 67.530  ? 13  G   AAA C2    1 ? 
ATOM   280 N N2    . G   A 1 13 ? 2.459   18.412  4.050   1.000 58.590  ? 13  G   AAA N2    1 ? 
ATOM   281 N N3    . G   A 1 13 ? 3.375   18.712  1.964   1.000 65.080  ? 13  G   AAA N3    1 ? 
ATOM   282 C C4    . G   A 1 13 ? 4.458   18.403  1.224   1.000 69.050  ? 13  G   AAA C4    1 ? 
ATOM   283 P P     . C   A 1 14 ? 6.046   23.812  -0.733  1.000 95.930  ? 14  C   AAA P     1 ? 
ATOM   284 O OP1   . C   A 1 14 ? 6.241   25.140  -1.357  1.000 92.550  ? 14  C   AAA OP1   1 ? 
ATOM   285 O OP2   . C   A 1 14 ? 7.245   23.085  -0.230  1.000 88.890  ? 14  C   AAA OP2   1 ? 
ATOM   286 O "O5'" . C   A 1 14 ? 4.961   23.872  0.435   1.000 90.760  ? 14  C   AAA "O5'" 1 ? 
ATOM   287 C "C5'" . C   A 1 14 ? 5.279   24.065  1.827   1.000 86.960  ? 14  C   AAA "C5'" 1 ? 
ATOM   288 C "C4'" . C   A 1 14 ? 4.058   23.733  2.661   1.000 87.290  ? 14  C   AAA "C4'" 1 ? 
ATOM   289 O "O4'" . C   A 1 14 ? 3.709   22.333  2.505   1.000 91.010  ? 14  C   AAA "O4'" 1 ? 
ATOM   290 C "C3'" . C   A 1 14 ? 4.206   23.978  4.156   1.000 83.480  ? 14  C   AAA "C3'" 1 ? 
ATOM   291 O "O3'" . C   A 1 14 ? 3.572   25.200  4.500   1.000 82.710  ? 14  C   AAA "O3'" 1 ? 
ATOM   292 C "C2'" . C   A 1 14 ? 3.513   22.787  4.807   1.000 95.810  ? 14  C   AAA "C2'" 1 ? 
ATOM   293 O "O2'" . C   A 1 14 ? 2.135   22.894  5.134   1.000 106.530 ? 14  C   AAA "O2'" 1 ? 
ATOM   294 C "C1'" . C   A 1 14 ? 3.749   21.697  3.768   1.000 93.010  ? 14  C   AAA "C1'" 1 ? 
ATOM   295 N N1    . C   A 1 14 ? 5.033   20.979  3.922   1.000 80.180  ? 14  C   AAA N1    1 ? 
ATOM   296 C C2    . C   A 1 14 ? 5.261   20.276  5.112   1.000 76.520  ? 14  C   AAA C2    1 ? 
ATOM   297 O O2    . C   A 1 14 ? 4.399   20.310  6.005   1.000 75.870  ? 14  C   AAA O2    1 ? 
ATOM   298 N N3    . C   A 1 14 ? 6.412   19.578  5.258   1.000 70.530  ? 14  C   AAA N3    1 ? 
ATOM   299 C C4    . C   A 1 14 ? 7.301   19.544  4.265   1.000 68.420  ? 14  C   AAA C4    1 ? 
ATOM   300 N N4    . C   A 1 14 ? 8.410   18.831  4.448   1.000 68.730  ? 14  C   AAA N4    1 ? 
ATOM   301 C C5    . C   A 1 14 ? 7.101   20.258  3.046   1.000 75.590  ? 14  C   AAA C5    1 ? 
ATOM   302 C C6    . C   A 1 14 ? 5.960   20.947  2.914   1.000 82.510  ? 14  C   AAA C6    1 ? 
ATOM   303 P P     . C   A 1 15 ? 5.415   26.328  4.849   1.000 81.490  ? 15  C   AAA P     1 ? 
ATOM   304 O OP1   . C   A 1 15 ? 4.792   27.595  4.374   1.000 79.350  ? 15  C   AAA OP1   1 ? 
ATOM   305 O OP2   . C   A 1 15 ? 6.679   25.826  4.228   1.000 65.960  ? 15  C   AAA OP2   1 ? 
ATOM   306 O "O5'" . C   A 1 15 ? 5.329   26.084  6.433   1.000 73.180  ? 15  C   AAA "O5'" 1 ? 
ATOM   307 C "C5'" . C   A 1 15 ? 4.076   25.838  7.115   1.000 67.830  ? 15  C   AAA "C5'" 1 ? 
ATOM   308 C "C4'" . C   A 1 15 ? 4.282   24.986  8.348   1.000 74.820  ? 15  C   AAA "C4'" 1 ? 
ATOM   309 O "O4'" . C   A 1 15 ? 4.520   23.603  7.974   1.000 84.360  ? 15  C   AAA "O4'" 1 ? 
ATOM   310 C "C3'" . C   A 1 15 ? 5.468   25.338  9.233   1.000 74.510  ? 15  C   AAA "C3'" 1 ? 
ATOM   311 O "O3'" . C   A 1 15 ? 5.151   26.364  10.165  1.000 73.520  ? 15  C   AAA "O3'" 1 ? 
ATOM   312 C "C2'" . C   A 1 15 ? 5.732   24.034  9.991   1.000 69.220  ? 15  C   AAA "C2'" 1 ? 
ATOM   313 O "O2'" . C   A 1 15 ? 5.064   23.940  11.219  1.000 59.080  ? 15  C   AAA "O2'" 1 ? 
ATOM   314 C "C1'" . C   A 1 15 ? 5.257   22.960  9.007   1.000 76.330  ? 15  C   AAA "C1'" 1 ? 
ATOM   315 N N1    . C   A 1 15 ? 6.407   22.247  8.423   1.000 74.990  ? 15  C   AAA N1    1 ? 
ATOM   316 C C2    . C   A 1 15 ? 7.066   21.302  9.211   1.000 74.970  ? 15  C   AAA C2    1 ? 
ATOM   317 O O2    . C   A 1 15 ? 6.610   21.037  10.333  1.000 73.530  ? 15  C   AAA O2    1 ? 
ATOM   318 N N3    . C   A 1 15 ? 8.172   20.691  8.726   1.000 72.650  ? 15  C   AAA N3    1 ? 
ATOM   319 C C4    . C   A 1 15 ? 8.626   21.004  7.511   1.000 72.050  ? 15  C   AAA C4    1 ? 
ATOM   320 N N4    . C   A 1 15 ? 9.712   20.368  7.062   1.000 61.700  ? 15  C   AAA N4    1 ? 
ATOM   321 C C5    . C   A 1 15 ? 8.000   21.999  6.707   1.000 74.920  ? 15  C   AAA C5    1 ? 
ATOM   322 C C6    . C   A 1 15 ? 6.907   22.594  7.200   1.000 71.890  ? 15  C   AAA C6    1 ? 
ATOM   323 O "O5'" . G   B 1 1  ? 12.143  12.099  12.081  1.000 77.560  ? 1   G   BBB "O5'" 1 ? 
ATOM   324 C "C5'" . G   B 1 1  ? 12.662  12.354  13.402  1.000 74.670  ? 1   G   BBB "C5'" 1 ? 
ATOM   325 C "C4'" . G   B 1 1  ? 11.663  13.164  14.190  1.000 76.560  ? 1   G   BBB "C4'" 1 ? 
ATOM   326 O "O4'" . G   B 1 1  ? 12.145  14.534  14.288  1.000 72.110  ? 1   G   BBB "O4'" 1 ? 
ATOM   327 C "C3'" . G   B 1 1  ? 10.265  13.263  13.581  1.000 74.560  ? 1   G   BBB "C3'" 1 ? 
ATOM   328 O "O3'" . G   B 1 1  ? 9.376   12.185  13.941  1.000 68.470  ? 1   G   BBB "O3'" 1 ? 
ATOM   329 C "C2'" . G   B 1 1  ? 9.808   14.630  14.072  1.000 71.770  ? 1   G   BBB "C2'" 1 ? 
ATOM   330 O "O2'" . G   B 1 1  ? 9.237   14.567  15.372  1.000 61.890  ? 1   G   BBB "O2'" 1 ? 
ATOM   331 C "C1'" . G   B 1 1  ? 11.108  15.433  13.941  1.000 68.710  ? 1   G   BBB "C1'" 1 ? 
ATOM   332 N N9    . G   B 1 1  ? 11.347  15.920  12.583  1.000 67.270  ? 1   G   BBB N9    1 ? 
ATOM   333 C C8    . G   B 1 1  ? 12.294  15.474  11.694  1.000 62.360  ? 1   G   BBB C8    1 ? 
ATOM   334 N N7    . G   B 1 1  ? 12.210  16.049  10.525  1.000 63.050  ? 1   G   BBB N7    1 ? 
ATOM   335 C C5    . G   B 1 1  ? 11.152  16.939  10.652  1.000 61.320  ? 1   G   BBB C5    1 ? 
ATOM   336 C C6    . G   B 1 1  ? 10.601  17.863  9.714   1.000 59.220  ? 1   G   BBB C6    1 ? 
ATOM   337 O O6    . G   B 1 1  ? 10.928  18.062  8.542   1.000 62.330  ? 1   G   BBB O6    1 ? 
ATOM   338 N N1    . G   B 1 1  ? 9.549   18.583  10.265  1.000 58.130  ? 1   G   BBB N1    1 ? 
ATOM   339 C C2    . G   B 1 1  ? 9.098   18.457  11.556  1.000 62.740  ? 1   G   BBB C2    1 ? 
ATOM   340 N N2    . G   B 1 1  ? 8.052   19.232  11.894  1.000 66.700  ? 1   G   BBB N2    1 ? 
ATOM   341 N N3    . G   B 1 1  ? 9.600   17.602  12.438  1.000 55.000  ? 1   G   BBB N3    1 ? 
ATOM   342 C C4    . G   B 1 1  ? 10.612  16.877  11.919  1.000 62.970  ? 1   G   BBB C4    1 ? 
ATOM   343 P P     . G   B 1 2  ? 8.340   11.612  12.852  1.000 67.580  ? 2   G   BBB P     1 ? 
ATOM   344 O OP1   . G   B 1 2  ? 7.645   10.437  13.414  1.000 77.020  ? 2   G   BBB OP1   1 ? 
ATOM   345 O OP2   . G   B 1 2  ? 9.067   11.510  11.557  1.000 54.360  ? 2   G   BBB OP2   1 ? 
ATOM   346 O "O5'" . G   B 1 2  ? 7.168   12.687  12.804  1.000 66.750  ? 2   G   BBB "O5'" 1 ? 
ATOM   347 C "C5'" . G   B 1 2  ? 6.467   13.125  13.985  1.000 66.020  ? 2   G   BBB "C5'" 1 ? 
ATOM   348 C "C4'" . G   B 1 2  ? 5.709   14.401  13.681  1.000 70.740  ? 2   G   BBB "C4'" 1 ? 
ATOM   349 O "O4'" . G   B 1 2  ? 6.624   15.404  13.143  1.000 67.470  ? 2   G   BBB "O4'" 1 ? 
ATOM   350 C "C3'" . G   B 1 2  ? 4.665   14.265  12.589  1.000 67.710  ? 2   G   BBB "C3'" 1 ? 
ATOM   351 O "O3'" . G   B 1 2  ? 3.438   13.696  13.005  1.000 76.060  ? 2   G   BBB "O3'" 1 ? 
ATOM   352 C "C2'" . G   B 1 2  ? 4.493   15.701  12.137  1.000 68.280  ? 2   G   BBB "C2'" 1 ? 
ATOM   353 O "O2'" . G   B 1 2  ? 3.663   16.416  13.024  1.000 65.220  ? 2   G   BBB "O2'" 1 ? 
ATOM   354 C "C1'" . G   B 1 2  ? 5.934   16.204  12.196  1.000 68.050  ? 2   G   BBB "C1'" 1 ? 
ATOM   355 N N9    . G   B 1 2  ? 6.628   16.149  10.911  1.000 68.670  ? 2   G   BBB N9    1 ? 
ATOM   356 C C8    . G   B 1 2  ? 7.663   15.319  10.548  1.000 67.800  ? 2   G   BBB C8    1 ? 
ATOM   357 N N7    . G   B 1 2  ? 8.090   15.533  9.331   1.000 61.180  ? 2   G   BBB N7    1 ? 
ATOM   358 C C5    . G   B 1 2  ? 7.310   16.585  8.871   1.000 65.040  ? 2   G   BBB C5    1 ? 
ATOM   359 C C6    . G   B 1 2  ? 7.313   17.253  7.615   1.000 68.930  ? 2   G   BBB C6    1 ? 
ATOM   360 O O6    . G   B 1 2  ? 8.034   17.046  6.634   1.000 63.550  ? 2   G   BBB O6    1 ? 
ATOM   361 N N1    . G   B 1 2  ? 6.336   18.245  7.562   1.000 68.120  ? 2   G   BBB N1    1 ? 
ATOM   362 C C2    . G   B 1 2  ? 5.477   18.565  8.588   1.000 62.890  ? 2   G   BBB C2    1 ? 
ATOM   363 N N2    . G   B 1 2  ? 4.623   19.571  8.350   1.000 58.910  ? 2   G   BBB N2    1 ? 
ATOM   364 N N3    . G   B 1 2  ? 5.468   17.954  9.764   1.000 59.460  ? 2   G   BBB N3    1 ? 
ATOM   365 C C4    . G   B 1 2  ? 6.396   16.973  9.831   1.000 64.540  ? 2   G   BBB C4    1 ? 
ATOM   366 P P     . C   B 1 3  ? 2.758   12.510  12.140  1.000 69.140  ? 3   C   BBB P     1 ? 
ATOM   367 O OP1   . C   B 1 3  ? 2.550   11.386  13.084  1.000 75.690  ? 3   C   BBB OP1   1 ? 
ATOM   368 O OP2   . C   B 1 3  ? 3.588   12.271  10.937  1.000 76.710  ? 3   C   BBB OP2   1 ? 
ATOM   369 O "O5'" . C   B 1 3  ? 1.464   13.205  11.517  1.000 67.490  ? 3   C   BBB "O5'" 1 ? 
ATOM   370 C "C5'" . C   B 1 3  ? 0.985   14.484  12.022  1.000 70.880  ? 3   C   BBB "C5'" 1 ? 
ATOM   371 C "C4'" . C   B 1 3  ? 0.525   15.461  10.947  1.000 63.880  ? 3   C   BBB "C4'" 1 ? 
ATOM   372 O "O4'" . C   B 1 3  ? 1.652   16.243  10.482  1.000 66.140  ? 3   C   BBB "O4'" 1 ? 
ATOM   373 C "C3'" . C   B 1 3  ? -0.097  14.923  9.666   1.000 64.390  ? 3   C   BBB "C3'" 1 ? 
ATOM   374 O "O3'" . C   B 1 3  ? -1.479  14.584  9.699   1.000 64.190  ? 3   C   BBB "O3'" 1 ? 
ATOM   375 C "C2'" . C   B 1 3  ? 0.064   16.104  8.720   1.000 63.260  ? 3   C   BBB "C2'" 1 ? 
ATOM   376 O "O2'" . C   B 1 3  ? -0.867  17.153  8.856   1.000 64.090  ? 3   C   BBB "O2'" 1 ? 
ATOM   377 C "C1'" . C   B 1 3  ? 1.437   16.631  9.131   1.000 71.220  ? 3   C   BBB "C1'" 1 ? 
ATOM   378 N N1    . C   B 1 3  ? 2.552   16.132  8.289   1.000 71.410  ? 3   C   BBB N1    1 ? 
ATOM   379 C C2    . C   B 1 3  ? 2.801   16.758  7.057   1.000 71.540  ? 3   C   BBB C2    1 ? 
ATOM   380 O O2    . C   B 1 3  ? 2.079   17.706  6.706   1.000 65.260  ? 3   C   BBB O2    1 ? 
ATOM   381 N N3    . C   B 1 3  ? 3.831   16.331  6.293   1.000 69.150  ? 3   C   BBB N3    1 ? 
ATOM   382 C C4    . C   B 1 3  ? 4.596   15.323  6.714   1.000 76.740  ? 3   C   BBB C4    1 ? 
ATOM   383 N N4    . C   B 1 3  ? 5.604   14.939  5.929   1.000 84.450  ? 3   C   BBB N4    1 ? 
ATOM   384 C C5    . C   B 1 3  ? 4.367   14.669  7.961   1.000 69.280  ? 3   C   BBB C5    1 ? 
ATOM   385 C C6    . C   B 1 3  ? 3.339   15.094  8.704   1.000 66.380  ? 3   C   BBB C6    1 ? 
ATOM   386 P P     . A   B 1 4  ? -2.106  13.671  8.526   1.000 66.310  ? 4   A   BBB P     1 ? 
ATOM   387 O OP1   . A   B 1 4  ? -3.533  13.430  8.818   1.000 66.240  ? 4   A   BBB OP1   1 ? 
ATOM   388 O OP2   . A   B 1 4  ? -1.200  12.503  8.328   1.000 79.490  ? 4   A   BBB OP2   1 ? 
ATOM   389 O "O5'" . A   B 1 4  ? -2.126  14.610  7.243   1.000 56.360  ? 4   A   BBB "O5'" 1 ? 
ATOM   390 C "C5'" . A   B 1 4  ? -3.008  15.715  7.213   1.000 60.120  ? 4   A   BBB "C5'" 1 ? 
ATOM   391 C "C4'" . A   B 1 4  ? -2.968  16.308  5.840   1.000 69.920  ? 4   A   BBB "C4'" 1 ? 
ATOM   392 O "O4'" . A   B 1 4  ? -1.679  16.935  5.582   1.000 72.190  ? 4   A   BBB "O4'" 1 ? 
ATOM   393 C "C3'" . A   B 1 4  ? -3.132  15.301  4.714   1.000 65.650  ? 4   A   BBB "C3'" 1 ? 
ATOM   394 O "O3'" . A   B 1 4  ? -4.517  15.018  4.766   1.000 67.570  ? 4   A   BBB "O3'" 1 ? 
ATOM   395 C "C2'" . A   B 1 4  ? -2.508  16.074  3.551   1.000 72.190  ? 4   A   BBB "C2'" 1 ? 
ATOM   396 O "O2'" . A   B 1 4  ? -3.206  17.159  2.959   1.000 62.120  ? 4   A   BBB "O2'" 1 ? 
ATOM   397 C "C1'" . A   B 1 4  ? -1.283  16.672  4.242   1.000 72.520  ? 4   A   BBB "C1'" 1 ? 
ATOM   398 N N9    . A   B 1 4  ? -0.114  15.783  4.259   1.000 80.650  ? 4   A   BBB N9    1 ? 
ATOM   399 C C8    . A   B 1 4  ? 0.299   14.927  5.254   1.000 74.990  ? 4   A   BBB C8    1 ? 
ATOM   400 N N7    . A   B 1 4  ? 1.396   14.273  4.967   1.000 69.680  ? 4   A   BBB N7    1 ? 
ATOM   401 C C5    . A   B 1 4  ? 1.730   14.724  3.697   1.000 69.310  ? 4   A   BBB C5    1 ? 
ATOM   402 C C6    . A   B 1 4  ? 2.789   14.407  2.828   1.000 73.530  ? 4   A   BBB C6    1 ? 
ATOM   403 N N6    . A   B 1 4  ? 3.749   13.533  3.125   1.000 70.230  ? 4   A   BBB N6    1 ? 
ATOM   404 N N1    . A   B 1 4  ? 2.831   15.032  1.629   1.000 77.140  ? 4   A   BBB N1    1 ? 
ATOM   405 C C2    . A   B 1 4  ? 1.870   15.916  1.336   1.000 75.760  ? 4   A   BBB C2    1 ? 
ATOM   406 N N3    . A   B 1 4  ? 0.817   16.287  2.064   1.000 86.000  ? 4   A   BBB N3    1 ? 
ATOM   407 C C4    . A   B 1 4  ? 0.804   15.646  3.246   1.000 72.680  ? 4   A   BBB C4    1 ? 
ATOM   408 P P     . C   B 1 5  ? -5.166  13.770  4.002   1.000 75.220  ? 5   C   BBB P     1 ? 
ATOM   409 O OP1   . C   B 1 5  ? -6.535  14.168  3.632   1.000 75.120  ? 5   C   BBB OP1   1 ? 
ATOM   410 O OP2   . C   B 1 5  ? -4.951  12.523  4.829   1.000 63.040  ? 5   C   BBB OP2   1 ? 
ATOM   411 O "O5'" . C   B 1 5  ? -4.466  13.838  2.588   1.000 61.270  ? 5   C   BBB "O5'" 1 ? 
ATOM   412 C "C5'" . C   B 1 5  ? -5.096  14.651  1.591   1.000 74.830  ? 5   C   BBB "C5'" 1 ? 
ATOM   413 C "C4'" . C   B 1 5  ? -4.341  14.561  0.297   1.000 74.910  ? 5   C   BBB "C4'" 1 ? 
ATOM   414 O "O4'" . C   B 1 5  ? -2.977  15.004  0.511   1.000 80.570  ? 5   C   BBB "O4'" 1 ? 
ATOM   415 C "C3'" . C   B 1 5  ? -4.166  13.171  -0.288  1.000 77.780  ? 5   C   BBB "C3'" 1 ? 
ATOM   416 O "O3'" A C   B 1 5  ? -5.320  12.708  -0.978  0.500 78.930  ? 5   C   BBB "O3'" 1 ? 
ATOM   417 O "O3'" B C   B 1 5  ? -5.320  12.708  -0.978  0.500 78.930  ? 5   C   BBB "O3'" 1 ? 
ATOM   418 C "C2'" . C   B 1 5  ? -2.996  13.409  -1.224  1.000 83.870  ? 5   C   BBB "C2'" 1 ? 
ATOM   419 O "O2'" . C   B 1 5  ? -3.319  14.184  -2.359  1.000 80.630  ? 5   C   BBB "O2'" 1 ? 
ATOM   420 C "C1'" . C   B 1 5  ? -2.104  14.269  -0.335  1.000 82.640  ? 5   C   BBB "C1'" 1 ? 
ATOM   421 N N1    . C   B 1 5  ? -1.170  13.474  0.488   1.000 78.730  ? 5   C   BBB N1    1 ? 
ATOM   422 C C2    . C   B 1 5  ? 0.083   13.160  -0.054  1.000 70.980  ? 5   C   BBB C2    1 ? 
ATOM   423 O O2    . C   B 1 5  ? 0.364   13.565  -1.196  1.000 54.720  ? 5   C   BBB O2    1 ? 
ATOM   424 N N3    . C   B 1 5  ? 0.958   12.433  0.680   1.000 60.740  ? 5   C   BBB N3    1 ? 
ATOM   425 C C4    . C   B 1 5  ? 0.638   12.055  1.919   1.000 62.310  ? 5   C   BBB C4    1 ? 
ATOM   426 N N4    . C   B 1 5  ? 1.539   11.351  2.607   1.000 65.240  ? 5   C   BBB N4    1 ? 
ATOM   427 C C5    . C   B 1 5  ? -0.627  12.370  2.502   1.000 67.970  ? 5   C   BBB C5    1 ? 
ATOM   428 C C6    . C   B 1 5  ? -1.501  13.056  1.749   1.000 76.700  ? 5   C   BBB C6    1 ? 
ATOM   429 P P     . U   B 1 6  ? -5.389  11.188  -1.491  1.000 73.850  ? 6   U   BBB P     1 ? 
ATOM   430 O OP1   . U   B 1 6  ? -6.776  10.907  -1.940  1.000 74.850  ? 6   U   BBB OP1   1 ? 
ATOM   431 O OP2   . U   B 1 6  ? -4.804  10.316  -0.441  1.000 74.280  ? 6   U   BBB OP2   1 ? 
ATOM   432 O "O5'" . U   B 1 6  ? -4.446  11.224  -2.769  1.000 78.470  ? 6   U   BBB "O5'" 1 ? 
ATOM   433 C "C5'" . U   B 1 6  ? -4.194  10.030  -3.484  1.000 74.920  ? 6   U   BBB "C5'" 1 ? 
ATOM   434 C "C4'" . U   B 1 6  ? -2.948  10.150  -4.310  1.000 73.630  ? 6   U   BBB "C4'" 1 ? 
ATOM   435 O "O4'" . U   B 1 6  ? -1.945  10.928  -3.615  1.000 66.250  ? 6   U   BBB "O4'" 1 ? 
ATOM   436 C "C3'" . U   B 1 6  ? -2.298  8.813   -4.599  1.000 67.420  ? 6   U   BBB "C3'" 1 ? 
ATOM   437 O "O3'" . U   B 1 6  ? -3.088  8.302   -5.651  1.000 66.320  ? 6   U   BBB "O3'" 1 ? 
ATOM   438 C "C2'" . U   B 1 6  ? -0.837  9.188   -4.783  1.000 72.530  ? 6   U   BBB "C2'" 1 ? 
ATOM   439 O "O2'" . U   B 1 6  ? -0.382  9.652   -6.056  1.000 71.390  ? 6   U   BBB "O2'" 1 ? 
ATOM   440 C "C1'" . U   B 1 6  ? -0.700  10.261  -3.699  1.000 74.120  ? 6   U   BBB "C1'" 1 ? 
ATOM   441 N N1    . U   B 1 6  ? -0.358  9.773   -2.352  1.000 74.360  ? 6   U   BBB N1    1 ? 
ATOM   442 C C2    . U   B 1 6  ? 0.902   9.228   -2.156  1.000 76.710  ? 6   U   BBB C2    1 ? 
ATOM   443 O O2    . U   B 1 6  ? 1.714   9.089   -3.056  1.000 86.510  ? 6   U   BBB O2    1 ? 
ATOM   444 N N3    . U   B 1 6  ? 1.170   8.852   -0.862  1.000 70.040  ? 6   U   BBB N3    1 ? 
ATOM   445 C C4    . U   B 1 6  ? 0.341   8.974   0.232   1.000 61.710  ? 6   U   BBB C4    1 ? 
ATOM   446 O O4    . U   B 1 6  ? 0.732   8.591   1.335   1.000 53.420  ? 6   U   BBB O4    1 ? 
ATOM   447 C C5    . U   B 1 6  ? -0.935  9.557   -0.051  1.000 61.320  ? 6   U   BBB C5    1 ? 
ATOM   448 C C6    . U   B 1 6  ? -1.234  9.927   -1.302  1.000 61.360  ? 6   U   BBB C6    1 ? 
ATOM   449 P P     . G   B 1 7  ? -4.117  7.092   -5.336  1.000 63.560  ? 7   G   BBB P     1 ? 
ATOM   450 O OP1   . G   B 1 7  ? -4.905  6.815   -6.564  1.000 73.550  ? 7   G   BBB OP1   1 ? 
ATOM   451 O OP2   . G   B 1 7  ? -4.819  7.350   -4.072  1.000 55.590  ? 7   G   BBB OP2   1 ? 
ATOM   452 O "O5'" . G   B 1 7  ? -3.119  5.883   -5.037  1.000 82.850  ? 7   G   BBB "O5'" 1 ? 
ATOM   453 C "C5'" . G   B 1 7  ? -3.626  4.545   -4.934  1.000 81.020  ? 7   G   BBB "C5'" 1 ? 
ATOM   454 C "C4'" . G   B 1 7  ? -3.595  3.913   -6.293  1.000 77.730  ? 7   G   BBB "C4'" 1 ? 
ATOM   455 O "O4'" . G   B 1 7  ? -2.346  4.263   -6.943  1.000 78.810  ? 7   G   BBB "O4'" 1 ? 
ATOM   456 C "C3'" . G   B 1 7  ? -3.646  2.399   -6.276  1.000 77.150  ? 7   G   BBB "C3'" 1 ? 
ATOM   457 O "O3'" . G   B 1 7  ? -4.993  1.952   -6.284  1.000 72.980  ? 7   G   BBB "O3'" 1 ? 
ATOM   458 C "C2'" . G   B 1 7  ? -2.932  2.023   -7.552  1.000 78.150  ? 7   G   BBB "C2'" 1 ? 
ATOM   459 O "O2'" . G   B 1 7  ? -4.051  1.875   -8.392  1.000 78.950  ? 7   G   BBB "O2'" 1 ? 
ATOM   460 C "C1'" . G   B 1 7  ? -1.906  3.167   -7.712  1.000 83.380  ? 7   G   BBB "C1'" 1 ? 
ATOM   461 N N9    . G   B 1 7  ? -0.550  2.799   -7.289  1.000 75.000  ? 7   G   BBB N9    1 ? 
ATOM   462 C C8    . G   B 1 7  ? 0.508   2.546   -8.125  1.000 68.730  ? 7   G   BBB C8    1 ? 
ATOM   463 N N7    . G   B 1 7  ? 1.584   2.174   -7.491  1.000 67.650  ? 7   G   BBB N7    1 ? 
ATOM   464 C C5    . G   B 1 7  ? 1.203   2.133   -6.158  1.000 72.370  ? 7   G   BBB C5    1 ? 
ATOM   465 C C6    . G   B 1 7  ? 1.951   1.801   -4.994  1.000 71.090  ? 7   G   BBB C6    1 ? 
ATOM   466 O O6    . G   B 1 7  ? 3.130   1.443   -4.911  1.000 65.980  ? 7   G   BBB O6    1 ? 
ATOM   467 N N1    . G   B 1 7  ? 1.183   1.916   -3.844  1.000 62.640  ? 7   G   BBB N1    1 ? 
ATOM   468 C C2    . G   B 1 7  ? -0.126  2.314   -3.807  1.000 65.100  ? 7   G   BBB C2    1 ? 
ATOM   469 N N2    . G   B 1 7  ? -0.688  2.371   -2.590  1.000 71.910  ? 7   G   BBB N2    1 ? 
ATOM   470 N N3    . G   B 1 7  ? -0.836  2.623   -4.880  1.000 67.120  ? 7   G   BBB N3    1 ? 
ATOM   471 C C4    . G   B 1 7  ? -0.109  2.524   -6.013  1.000 67.870  ? 7   G   BBB C4    1 ? 
ATOM   472 P P     . G   B 1 8  ? -5.573  1.344   -4.924  1.000 87.320  ? 8   G   BBB P     1 ? 
ATOM   473 O OP1   . G   B 1 8  ? -7.047  1.251   -5.029  1.000 94.240  ? 8   G   BBB OP1   1 ? 
ATOM   474 O OP2   . G   B 1 8  ? -4.972  2.102   -3.795  1.000 88.120  ? 8   G   BBB OP2   1 ? 
ATOM   475 O "O5'" . G   B 1 8  ? -4.910  -0.102  -4.889  1.000 90.100  ? 8   G   BBB "O5'" 1 ? 
ATOM   476 C "C5'" . G   B 1 8  ? -5.587  -1.295  -5.347  1.000 77.540  ? 8   G   BBB "C5'" 1 ? 
ATOM   477 C "C4'" . G   B 1 8  ? -5.377  -1.542  -6.831  1.000 79.730  ? 8   G   BBB "C4'" 1 ? 
ATOM   478 O "O4'" . G   B 1 8  ? -3.954  -1.687  -7.166  1.000 66.940  ? 8   G   BBB "O4'" 1 ? 
ATOM   479 C "C3'" . G   B 1 8  ? -6.019  -2.847  -7.273  1.000 76.630  ? 8   G   BBB "C3'" 1 ? 
ATOM   480 O "O3'" . G   B 1 8  ? -6.361  -2.852  -8.646  1.000 64.970  ? 8   G   BBB "O3'" 1 ? 
ATOM   481 C "C2'" . G   B 1 8  ? -4.890  -3.828  -7.021  1.000 77.430  ? 8   G   BBB "C2'" 1 ? 
ATOM   482 O "O2'" . G   B 1 8  ? -5.155  -5.065  -7.642  1.000 90.270  ? 8   G   BBB "O2'" 1 ? 
ATOM   483 C "C1'" . G   B 1 8  ? -3.715  -3.024  -7.578  1.000 72.780  ? 8   G   BBB "C1'" 1 ? 
ATOM   484 N N9    . G   B 1 8  ? -2.388  -3.468  -7.148  1.000 67.520  ? 8   G   BBB N9    1 ? 
ATOM   485 C C8    . G   B 1 8  ? -1.298  -3.628  -7.973  1.000 69.290  ? 8   G   BBB C8    1 ? 
ATOM   486 N N7    . G   B 1 8  ? -0.244  -4.079  -7.350  1.000 58.460  ? 8   G   BBB N7    1 ? 
ATOM   487 C C5    . G   B 1 8  ? -0.671  -4.266  -6.042  1.000 64.640  ? 8   G   BBB C5    1 ? 
ATOM   488 C C6    . G   B 1 8  ? 0.044   -4.724  -4.892  1.000 64.280  ? 8   G   BBB C6    1 ? 
ATOM   489 O O6    . G   B 1 8  ? 1.228   -5.104  -4.813  1.000 64.650  ? 8   G   BBB O6    1 ? 
ATOM   490 N N1    . G   B 1 8  ? -0.761  -4.723  -3.756  1.000 54.660  ? 8   G   BBB N1    1 ? 
ATOM   491 C C2    . G   B 1 8  ? -2.073  -4.312  -3.719  1.000 63.470  ? 8   G   BBB C2    1 ? 
ATOM   492 N N2    . G   B 1 8  ? -2.687  -4.400  -2.527  1.000 52.600  ? 8   G   BBB N2    1 ? 
ATOM   493 N N3    . G   B 1 8  ? -2.743  -3.864  -4.778  1.000 68.170  ? 8   G   BBB N3    1 ? 
ATOM   494 C C4    . G   B 1 8  ? -1.994  -3.892  -5.900  1.000 60.600  ? 8   G   BBB C4    1 ? 
ATOM   495 P P     . A   B 1 9  ? -7.687  -2.180  -9.140  1.000 66.080  ? 9   A   BBB P     1 ? 
ATOM   496 O OP1   . A   B 1 9  ? -7.328  -1.136  -10.125 1.000 66.390  ? 9   A   BBB OP1   1 ? 
ATOM   497 O OP2   . A   B 1 9  ? -8.510  -1.858  -7.935  1.000 69.530  ? 9   A   BBB OP2   1 ? 
ATOM   498 O "O5'" . A   B 1 9  ? -8.415  -3.345  -9.938  1.000 61.820  ? 9   A   BBB "O5'" 1 ? 
ATOM   499 C "C5'" . A   B 1 9  ? -8.454  -4.671  -9.385  1.000 60.470  ? 9   A   BBB "C5'" 1 ? 
ATOM   500 C "C4'" . A   B 1 9  ? -7.996  -5.716  -10.387 1.000 61.950  ? 9   A   BBB "C4'" 1 ? 
ATOM   501 O "O4'" . A   B 1 9  ? -8.491  -5.378  -11.713 1.000 56.970  ? 9   A   BBB "O4'" 1 ? 
ATOM   502 C "C3'" . A   B 1 9  ? -6.495  -5.938  -10.563 1.000 62.120  ? 9   A   BBB "C3'" 1 ? 
ATOM   503 O "O3'" . A   B 1 9  ? -6.300  -7.292  -10.960 1.000 59.580  ? 9   A   BBB "O3'" 1 ? 
ATOM   504 C "C2'" . A   B 1 9  ? -6.167  -5.009  -11.730 1.000 69.800  ? 9   A   BBB "C2'" 1 ? 
ATOM   505 O "O2'" . A   B 1 9  ? -5.025  -5.375  -12.488 1.000 73.260  ? 9   A   BBB "O2'" 1 ? 
ATOM   506 C "C1'" . A   B 1 9  ? -7.410  -5.193  -12.601 1.000 65.270  ? 9   A   BBB "C1'" 1 ? 
ATOM   507 N N9    . A   B 1 9  ? -7.739  -4.082  -13.503 1.000 66.140  ? 9   A   BBB N9    1 ? 
ATOM   508 C C8    . A   B 1 9  ? -8.286  -2.861  -13.186 1.000 71.080  ? 9   A   BBB C8    1 ? 
ATOM   509 N N7    . A   B 1 9  ? -8.471  -2.081  -14.225 1.000 70.030  ? 9   A   BBB N7    1 ? 
ATOM   510 C C5    . A   B 1 9  ? -8.060  -2.858  -15.302 1.000 69.040  ? 9   A   BBB C5    1 ? 
ATOM   511 C C6    . A   B 1 9  ? -8.009  -2.608  -16.692 1.000 64.770  ? 9   A   BBB C6    1 ? 
ATOM   512 N N6    . A   B 1 9  ? -8.394  -1.461  -17.252 1.000 55.110  ? 9   A   BBB N6    1 ? 
ATOM   513 N N1    . A   B 1 9  ? -7.539  -3.593  -17.492 1.000 65.010  ? 9   A   BBB N1    1 ? 
ATOM   514 C C2    . A   B 1 9  ? -7.114  -4.730  -16.925 1.000 58.940  ? 9   A   BBB C2    1 ? 
ATOM   515 N N3    . A   B 1 9  ? -7.105  -5.077  -15.636 1.000 57.900  ? 9   A   BBB N3    1 ? 
ATOM   516 C C4    . A   B 1 9  ? -7.597  -4.088  -14.870 1.000 55.620  ? 9   A   BBB C4    1 ? 
ATOM   517 P P     . A   B 1 10 ? -5.676  -8.333  -9.935  1.000 62.630  ? 10  A   BBB P     1 ? 
ATOM   518 O OP1   . A   B 1 10 ? -5.247  -9.550  -10.656 1.000 59.430  ? 10  A   BBB OP1   1 ? 
ATOM   519 O OP2   . A   B 1 10 ? -6.606  -8.441  -8.782  1.000 63.050  ? 10  A   BBB OP2   1 ? 
ATOM   520 O "O5'" . A   B 1 10 ? -4.292  -7.648  -9.551  1.000 58.000  ? 10  A   BBB "O5'" 1 ? 
ATOM   521 C "C5'" . A   B 1 10 ? -3.293  -7.474  -10.555 1.000 57.510  ? 10  A   BBB "C5'" 1 ? 
ATOM   522 C "C4'" . A   B 1 10 ? -1.933  -7.758  -9.989  1.000 57.490  ? 10  A   BBB "C4'" 1 ? 
ATOM   523 O "O4'" . A   B 1 10 ? -1.685  -6.811  -8.929  1.000 50.100  ? 10  A   BBB "O4'" 1 ? 
ATOM   524 C "C3'" . A   B 1 10 ? -1.758  -9.125  -9.335  1.000 56.850  ? 10  A   BBB "C3'" 1 ? 
ATOM   525 O "O3'" . A   B 1 10 ? -1.362  -10.110 -10.253 1.000 55.200  ? 10  A   BBB "O3'" 1 ? 
ATOM   526 C "C2'" . A   B 1 10 ? -0.631  -8.857  -8.356  1.000 59.510  ? 10  A   BBB "C2'" 1 ? 
ATOM   527 O "O2'" . A   B 1 10 ? 0.639   -8.874  -8.958  1.000 56.600  ? 10  A   BBB "O2'" 1 ? 
ATOM   528 C "C1'" . A   B 1 10 ? -1.010  -7.465  -7.858  1.000 61.680  ? 10  A   BBB "C1'" 1 ? 
ATOM   529 N N9    . A   B 1 10 ? -1.878  -7.476  -6.675  1.000 61.330  ? 10  A   BBB N9    1 ? 
ATOM   530 C C8    . A   B 1 10 ? -3.233  -7.261  -6.591  1.000 62.010  ? 10  A   BBB C8    1 ? 
ATOM   531 N N7    . A   B 1 10 ? -3.699  -7.312  -5.367  1.000 65.540  ? 10  A   BBB N7    1 ? 
ATOM   532 C C5    . A   B 1 10 ? -2.589  -7.636  -4.601  1.000 60.860  ? 10  A   BBB C5    1 ? 
ATOM   533 C C6    . A   B 1 10 ? -2.420  -7.844  -3.230  1.000 57.880  ? 10  A   BBB C6    1 ? 
ATOM   534 N N6    . A   B 1 10 ? -3.412  -7.768  -2.353  1.000 65.580  ? 10  A   BBB N6    1 ? 
ATOM   535 N N1    . A   B 1 10 ? -1.179  -8.129  -2.781  1.000 56.480  ? 10  A   BBB N1    1 ? 
ATOM   536 C C2    . A   B 1 10 ? -0.178  -8.190  -3.664  1.000 55.990  ? 10  A   BBB C2    1 ? 
ATOM   537 N N3    . A   B 1 10 ? -0.212  -8.025  -4.983  1.000 66.080  ? 10  A   BBB N3    1 ? 
ATOM   538 C C4    . A   B 1 10 ? -1.458  -7.726  -5.392  1.000 61.890  ? 10  A   BBB C4    1 ? 
ATOM   539 P P     . G   B 1 11 ? -1.672  -11.648 -9.963  1.000 57.020  ? 11  G   BBB P     1 ? 
ATOM   540 O OP1   . G   B 1 11 ? -1.305  -12.400 -11.170 1.000 55.540  ? 11  G   BBB OP1   1 ? 
ATOM   541 O OP2   . G   B 1 11 ? -3.048  -11.775 -9.353  1.000 62.460  ? 11  G   BBB OP2   1 ? 
ATOM   542 O "O5'" . G   B 1 11 ? -0.540  -12.023 -8.929  1.000 63.310  ? 11  G   BBB "O5'" 1 ? 
ATOM   543 C "C5'" . G   B 1 11 ? 0.838   -11.992 -9.319  1.000 60.060  ? 11  G   BBB "C5'" 1 ? 
ATOM   544 C "C4'" . G   B 1 11 ? 1.660   -12.385 -8.130  1.000 62.730  ? 11  G   BBB "C4'" 1 ? 
ATOM   545 O "O4'" . G   B 1 11 ? 1.484   -11.375 -7.114  1.000 65.290  ? 11  G   BBB "O4'" 1 ? 
ATOM   546 C "C3'" . G   B 1 11 ? 1.233   -13.675 -7.438  1.000 63.310  ? 11  G   BBB "C3'" 1 ? 
ATOM   547 O "O3'" . G   B 1 11 ? 1.756   -14.864 -7.998  1.000 73.900  ? 11  G   BBB "O3'" 1 ? 
ATOM   548 C "C2'" . G   B 1 11 ? 1.728   -13.467 -6.026  1.000 63.350  ? 11  G   BBB "C2'" 1 ? 
ATOM   549 O "O2'" . G   B 1 11 ? 3.111   -13.692 -5.825  1.000 59.990  ? 11  G   BBB "O2'" 1 ? 
ATOM   550 C "C1'" . G   B 1 11 ? 1.385   -11.996 -5.844  1.000 66.890  ? 11  G   BBB "C1'" 1 ? 
ATOM   551 N N9    . G   B 1 11 ? 0.039   -11.770 -5.339  1.000 66.500  ? 11  G   BBB N9    1 ? 
ATOM   552 C C8    . G   B 1 11 ? -1.100  -11.462 -6.045  1.000 66.730  ? 11  G   BBB C8    1 ? 
ATOM   553 N N7    . G   B 1 11 ? -2.132  -11.254 -5.280  1.000 62.660  ? 11  G   BBB N7    1 ? 
ATOM   554 C C5    . G   B 1 11 ? -1.651  -11.460 -3.995  1.000 56.430  ? 11  G   BBB C5    1 ? 
ATOM   555 C C6    . G   B 1 11 ? -2.311  -11.383 -2.744  1.000 54.540  ? 11  G   BBB C6    1 ? 
ATOM   556 O O6    . G   B 1 11 ? -3.488  -11.100 -2.516  1.000 43.370  ? 11  G   BBB O6    1 ? 
ATOM   557 N N1    . G   B 1 11 ? -1.442  -11.644 -1.690  1.000 60.150  ? 11  G   BBB N1    1 ? 
ATOM   558 C C2    . G   B 1 11 ? -0.111  -11.971 -1.827  1.000 65.730  ? 11  G   BBB C2    1 ? 
ATOM   559 N N2    . G   B 1 11 ? 0.563   -12.213 -0.696  1.000 67.430  ? 11  G   BBB N2    1 ? 
ATOM   560 N N3    . G   B 1 11 ? 0.512   -12.049 -2.988  1.000 67.630  ? 11  G   BBB N3    1 ? 
ATOM   561 C C4    . G   B 1 11 ? -0.312  -11.782 -4.020  1.000 55.950  ? 11  G   BBB C4    1 ? 
ATOM   562 P P     . U   B 1 12 ? 0.852   -16.167 -7.941  1.000 73.810  ? 12  U   BBB P     1 ? 
ATOM   563 O OP1   . U   B 1 12 ? 1.537   -17.222 -8.735  1.000 68.210  ? 12  U   BBB OP1   1 ? 
ATOM   564 O OP2   . U   B 1 12 ? -0.546  -15.772 -8.274  1.000 69.430  ? 12  U   BBB OP2   1 ? 
ATOM   565 O "O5'" . U   B 1 12 ? 0.851   -16.476 -6.382  1.000 69.890  ? 12  U   BBB "O5'" 1 ? 
ATOM   566 C "C5'" . U   B 1 12 ? 1.986   -17.129 -5.808  1.000 73.920  ? 12  U   BBB "C5'" 1 ? 
ATOM   567 C "C4'" . U   B 1 12 ? 1.757   -17.311 -4.349  1.000 65.940  ? 12  U   BBB "C4'" 1 ? 
ATOM   568 O "O4'" . U   B 1 12 ? 1.275   -16.071 -3.796  1.000 64.060  ? 12  U   BBB "O4'" 1 ? 
ATOM   569 C "C3'" . U   B 1 12 ? 0.632   -18.264 -4.022  1.000 77.530  ? 12  U   BBB "C3'" 1 ? 
ATOM   570 O "O3'" . U   B 1 12 ? 1.042   -19.589 -4.267  1.000 85.800  ? 12  U   BBB "O3'" 1 ? 
ATOM   571 C "C2'" . U   B 1 12 ? 0.307   -17.867 -2.591  1.000 81.420  ? 12  U   BBB "C2'" 1 ? 
ATOM   572 O "O2'" . U   B 1 12 ? 1.171   -18.367 -1.586  1.000 89.020  ? 12  U   BBB "O2'" 1 ? 
ATOM   573 C "C1'" . U   B 1 12 ? 0.441   -16.351 -2.681  1.000 74.420  ? 12  U   BBB "C1'" 1 ? 
ATOM   574 N N1    . U   B 1 12 ? -0.851  -15.686 -2.884  1.000 66.680  ? 12  U   BBB N1    1 ? 
ATOM   575 C C2    . U   B 1 12 ? -1.544  -15.299 -1.756  1.000 74.490  ? 12  U   BBB C2    1 ? 
ATOM   576 O O2    . U   B 1 12 ? -1.125  -15.495 -0.621  1.000 68.710  ? 12  U   BBB O2    1 ? 
ATOM   577 N N3    . U   B 1 12 ? -2.752  -14.689 -2.005  1.000 76.730  ? 12  U   BBB N3    1 ? 
ATOM   578 C C4    . U   B 1 12 ? -3.319  -14.422 -3.239  1.000 72.550  ? 12  U   BBB C4    1 ? 
ATOM   579 O O4    . U   B 1 12 ? -4.410  -13.844 -3.298  1.000 67.280  ? 12  U   BBB O4    1 ? 
ATOM   580 C C5    . U   B 1 12 ? -2.543  -14.865 -4.354  1.000 67.390  ? 12  U   BBB C5    1 ? 
ATOM   581 C C6    . U   B 1 12 ? -1.366  -15.469 -4.144  1.000 70.030  ? 12  U   BBB C6    1 ? 
ATOM   582 P P     . G   B 1 13 ? -0.036  -20.640 -4.792  1.000 107.950 ? 13  G   BBB P     1 ? 
ATOM   583 O OP1   . G   B 1 13 ? 0.658   -21.942 -4.924  1.000 95.970  ? 13  G   BBB OP1   1 ? 
ATOM   584 O OP2   . G   B 1 13 ? -0.737  -20.085 -5.995  1.000 94.320  ? 13  G   BBB OP2   1 ? 
ATOM   585 O "O5'" . G   B 1 13 ? -1.064  -20.664 -3.574  1.000 90.090  ? 13  G   BBB "O5'" 1 ? 
ATOM   586 C "C5'" . G   B 1 13 ? -0.776  -21.490 -2.447  1.000 83.340  ? 13  G   BBB "C5'" 1 ? 
ATOM   587 C "C4'" . G   B 1 13 ? -1.566  -21.062 -1.245  1.000 84.690  ? 13  G   BBB "C4'" 1 ? 
ATOM   588 O "O4'" . G   B 1 13 ? -1.691  -19.620 -1.221  1.000 81.720  ? 13  G   BBB "O4'" 1 ? 
ATOM   589 C "C3'" . G   B 1 13 ? -3.017  -21.510 -1.165  1.000 85.700  ? 13  G   BBB "C3'" 1 ? 
ATOM   590 O "O3'" A G   B 1 13 ? -3.158  -22.901 -0.885  0.500 86.010  ? 13  G   BBB "O3'" 1 ? 
ATOM   591 O "O3'" B G   B 1 13 ? -3.158  -22.901 -0.885  0.500 86.010  ? 13  G   BBB "O3'" 1 ? 
ATOM   592 C "C2'" . G   B 1 13 ? -3.521  -20.587 -0.063  1.000 88.050  ? 13  G   BBB "C2'" 1 ? 
ATOM   593 O "O2'" . G   B 1 13 ? -3.158  -20.909 1.265   1.000 72.120  ? 13  G   BBB "O2'" 1 ? 
ATOM   594 C "C1'" . G   B 1 13 ? -2.846  -19.277 -0.475  1.000 85.130  ? 13  G   BBB "C1'" 1 ? 
ATOM   595 N N9    . G   B 1 13 ? -3.722  -18.472 -1.315  1.000 88.650  ? 13  G   BBB N9    1 ? 
ATOM   596 C C8    . G   B 1 13 ? -3.612  -18.182 -2.656  1.000 89.300  ? 13  G   BBB C8    1 ? 
ATOM   597 N N7    . G   B 1 13 ? -4.579  -17.424 -3.095  1.000 81.140  ? 13  G   BBB N7    1 ? 
ATOM   598 C C5    . G   B 1 13 ? -5.393  -17.234 -1.986  1.000 77.800  ? 13  G   BBB C5    1 ? 
ATOM   599 C C6    . G   B 1 13 ? -6.593  -16.491 -1.842  1.000 72.600  ? 13  G   BBB C6    1 ? 
ATOM   600 O O6    . G   B 1 13 ? -7.200  -15.836 -2.694  1.000 67.880  ? 13  G   BBB O6    1 ? 
ATOM   601 N N1    . G   B 1 13 ? -7.077  -16.549 -0.540  1.000 71.280  ? 13  G   BBB N1    1 ? 
ATOM   602 C C2    . G   B 1 13 ? -6.485  -17.234 0.494   1.000 78.850  ? 13  G   BBB C2    1 ? 
ATOM   603 N N2    . G   B 1 13 ? -7.107  -17.176 1.682   1.000 78.780  ? 13  G   BBB N2    1 ? 
ATOM   604 N N3    . G   B 1 13 ? -5.362  -17.921 0.375   1.000 81.440  ? 13  G   BBB N3    1 ? 
ATOM   605 C C4    . G   B 1 13 ? -4.877  -17.878 -0.883  1.000 84.550  ? 13  G   BBB C4    1 ? 
ATOM   606 P P     . C   B 1 14 ? -4.284  -23.791 -1.640  1.000 83.360  ? 14  C   BBB P     1 ? 
ATOM   607 O OP1   . C   B 1 14 ? -3.748  -25.158 -1.784  1.000 78.290  ? 14  C   BBB OP1   1 ? 
ATOM   608 O OP2   . C   B 1 14 ? -4.680  -23.090 -2.880  1.000 89.760  ? 14  C   BBB OP2   1 ? 
ATOM   609 O "O5'" . C   B 1 14 ? -5.512  -23.756 -0.612  1.000 66.780  ? 14  C   BBB "O5'" 1 ? 
ATOM   610 C "C5'" . C   B 1 14 ? -5.310  -23.684 0.813   1.000 60.810  ? 14  C   BBB "C5'" 1 ? 
ATOM   611 C "C4'" . C   B 1 14 ? -6.538  -23.186 1.537   1.000 70.900  ? 14  C   BBB "C4'" 1 ? 
ATOM   612 O "O4'" . C   B 1 14 ? -6.530  -21.727 1.598   1.000 79.720  ? 14  C   BBB "O4'" 1 ? 
ATOM   613 C "C3'" . C   B 1 14 ? -7.894  -23.523 0.929   1.000 78.860  ? 14  C   BBB "C3'" 1 ? 
ATOM   614 O "O3'" . C   B 1 14 ? -8.332  -24.855 1.151   1.000 71.230  ? 14  C   BBB "O3'" 1 ? 
ATOM   615 C "C2'" . C   B 1 14 ? -8.763  -22.466 1.591   1.000 84.080  ? 14  C   BBB "C2'" 1 ? 
ATOM   616 O "O2'" . C   B 1 14 ? -8.977  -22.742 2.957   1.000 87.630  ? 14  C   BBB "O2'" 1 ? 
ATOM   617 C "C1'" . C   B 1 14 ? -7.863  -21.238 1.443   1.000 85.770  ? 14  C   BBB "C1'" 1 ? 
ATOM   618 N N1    . C   B 1 14 ? -8.001  -20.587 0.112   1.000 77.100  ? 14  C   BBB N1    1 ? 
ATOM   619 C C2    . C   B 1 14 ? -8.984  -19.594 -0.065  1.000 70.210  ? 14  C   BBB C2    1 ? 
ATOM   620 O O2    . C   B 1 14 ? -9.679  -19.259 0.902   1.000 86.290  ? 14  C   BBB O2    1 ? 
ATOM   621 N N3    . C   B 1 14 ? -9.137  -19.020 -1.280  1.000 55.730  ? 14  C   BBB N3    1 ? 
ATOM   622 C C4    . C   B 1 14 ? -8.356  -19.400 -2.297  1.000 64.570  ? 14  C   BBB C4    1 ? 
ATOM   623 N N4    . C   B 1 14 ? -8.527  -18.798 -3.479  1.000 54.630  ? 14  C   BBB N4    1 ? 
ATOM   624 C C5    . C   B 1 14 ? -7.374  -20.433 -2.154  1.000 63.500  ? 14  C   BBB C5    1 ? 
ATOM   625 C C6    . C   B 1 14 ? -7.234  -20.993 -0.946  1.000 65.850  ? 14  C   BBB C6    1 ? 
ATOM   626 P P     . C   B 1 15 ? -9.439  -25.562 0.161   1.000 80.290  ? 15  C   BBB P     1 ? 
ATOM   627 O OP1   . C   B 1 15 ? -9.734  -26.902 0.733   1.000 73.280  ? 15  C   BBB OP1   1 ? 
ATOM   628 O OP2   . C   B 1 15 ? -8.948  -25.535 -1.257  1.000 66.680  ? 15  C   BBB OP2   1 ? 
ATOM   629 O "O5'" . C   B 1 15 ? -10.725 -24.610 0.311   1.000 69.110  ? 15  C   BBB "O5'" 1 ? 
ATOM   630 C "C5'" . C   B 1 15 ? -11.712 -24.850 1.342   1.000 65.050  ? 15  C   BBB "C5'" 1 ? 
ATOM   631 C "C4'" . C   B 1 15 ? -12.786 -23.793 1.383   1.000 67.170  ? 15  C   BBB "C4'" 1 ? 
ATOM   632 O "O4'" . C   B 1 15 ? -12.202 -22.509 1.070   1.000 75.310  ? 15  C   BBB "O4'" 1 ? 
ATOM   633 C "C3'" . C   B 1 15 ? -13.955 -23.922 0.413   1.000 67.830  ? 15  C   BBB "C3'" 1 ? 
ATOM   634 O "O3'" . C   B 1 15 ? -15.076 -24.691 0.844   1.000 63.890  ? 15  C   BBB "O3'" 1 ? 
ATOM   635 C "C2'" . C   B 1 15 ? -14.467 -22.495 0.360   1.000 67.970  ? 15  C   BBB "C2'" 1 ? 
ATOM   636 O "O2'" . C   B 1 15 ? -15.326 -22.177 1.431   1.000 76.070  ? 15  C   BBB "O2'" 1 ? 
ATOM   637 C "C1'" . C   B 1 15 ? -13.170 -21.691 0.451   1.000 69.180  ? 15  C   BBB "C1'" 1 ? 
ATOM   638 N N1    . C   B 1 15 ? -12.674 -21.302 -0.871  1.000 73.460  ? 15  C   BBB N1    1 ? 
ATOM   639 C C2    . C   B 1 15 ? -13.406 -20.363 -1.595  1.000 67.370  ? 15  C   BBB C2    1 ? 
ATOM   640 O O2    . C   B 1 15 ? -14.418 -19.869 -1.079  1.000 64.580  ? 15  C   BBB O2    1 ? 
ATOM   641 N N3    . C   B 1 15 ? -12.991 -20.013 -2.837  1.000 64.320  ? 15  C   BBB N3    1 ? 
ATOM   642 C C4    . C   B 1 15 ? -11.869 -20.536 -3.334  1.000 64.470  ? 15  C   BBB C4    1 ? 
ATOM   643 N N4    . C   B 1 15 ? -11.478 -20.140 -4.543  1.000 57.020  ? 15  C   BBB N4    1 ? 
ATOM   644 C C5    . C   B 1 15 ? -11.112 -21.510 -2.622  1.000 76.060  ? 15  C   BBB C5    1 ? 
ATOM   645 C C6    . C   B 1 15 ? -11.550 -21.866 -1.407  1.000 81.510  ? 15  C   BBB C6    1 ? 
HETATM 646 C C6    . B2R C 2 .  ? 1.530   1.354   2.124   1.000 49.730  ? 101 B2R AAA C6    1 ? 
HETATM 647 N N1    . B2R C 2 .  ? 3.159   0.982   -1.631  1.000 64.400  ? 101 B2R AAA N1    1 ? 
HETATM 648 C C2    . B2R C 2 .  ? 4.385   0.494   -1.786  1.000 67.000  ? 101 B2R AAA C2    1 ? 
HETATM 649 C C5    . B2R C 2 .  ? 2.827   0.943   2.044   1.000 59.050  ? 101 B2R AAA C5    1 ? 
HETATM 650 C C4    . B2R C 2 .  ? 4.727   0.235   0.553   1.000 65.380  ? 101 B2R AAA C4    1 ? 
HETATM 651 C C3    . B2R C 2 .  ? 5.196   0.066   -0.722  1.000 63.860  ? 101 B2R AAA C3    1 ? 
HETATM 652 C C9    . B2R C 2 .  ? 3.438   0.778   0.774   1.000 58.890  ? 101 B2R AAA C9    1 ? 
HETATM 653 C C7    . B2R C 2 .  ? 0.825   1.656   0.945   1.000 57.520  ? 101 B2R AAA C7    1 ? 
HETATM 654 C C11   . B2R C 2 .  ? -0.596  2.151   1.002   1.000 60.950  ? 101 B2R AAA C11   1 ? 
HETATM 655 N N8    . B2R C 2 .  ? 1.376   1.552   -0.266  1.000 49.600  ? 101 B2R AAA N8    1 ? 
HETATM 656 C C10   . B2R C 2 .  ? 2.672   1.113   -0.361  1.000 58.450  ? 101 B2R AAA C10   1 ? 
HETATM 657 N N23   . B2R C 2 .  ? 4.792   0.658   -3.122  1.000 89.140  ? 101 B2R AAA N23   1 ? 
HETATM 658 C C24   . B2R C 2 .  ? 5.885   0.116   -3.729  1.000 91.170  ? 101 B2R AAA C24   1 ? 
HETATM 659 O O36   . B2R C 2 .  ? 6.252   0.319   -4.872  1.000 90.330  ? 101 B2R AAA O36   1 ? 
HETATM 660 O O25   . B2R C 2 .  ? 6.529   -0.678  -2.880  1.000 80.990  ? 101 B2R AAA O25   1 ? 
HETATM 661 C C26   . B2R C 2 .  ? 7.849   -1.066  -3.354  1.000 90.600  ? 101 B2R AAA C26   1 ? 
HETATM 662 C C27   . B2R C 2 .  ? 7.804   -1.806  -4.697  1.000 79.430  ? 101 B2R AAA C27   1 ? 
HETATM 663 C C28   . B2R C 2 .  ? 6.495   -2.544  -5.031  1.000 65.780  ? 101 B2R AAA C28   1 ? 
HETATM 664 N N35   . B2R C 2 .  ? 6.532   -4.004  -4.856  1.000 51.540  ? 101 B2R AAA N35   1 ? 
HETATM 665 C C34   . B2R C 2 .  ? 5.433   -4.653  -5.593  1.000 54.290  ? 101 B2R AAA C34   1 ? 
HETATM 666 C C33   . B2R C 2 .  ? 5.322   -6.177  -5.399  1.000 45.220  ? 101 B2R AAA C33   1 ? 
HETATM 667 C C32   . B2R C 2 .  ? 5.155   -6.595  -3.974  1.000 45.160  ? 101 B2R AAA C32   1 ? 
HETATM 668 O O31   . B2R C 2 .  ? 3.798   -6.259  -3.602  1.000 55.170  ? 101 B2R AAA O31   1 ? 
HETATM 669 C C30   . B2R C 2 .  ? 3.577   -6.257  -2.294  1.000 59.250  ? 101 B2R AAA C30   1 ? 
HETATM 670 O O37   . B2R C 2 .  ? 4.392   -6.584  -1.461  1.000 53.120  ? 101 B2R AAA O37   1 ? 
HETATM 671 N N29   . B2R C 2 .  ? 2.309   -5.860  -2.057  1.000 67.290  ? 101 B2R AAA N29   1 ? 
HETATM 672 C C13   . B2R C 2 .  ? 1.632   -5.927  -0.837  1.000 58.460  ? 101 B2R AAA C13   1 ? 
HETATM 673 C C14   . B2R C 2 .  ? 2.304   -6.294  0.329   1.000 62.640  ? 101 B2R AAA C14   1 ? 
HETATM 674 C C15   . B2R C 2 .  ? 1.638   -6.205  1.505   1.000 71.350  ? 101 B2R AAA C15   1 ? 
HETATM 675 C C20   . B2R C 2 .  ? 0.299   -5.762  1.529   1.000 72.290  ? 101 B2R AAA C20   1 ? 
HETATM 676 C C16   . B2R C 2 .  ? -0.464  -5.570  2.701   1.000 60.860  ? 101 B2R AAA C16   1 ? 
HETATM 677 C C17   . B2R C 2 .  ? -1.742  -5.127  2.606   1.000 58.570  ? 101 B2R AAA C17   1 ? 
HETATM 678 C C18   . B2R C 2 .  ? -2.309  -4.886  1.328   1.000 58.120  ? 101 B2R AAA C18   1 ? 
HETATM 679 C C22   . B2R C 2 .  ? -3.740  -4.420  1.202   1.000 42.720  ? 101 B2R AAA C22   1 ? 
HETATM 680 N N19   . B2R C 2 .  ? -1.613  -5.036  0.197   1.000 48.950  ? 101 B2R AAA N19   1 ? 
HETATM 681 C C21   . B2R C 2 .  ? -0.311  -5.456  0.290   1.000 63.270  ? 101 B2R AAA C21   1 ? 
HETATM 682 N N12   . B2R C 2 .  ? 0.369   -5.537  -0.883  1.000 65.230  ? 101 B2R AAA N12   1 ? 
HETATM 683 C C6    . B2R D 2 .  ? -0.697  5.971   0.623   1.000 62.350  ? 101 B2R BBB C6    1 ? 
HETATM 684 N N1    . B2R D 2 .  ? 2.207   4.847   -2.037  1.000 57.970  ? 101 B2R BBB N1    1 ? 
HETATM 685 C C2    . B2R D 2 .  ? 2.026   5.054   -3.331  1.000 63.660  ? 101 B2R BBB C2    1 ? 
HETATM 686 C C5    . B2R D 2 .  ? -0.981  6.104   -0.699  1.000 68.680  ? 101 B2R BBB C5    1 ? 
HETATM 687 C C4    . B2R D 2 .  ? -0.182  5.868   -3.056  1.000 72.340  ? 101 B2R BBB C4    1 ? 
HETATM 688 C C3    . B2R D 2 .  ? 0.841   5.553   -3.894  1.000 70.580  ? 101 B2R BBB C3    1 ? 
HETATM 689 C C9    . B2R D 2 .  ? -0.037  5.697   -1.662  1.000 68.130  ? 101 B2R BBB C9    1 ? 
HETATM 690 C C7    . B2R D 2 .  ? 0.517   5.391   1.019   1.000 59.570  ? 101 B2R BBB C7    1 ? 
HETATM 691 C C11   . B2R D 2 .  ? 0.780   5.092   2.456   1.000 60.590  ? 101 B2R BBB C11   1 ? 
HETATM 692 N N8    . B2R D 2 .  ? 1.449   5.012   0.146   1.000 63.850  ? 101 B2R BBB N8    1 ? 
HETATM 693 C C10   . B2R D 2 .  ? 1.187   5.168   -1.192  1.000 66.050  ? 101 B2R BBB C10   1 ? 
HETATM 694 N N23   . B2R D 2 .  ? 3.168   4.842   -4.097  1.000 67.230  ? 101 B2R BBB N23   1 ? 
HETATM 695 C C24   . B2R D 2 .  ? 3.273   4.972   -5.422  1.000 65.460  ? 101 B2R BBB C24   1 ? 
HETATM 696 O O36   . B2R D 2 .  ? 2.376   5.276   -6.160  1.000 71.030  ? 101 B2R BBB O36   1 ? 
HETATM 697 O O25   . B2R D 2 .  ? 4.537   4.719   -5.798  1.000 73.510  ? 101 B2R BBB O25   1 ? 
HETATM 698 C C26   . B2R D 2 .  ? 4.796   4.696   -7.233  1.000 70.230  ? 101 B2R BBB C26   1 ? 
HETATM 699 C C27   . B2R D 2 .  ? 5.469   3.386   -7.561  1.000 70.990  ? 101 B2R BBB C27   1 ? 
HETATM 700 C C28   . B2R D 2 .  ? 4.892   2.258   -6.752  1.000 80.360  ? 101 B2R BBB C28   1 ? 
HETATM 701 N N35   . B2R D 2 .  ? 5.167   0.939   -7.313  1.000 83.720  ? 101 B2R BBB N35   1 ? 
HETATM 702 C C34   . B2R D 2 .  ? 3.994   0.335   -7.947  1.000 80.380  ? 101 B2R BBB C34   1 ? 
HETATM 703 C C33   . B2R D 2 .  ? 4.252   -1.109  -8.322  1.000 87.560  ? 101 B2R BBB C33   1 ? 
HETATM 704 C C32   . B2R D 2 .  ? 3.186   -2.083  -7.866  1.000 91.440  ? 101 B2R BBB C32   1 ? 
HETATM 705 O O31   . B2R D 2 .  ? 2.979   -1.953  -6.431  1.000 85.290  ? 101 B2R BBB O31   1 ? 
HETATM 706 C C30   . B2R D 2 .  ? 1.730   -1.607  -6.068  1.000 76.320  ? 101 B2R BBB C30   1 ? 
HETATM 707 O O37   . B2R D 2 .  ? 0.919   -1.097  -6.812  1.000 68.970  ? 101 B2R BBB O37   1 ? 
HETATM 708 N N29   . B2R D 2 .  ? 1.544   -1.903  -4.757  1.000 73.210  ? 101 B2R BBB N29   1 ? 
HETATM 709 C C13   . B2R D 2 .  ? 0.427   -1.577  -3.981  1.000 69.280  ? 101 B2R BBB C13   1 ? 
HETATM 710 C C14   . B2R D 2 .  ? -0.748  -1.127  -4.598  1.000 59.470  ? 101 B2R BBB C14   1 ? 
HETATM 711 C C15   . B2R D 2 .  ? -1.806  -0.821  -3.817  1.000 54.860  ? 101 B2R BBB C15   1 ? 
HETATM 712 C C20   . B2R D 2 .  ? -1.728  -0.969  -2.428  1.000 59.390  ? 101 B2R BBB C20   1 ? 
HETATM 713 C C16   . B2R D 2 .  ? -2.809  -0.809  -1.548  1.000 59.130  ? 101 B2R BBB C16   1 ? 
HETATM 714 C C17   . B2R D 2 .  ? -2.650  -1.073  -0.228  1.000 57.770  ? 101 B2R BBB C17   1 ? 
HETATM 715 C C18   . B2R D 2 .  ? -1.397  -1.477  0.253   1.000 66.500  ? 101 B2R BBB C18   1 ? 
HETATM 716 C C22   . B2R D 2 .  ? -1.156  -1.625  1.726   1.000 62.650  ? 101 B2R BBB C22   1 ? 
HETATM 717 N N19   . B2R D 2 .  ? -0.351  -1.667  -0.549  1.000 72.420  ? 101 B2R BBB N19   1 ? 
HETATM 718 C C21   . B2R D 2 .  ? -0.505  -1.415  -1.884  1.000 68.270  ? 101 B2R BBB C21   1 ? 
HETATM 719 N N12   . B2R D 2 .  ? 0.572   -1.711  -2.672  1.000 74.260  ? 101 B2R BBB N12   1 ? 
HETATM 720 O O     . HOH E 3 .  ? 9.241   14.409  2.792   1.000 57.840  ? 201 HOH AAA O     1 ? 
HETATM 721 O O     . HOH E 3 .  ? 8.737   -3.364  6.406   1.000 49.260  ? 202 HOH AAA O     1 ? 
HETATM 722 O O     . HOH F 3 .  ? -6.300  -7.714  -4.731  1.000 54.170  ? 201 HOH BBB O     1 ? 
HETATM 723 O O     . HOH F 3 .  ? -9.276  0.549   -12.851 1.000 45.840  ? 202 HOH BBB O     1 ? 
HETATM 724 O O     . HOH F 3 .  ? -6.212  -15.260 -7.057  1.000 58.020  ? 203 HOH BBB O     1 ? 
HETATM 725 O O     . HOH F 3 .  ? -9.375  -11.287 -6.464  1.000 57.390  ? 204 HOH BBB O     1 ? 
# 
